data_2VOH
# 
_entry.id   2VOH 
# 
_audit_conform.dict_name       mmcif_pdbx.dic 
_audit_conform.dict_version    5.382 
_audit_conform.dict_location   http://mmcif.pdb.org/dictionaries/ascii/mmcif_pdbx.dic 
# 
loop_
_database_2.database_id 
_database_2.database_code 
_database_2.pdbx_database_accession 
_database_2.pdbx_DOI 
PDB   2VOH         pdb_00002voh 10.2210/pdb2voh/pdb 
PDBE  EBI-35337    ?            ?                   
WWPDB D_1290035337 ?            ?                   
# 
loop_
_pdbx_database_related.db_name 
_pdbx_database_related.db_id 
_pdbx_database_related.content_type 
_pdbx_database_related.details 
PDB 2VOF unspecified 'STRUCTURE OF MOUSE A1 BOUND TO THE PUMA BH3-DOMAIN' 
PDB 2VOG unspecified 'STRUCTURE OF MOUSE A1 BOUND TO THE BMF BH3-DOMAIN'  
PDB 2VOI unspecified 'STRUCTURE OF MOUSE A1 BOUND TO THE BID BH3-DOMAIN'  
# 
_pdbx_database_status.status_code                     REL 
_pdbx_database_status.entry_id                        2VOH 
_pdbx_database_status.deposit_site                    PDBE 
_pdbx_database_status.process_site                    PDBE 
_pdbx_database_status.SG_entry                        . 
_pdbx_database_status.recvd_initial_deposition_date   2008-02-17 
_pdbx_database_status.pdb_format_compatible           Y 
_pdbx_database_status.status_code_sf                  REL 
_pdbx_database_status.status_code_mr                  ? 
_pdbx_database_status.status_code_cs                  ? 
_pdbx_database_status.methods_development_category    ? 
_pdbx_database_status.status_code_nmr_data            ? 
# 
loop_
_audit_author.name 
_audit_author.pdbx_ordinal 
'Smits, C.'      1 
'Czabotar, P.E.' 2 
'Hinds, M.G.'    3 
'Day, C.L.'      4 
# 
_citation.id                        primary 
_citation.title                     'Structural Plasticity Underpins Promiscuous Binding of the Prosurvival Protein A1.' 
_citation.journal_abbrev            Structure 
_citation.journal_volume            16 
_citation.page_first                818 
_citation.page_last                 ? 
_citation.year                      2008 
_citation.journal_id_ASTM           STRUE6 
_citation.country                   UK 
_citation.journal_id_ISSN           0969-2126 
_citation.journal_id_CSD            2005 
_citation.book_publisher            ? 
_citation.pdbx_database_id_PubMed   18462686 
_citation.pdbx_database_id_DOI      10.1016/J.STR.2008.02.009 
# 
loop_
_citation_author.citation_id 
_citation_author.name 
_citation_author.ordinal 
_citation_author.identifier_ORCID 
primary 'Smits, C.'      1 ? 
primary 'Czabotar, P.E.' 2 ? 
primary 'Hinds, M.G.'    3 ? 
primary 'Day, C.L.'      4 ? 
# 
_cell.entry_id           2VOH 
_cell.length_a           44.239 
_cell.length_b           33.255 
_cell.length_c           58.508 
_cell.angle_alpha        90.00 
_cell.angle_beta         104.67 
_cell.angle_gamma        90.00 
_cell.Z_PDB              2 
_cell.pdbx_unique_axis   ? 
# 
_symmetry.entry_id                         2VOH 
_symmetry.space_group_name_H-M             'P 1 21 1' 
_symmetry.pdbx_full_space_group_name_H-M   ? 
_symmetry.cell_setting                     ? 
_symmetry.Int_Tables_number                4 
# 
loop_
_entity.id 
_entity.type 
_entity.src_method 
_entity.pdbx_description 
_entity.formula_weight 
_entity.pdbx_number_of_molecules 
_entity.pdbx_ec 
_entity.pdbx_mutation 
_entity.pdbx_fragment 
_entity.details 
1 polymer     man 'BCL-2-RELATED PROTEIN A1'           17922.418 1   ? YES 'RESIDUES 1-152'             ? 
2 polymer     man 'BCL-2 HOMOLOGOUS ANTAGONIST/KILLER' 2917.218  1   ? ?   'BH3-DOMAIN, RESIDUES 64-89' 
'C-TERMINAL HOMOSERINE LACTONE DUE TO CNBR CLEAVAGE.' 
3 non-polymer syn 'CITRIC ACID'                        192.124   1   ? ?   ?                            ? 
4 non-polymer syn 'SULFATE ION'                        96.063    1   ? ?   ?                            ? 
5 water       nat water                                18.015    122 ? ?   ?                            ? 
# 
loop_
_entity_name_com.entity_id 
_entity_name_com.name 
1 'PROTEIN BFL-1, HEMOPOIETIC-SPECIFIC EARLY RESPONSE PROTEIN, A1-A' 
2 'APOPTOSIS REGULATOR BAK'                                          
# 
loop_
_entity_poly.entity_id 
_entity_poly.type 
_entity_poly.nstd_linkage 
_entity_poly.nstd_monomer 
_entity_poly.pdbx_seq_one_letter_code 
_entity_poly.pdbx_seq_one_letter_code_can 
_entity_poly.pdbx_strand_id 
_entity_poly.pdbx_target_identifier 
1 'polypeptide(L)' no no 
;GPLGSMAESELMHIHSLAEHYLQYVLQVPAFESAPSQACRVLQRVAFSVQKEVEKNLKSYLDDFHVESIDTARIIFNQVM
EKEFEDGIINWGRIVTIFAFGGVLLKKLKQEQIALDVSAYKQVSSFVAEFIMNNTGEWIRQNGGWEDGFIKKFEPKS
;
;GPLGSMAESELMHIHSLAEHYLQYVLQVPAFESAPSQACRVLQRVAFSVQKEVEKNLKSYLDDFHVESIDTARIIFNQVM
EKEFEDGIINWGRIVTIFAFGGVLLKKLKQEQIALDVSAYKQVSSFVAEFIMNNTGEWIRQNGGWEDGFIKKFEPKS
;
A ? 
2 'polypeptide(L)' no no PNSILGQVGRQLALIGDDINRRYDTE PNSILGQVGRQLALIGDDINRRYDTE B ? 
# 
loop_
_entity_poly_seq.entity_id 
_entity_poly_seq.num 
_entity_poly_seq.mon_id 
_entity_poly_seq.hetero 
1 1   GLY n 
1 2   PRO n 
1 3   LEU n 
1 4   GLY n 
1 5   SER n 
1 6   MET n 
1 7   ALA n 
1 8   GLU n 
1 9   SER n 
1 10  GLU n 
1 11  LEU n 
1 12  MET n 
1 13  HIS n 
1 14  ILE n 
1 15  HIS n 
1 16  SER n 
1 17  LEU n 
1 18  ALA n 
1 19  GLU n 
1 20  HIS n 
1 21  TYR n 
1 22  LEU n 
1 23  GLN n 
1 24  TYR n 
1 25  VAL n 
1 26  LEU n 
1 27  GLN n 
1 28  VAL n 
1 29  PRO n 
1 30  ALA n 
1 31  PHE n 
1 32  GLU n 
1 33  SER n 
1 34  ALA n 
1 35  PRO n 
1 36  SER n 
1 37  GLN n 
1 38  ALA n 
1 39  CYS n 
1 40  ARG n 
1 41  VAL n 
1 42  LEU n 
1 43  GLN n 
1 44  ARG n 
1 45  VAL n 
1 46  ALA n 
1 47  PHE n 
1 48  SER n 
1 49  VAL n 
1 50  GLN n 
1 51  LYS n 
1 52  GLU n 
1 53  VAL n 
1 54  GLU n 
1 55  LYS n 
1 56  ASN n 
1 57  LEU n 
1 58  LYS n 
1 59  SER n 
1 60  TYR n 
1 61  LEU n 
1 62  ASP n 
1 63  ASP n 
1 64  PHE n 
1 65  HIS n 
1 66  VAL n 
1 67  GLU n 
1 68  SER n 
1 69  ILE n 
1 70  ASP n 
1 71  THR n 
1 72  ALA n 
1 73  ARG n 
1 74  ILE n 
1 75  ILE n 
1 76  PHE n 
1 77  ASN n 
1 78  GLN n 
1 79  VAL n 
1 80  MET n 
1 81  GLU n 
1 82  LYS n 
1 83  GLU n 
1 84  PHE n 
1 85  GLU n 
1 86  ASP n 
1 87  GLY n 
1 88  ILE n 
1 89  ILE n 
1 90  ASN n 
1 91  TRP n 
1 92  GLY n 
1 93  ARG n 
1 94  ILE n 
1 95  VAL n 
1 96  THR n 
1 97  ILE n 
1 98  PHE n 
1 99  ALA n 
1 100 PHE n 
1 101 GLY n 
1 102 GLY n 
1 103 VAL n 
1 104 LEU n 
1 105 LEU n 
1 106 LYS n 
1 107 LYS n 
1 108 LEU n 
1 109 LYS n 
1 110 GLN n 
1 111 GLU n 
1 112 GLN n 
1 113 ILE n 
1 114 ALA n 
1 115 LEU n 
1 116 ASP n 
1 117 VAL n 
1 118 SER n 
1 119 ALA n 
1 120 TYR n 
1 121 LYS n 
1 122 GLN n 
1 123 VAL n 
1 124 SER n 
1 125 SER n 
1 126 PHE n 
1 127 VAL n 
1 128 ALA n 
1 129 GLU n 
1 130 PHE n 
1 131 ILE n 
1 132 MET n 
1 133 ASN n 
1 134 ASN n 
1 135 THR n 
1 136 GLY n 
1 137 GLU n 
1 138 TRP n 
1 139 ILE n 
1 140 ARG n 
1 141 GLN n 
1 142 ASN n 
1 143 GLY n 
1 144 GLY n 
1 145 TRP n 
1 146 GLU n 
1 147 ASP n 
1 148 GLY n 
1 149 PHE n 
1 150 ILE n 
1 151 LYS n 
1 152 LYS n 
1 153 PHE n 
1 154 GLU n 
1 155 PRO n 
1 156 LYS n 
1 157 SER n 
2 1   PRO n 
2 2   ASN n 
2 3   SER n 
2 4   ILE n 
2 5   LEU n 
2 6   GLY n 
2 7   GLN n 
2 8   VAL n 
2 9   GLY n 
2 10  ARG n 
2 11  GLN n 
2 12  LEU n 
2 13  ALA n 
2 14  LEU n 
2 15  ILE n 
2 16  GLY n 
2 17  ASP n 
2 18  ASP n 
2 19  ILE n 
2 20  ASN n 
2 21  ARG n 
2 22  ARG n 
2 23  TYR n 
2 24  ASP n 
2 25  THR n 
2 26  GLU n 
# 
loop_
_entity_src_gen.entity_id 
_entity_src_gen.pdbx_src_id 
_entity_src_gen.pdbx_alt_source_flag 
_entity_src_gen.pdbx_seq_type 
_entity_src_gen.pdbx_beg_seq_num 
_entity_src_gen.pdbx_end_seq_num 
_entity_src_gen.gene_src_common_name 
_entity_src_gen.gene_src_genus 
_entity_src_gen.pdbx_gene_src_gene 
_entity_src_gen.gene_src_species 
_entity_src_gen.gene_src_strain 
_entity_src_gen.gene_src_tissue 
_entity_src_gen.gene_src_tissue_fraction 
_entity_src_gen.gene_src_details 
_entity_src_gen.pdbx_gene_src_fragment 
_entity_src_gen.pdbx_gene_src_scientific_name 
_entity_src_gen.pdbx_gene_src_ncbi_taxonomy_id 
_entity_src_gen.pdbx_gene_src_variant 
_entity_src_gen.pdbx_gene_src_cell_line 
_entity_src_gen.pdbx_gene_src_atcc 
_entity_src_gen.pdbx_gene_src_organ 
_entity_src_gen.pdbx_gene_src_organelle 
_entity_src_gen.pdbx_gene_src_cell 
_entity_src_gen.pdbx_gene_src_cellular_location 
_entity_src_gen.host_org_common_name 
_entity_src_gen.pdbx_host_org_scientific_name 
_entity_src_gen.pdbx_host_org_ncbi_taxonomy_id 
_entity_src_gen.host_org_genus 
_entity_src_gen.pdbx_host_org_gene 
_entity_src_gen.pdbx_host_org_organ 
_entity_src_gen.host_org_species 
_entity_src_gen.pdbx_host_org_tissue 
_entity_src_gen.pdbx_host_org_tissue_fraction 
_entity_src_gen.pdbx_host_org_strain 
_entity_src_gen.pdbx_host_org_variant 
_entity_src_gen.pdbx_host_org_cell_line 
_entity_src_gen.pdbx_host_org_atcc 
_entity_src_gen.pdbx_host_org_culture_collection 
_entity_src_gen.pdbx_host_org_cell 
_entity_src_gen.pdbx_host_org_organelle 
_entity_src_gen.pdbx_host_org_cellular_location 
_entity_src_gen.pdbx_host_org_vector_type 
_entity_src_gen.pdbx_host_org_vector 
_entity_src_gen.host_org_details 
_entity_src_gen.expression_system_id 
_entity_src_gen.plasmid_name 
_entity_src_gen.plasmid_details 
_entity_src_gen.pdbx_description 
1 1 sample ? ? ? MOUSE ? ? ? ? ? ? ? ? 'MUS MUSCULUS' 10090 ? ? ? ? ? ? ? ? 'ESCHERICHIA COLI' 469008 ? ? ? ? ? ? 'BL21(DE3)' 
'PSJS 1240' ? ? ? ? ? ? PLASMID ? ? ? 'PGEX 6P-3'  ? ? 
2 1 sample ? ? ? MOUSE ? ? ? ? ? ? ? ? 'MUS MUSCULUS' 10090 ? ? ? ? ? ? ? ? 'ESCHERICHIA COLI' 469008 ? ? ? ? ? ? 'BL21(DE3)' ? ? 
? ? ? ? ? PLASMID ? ? ? 'PET31B BAK' ? ? 
# 
loop_
_struct_ref.id 
_struct_ref.db_name 
_struct_ref.db_code 
_struct_ref.entity_id 
_struct_ref.pdbx_seq_one_letter_code 
_struct_ref.pdbx_align_begin 
_struct_ref.pdbx_db_accession 
_struct_ref.pdbx_db_isoform 
1 PDB 2VOH        1 ? ? 2VOH   ? 
2 UNP B2LA1_MOUSE 1 ? ? Q07440 ? 
3 UNP BAK_MOUSE   2 ? ? O08734 ? 
# 
loop_
_struct_ref_seq.align_id 
_struct_ref_seq.ref_id 
_struct_ref_seq.pdbx_PDB_id_code 
_struct_ref_seq.pdbx_strand_id 
_struct_ref_seq.seq_align_beg 
_struct_ref_seq.pdbx_seq_align_beg_ins_code 
_struct_ref_seq.seq_align_end 
_struct_ref_seq.pdbx_seq_align_end_ins_code 
_struct_ref_seq.pdbx_db_accession 
_struct_ref_seq.db_align_beg 
_struct_ref_seq.pdbx_db_align_beg_ins_code 
_struct_ref_seq.db_align_end 
_struct_ref_seq.pdbx_db_align_end_ins_code 
_struct_ref_seq.pdbx_auth_seq_align_beg 
_struct_ref_seq.pdbx_auth_seq_align_end 
1 1 2VOH A 1 ? 5   ? 2VOH   -4 ? 0   ? -4 0   
2 2 2VOH A 6 ? 157 ? Q07440 1  ? 152 ? 1  152 
3 3 2VOH B 1 ? 26  ? O08734 64 ? 89  ? 64 89  
# 
loop_
_struct_ref_seq_dif.align_id 
_struct_ref_seq_dif.pdbx_pdb_id_code 
_struct_ref_seq_dif.mon_id 
_struct_ref_seq_dif.pdbx_pdb_strand_id 
_struct_ref_seq_dif.seq_num 
_struct_ref_seq_dif.pdbx_pdb_ins_code 
_struct_ref_seq_dif.pdbx_seq_db_name 
_struct_ref_seq_dif.pdbx_seq_db_accession_code 
_struct_ref_seq_dif.db_mon_id 
_struct_ref_seq_dif.pdbx_seq_db_seq_num 
_struct_ref_seq_dif.details 
_struct_ref_seq_dif.pdbx_auth_seq_num 
_struct_ref_seq_dif.pdbx_ordinal 
1 2VOH LYS A 109 ? UNP Q07440 PRO 104 'engineered mutation' 104 1 
1 2VOH SER A 118 ? UNP Q07440 CYS 113 'engineered mutation' 113 2 
# 
loop_
_chem_comp.id 
_chem_comp.type 
_chem_comp.mon_nstd_flag 
_chem_comp.name 
_chem_comp.pdbx_synonyms 
_chem_comp.formula 
_chem_comp.formula_weight 
ALA 'L-peptide linking' y ALANINE         ? 'C3 H7 N O2'     89.093  
ARG 'L-peptide linking' y ARGININE        ? 'C6 H15 N4 O2 1' 175.209 
ASN 'L-peptide linking' y ASPARAGINE      ? 'C4 H8 N2 O3'    132.118 
ASP 'L-peptide linking' y 'ASPARTIC ACID' ? 'C4 H7 N O4'     133.103 
CIT non-polymer         . 'CITRIC ACID'   ? 'C6 H8 O7'       192.124 
CYS 'L-peptide linking' y CYSTEINE        ? 'C3 H7 N O2 S'   121.158 
GLN 'L-peptide linking' y GLUTAMINE       ? 'C5 H10 N2 O3'   146.144 
GLU 'L-peptide linking' y 'GLUTAMIC ACID' ? 'C5 H9 N O4'     147.129 
GLY 'peptide linking'   y GLYCINE         ? 'C2 H5 N O2'     75.067  
HIS 'L-peptide linking' y HISTIDINE       ? 'C6 H10 N3 O2 1' 156.162 
HOH non-polymer         . WATER           ? 'H2 O'           18.015  
ILE 'L-peptide linking' y ISOLEUCINE      ? 'C6 H13 N O2'    131.173 
LEU 'L-peptide linking' y LEUCINE         ? 'C6 H13 N O2'    131.173 
LYS 'L-peptide linking' y LYSINE          ? 'C6 H15 N2 O2 1' 147.195 
MET 'L-peptide linking' y METHIONINE      ? 'C5 H11 N O2 S'  149.211 
PHE 'L-peptide linking' y PHENYLALANINE   ? 'C9 H11 N O2'    165.189 
PRO 'L-peptide linking' y PROLINE         ? 'C5 H9 N O2'     115.130 
SER 'L-peptide linking' y SERINE          ? 'C3 H7 N O3'     105.093 
SO4 non-polymer         . 'SULFATE ION'   ? 'O4 S -2'        96.063  
THR 'L-peptide linking' y THREONINE       ? 'C4 H9 N O3'     119.119 
TRP 'L-peptide linking' y TRYPTOPHAN      ? 'C11 H12 N2 O2'  204.225 
TYR 'L-peptide linking' y TYROSINE        ? 'C9 H11 N O3'    181.189 
VAL 'L-peptide linking' y VALINE          ? 'C5 H11 N O2'    117.146 
# 
_exptl.entry_id          2VOH 
_exptl.method            'X-RAY DIFFRACTION' 
_exptl.crystals_number   1 
# 
_exptl_crystal.id                    1 
_exptl_crystal.density_meas          ? 
_exptl_crystal.density_Matthews      2 
_exptl_crystal.density_percent_sol   39 
_exptl_crystal.description           NONE 
# 
_exptl_crystal_grow.crystal_id      1 
_exptl_crystal_grow.method          ? 
_exptl_crystal_grow.temp            ? 
_exptl_crystal_grow.temp_details    ? 
_exptl_crystal_grow.pH              ? 
_exptl_crystal_grow.pdbx_pH_range   ? 
_exptl_crystal_grow.pdbx_details    '0.1 M SODIUM CITRATE (PH 5.6), 0.3 M (NH4)2SO4, 0.6 M LI2SO4' 
# 
_diffrn.id                     1 
_diffrn.ambient_temp           93 
_diffrn.ambient_temp_details   ? 
_diffrn.crystal_id             1 
# 
_diffrn_detector.diffrn_id              1 
_diffrn_detector.detector               'IMAGE PLATE' 
_diffrn_detector.type                   'RIGAKU IMAGE PLATE' 
_diffrn_detector.pdbx_collection_date   ? 
_diffrn_detector.details                ? 
# 
_diffrn_radiation.diffrn_id                        1 
_diffrn_radiation.wavelength_id                    1 
_diffrn_radiation.pdbx_monochromatic_or_laue_m_l   M 
_diffrn_radiation.monochromator                    ? 
_diffrn_radiation.pdbx_diffrn_protocol             'SINGLE WAVELENGTH' 
_diffrn_radiation.pdbx_scattering_type             x-ray 
# 
_diffrn_radiation_wavelength.id           1 
_diffrn_radiation_wavelength.wavelength   1.5418 
_diffrn_radiation_wavelength.wt           1.0 
# 
_diffrn_source.diffrn_id                   1 
_diffrn_source.source                      'ROTATING ANODE' 
_diffrn_source.type                        'RIGAKU MICROMAX-007 HF' 
_diffrn_source.pdbx_synchrotron_site       ? 
_diffrn_source.pdbx_synchrotron_beamline   ? 
_diffrn_source.pdbx_wavelength             1.5418 
_diffrn_source.pdbx_wavelength_list        ? 
# 
_reflns.pdbx_diffrn_id               1 
_reflns.pdbx_ordinal                 1 
_reflns.entry_id                     2VOH 
_reflns.observed_criterion_sigma_I   1.0 
_reflns.observed_criterion_sigma_F   ? 
_reflns.d_resolution_low             30.61 
_reflns.d_resolution_high            1.90 
_reflns.number_obs                   12891 
_reflns.number_all                   ? 
_reflns.percent_possible_obs         97.1 
_reflns.pdbx_Rmerge_I_obs            0.07 
_reflns.pdbx_Rsym_value              ? 
_reflns.pdbx_netI_over_sigmaI        19.10 
_reflns.B_iso_Wilson_estimate        ? 
_reflns.pdbx_redundancy              4.7 
# 
_reflns_shell.pdbx_diffrn_id         1 
_reflns_shell.pdbx_ordinal           1 
_reflns_shell.d_res_high             1.90 
_reflns_shell.d_res_low              2.00 
_reflns_shell.percent_possible_all   95.0 
_reflns_shell.Rmerge_I_obs           0.46 
_reflns_shell.pdbx_Rsym_value        ? 
_reflns_shell.meanI_over_sigI_obs    2.90 
_reflns_shell.pdbx_redundancy        4.7 
# 
_refine.pdbx_refine_id                           'X-RAY DIFFRACTION' 
_refine.entry_id                                 2VOH 
_refine.pdbx_diffrn_id                           1 
_refine.pdbx_TLS_residual_ADP_flag               'LIKELY RESIDUAL' 
_refine.ls_number_reflns_obs                     12258 
_refine.ls_number_reflns_all                     ? 
_refine.pdbx_ls_sigma_I                          ? 
_refine.pdbx_ls_sigma_F                          ? 
_refine.pdbx_data_cutoff_high_absF               ? 
_refine.pdbx_data_cutoff_low_absF                ? 
_refine.pdbx_data_cutoff_high_rms_absF           ? 
_refine.ls_d_res_low                             30.61 
_refine.ls_d_res_high                            1.90 
_refine.ls_percent_reflns_obs                    97.2 
_refine.ls_R_factor_obs                          0.185 
_refine.ls_R_factor_all                          ? 
_refine.ls_R_factor_R_work                       0.182 
_refine.ls_R_factor_R_free                       0.229 
_refine.ls_R_factor_R_free_error                 ? 
_refine.ls_R_factor_R_free_error_details         ? 
_refine.ls_percent_reflns_R_free                 4.900 
_refine.ls_number_reflns_R_free                  632 
_refine.ls_number_parameters                     ? 
_refine.ls_number_restraints                     ? 
_refine.occupancy_min                            ? 
_refine.occupancy_max                            ? 
_refine.correlation_coeff_Fo_to_Fc               0.951 
_refine.correlation_coeff_Fo_to_Fc_free          0.916 
_refine.B_iso_mean                               22.81 
_refine.aniso_B[1][1]                            0.43000 
_refine.aniso_B[2][2]                            0.22000 
_refine.aniso_B[3][3]                            -0.11000 
_refine.aniso_B[1][2]                            0.00000 
_refine.aniso_B[1][3]                            1.07000 
_refine.aniso_B[2][3]                            0.00000 
_refine.solvent_model_details                    'BABINET MODEL WITH MASK' 
_refine.solvent_model_param_ksol                 ? 
_refine.solvent_model_param_bsol                 ? 
_refine.pdbx_solvent_vdw_probe_radii             1.20 
_refine.pdbx_solvent_ion_probe_radii             0.80 
_refine.pdbx_solvent_shrinkage_radii             0.80 
_refine.pdbx_ls_cross_valid_method               THROUGHOUT 
_refine.details                                  'HYDROGENS HAVE BEEN ADDED IN THE RIDING POSITIONS.' 
_refine.pdbx_starting_model                      'PDB ENTRY 2VOF' 
_refine.pdbx_method_to_determine_struct          'MOLECULAR REPLACEMENT' 
_refine.pdbx_isotropic_thermal_model             ? 
_refine.pdbx_stereochemistry_target_values       'MAXIMUM LIKELIHOOD' 
_refine.pdbx_stereochem_target_val_spec_case     ? 
_refine.pdbx_R_Free_selection_details            RANDOM 
_refine.pdbx_overall_ESU_R                       0.183 
_refine.pdbx_overall_ESU_R_Free                  0.160 
_refine.overall_SU_ML                            0.110 
_refine.pdbx_overall_phase_error                 ? 
_refine.overall_SU_B                             7.387 
_refine.overall_SU_R_Cruickshank_DPI             ? 
_refine.pdbx_overall_SU_R_free_Cruickshank_DPI   ? 
_refine.pdbx_overall_SU_R_Blow_DPI               ? 
_refine.pdbx_overall_SU_R_free_Blow_DPI          ? 
# 
_refine_hist.pdbx_refine_id                   'X-RAY DIFFRACTION' 
_refine_hist.cycle_id                         LAST 
_refine_hist.pdbx_number_atoms_protein        1432 
_refine_hist.pdbx_number_atoms_nucleic_acid   0 
_refine_hist.pdbx_number_atoms_ligand         18 
_refine_hist.number_atoms_solvent             122 
_refine_hist.number_atoms_total               1572 
_refine_hist.d_res_high                       1.90 
_refine_hist.d_res_low                        30.61 
# 
loop_
_refine_ls_restr.type 
_refine_ls_restr.dev_ideal 
_refine_ls_restr.dev_ideal_target 
_refine_ls_restr.weight 
_refine_ls_restr.number 
_refine_ls_restr.pdbx_refine_id 
_refine_ls_restr.pdbx_restraint_function 
r_bond_refined_d             0.010  0.022  ? 1486 'X-RAY DIFFRACTION' ? 
r_bond_other_d               0.001  0.020  ? 1334 'X-RAY DIFFRACTION' ? 
r_angle_refined_deg          1.089  1.948  ? 2006 'X-RAY DIFFRACTION' ? 
r_angle_other_deg            0.801  3.000  ? 3103 'X-RAY DIFFRACTION' ? 
r_dihedral_angle_1_deg       5.199  5.000  ? 179  'X-RAY DIFFRACTION' ? 
r_dihedral_angle_2_deg       34.564 24.667 ? 75   'X-RAY DIFFRACTION' ? 
r_dihedral_angle_3_deg       14.912 15.000 ? 259  'X-RAY DIFFRACTION' ? 
r_dihedral_angle_4_deg       22.632 15.000 ? 8    'X-RAY DIFFRACTION' ? 
r_chiral_restr               0.071  0.200  ? 214  'X-RAY DIFFRACTION' ? 
r_gen_planes_refined         0.004  0.020  ? 1651 'X-RAY DIFFRACTION' ? 
r_gen_planes_other           0.001  0.020  ? 306  'X-RAY DIFFRACTION' ? 
r_nbd_refined                0.210  0.200  ? 363  'X-RAY DIFFRACTION' ? 
r_nbd_other                  0.161  0.200  ? 1321 'X-RAY DIFFRACTION' ? 
r_nbtor_refined              0.185  0.200  ? 741  'X-RAY DIFFRACTION' ? 
r_nbtor_other                0.081  0.200  ? 814  'X-RAY DIFFRACTION' ? 
r_xyhbond_nbd_refined        0.158  0.200  ? 94   'X-RAY DIFFRACTION' ? 
r_xyhbond_nbd_other          ?      ?      ? ?    'X-RAY DIFFRACTION' ? 
r_metal_ion_refined          ?      ?      ? ?    'X-RAY DIFFRACTION' ? 
r_metal_ion_other            ?      ?      ? ?    'X-RAY DIFFRACTION' ? 
r_symmetry_vdw_refined       0.177  0.200  ? 18   'X-RAY DIFFRACTION' ? 
r_symmetry_vdw_other         0.201  0.200  ? 59   'X-RAY DIFFRACTION' ? 
r_symmetry_hbond_refined     0.110  0.200  ? 19   'X-RAY DIFFRACTION' ? 
r_symmetry_hbond_other       ?      ?      ? ?    'X-RAY DIFFRACTION' ? 
r_symmetry_metal_ion_refined ?      ?      ? ?    'X-RAY DIFFRACTION' ? 
r_symmetry_metal_ion_other   ?      ?      ? ?    'X-RAY DIFFRACTION' ? 
r_mcbond_it                  0.725  1.500  ? 964  'X-RAY DIFFRACTION' ? 
r_mcbond_other               ?      ?      ? ?    'X-RAY DIFFRACTION' ? 
r_mcangle_it                 1.014  2.000  ? 1426 'X-RAY DIFFRACTION' ? 
r_mcangle_other              ?      ?      ? ?    'X-RAY DIFFRACTION' ? 
r_scbond_it                  1.779  3.000  ? 655  'X-RAY DIFFRACTION' ? 
r_scbond_other               ?      ?      ? ?    'X-RAY DIFFRACTION' ? 
r_scangle_it                 2.557  4.500  ? 579  'X-RAY DIFFRACTION' ? 
r_scangle_other              ?      ?      ? ?    'X-RAY DIFFRACTION' ? 
r_long_range_B_refined       ?      ?      ? ?    'X-RAY DIFFRACTION' ? 
r_long_range_B_other         ?      ?      ? ?    'X-RAY DIFFRACTION' ? 
r_rigid_bond_restr           ?      ?      ? ?    'X-RAY DIFFRACTION' ? 
r_sphericity_free            ?      ?      ? ?    'X-RAY DIFFRACTION' ? 
r_sphericity_bonded          ?      ?      ? ?    'X-RAY DIFFRACTION' ? 
# 
_refine_ls_shell.pdbx_refine_id                   'X-RAY DIFFRACTION' 
_refine_ls_shell.pdbx_total_number_of_bins_used   20 
_refine_ls_shell.d_res_high                       1.90 
_refine_ls_shell.d_res_low                        1.95 
_refine_ls_shell.number_reflns_R_work             871 
_refine_ls_shell.R_factor_R_work                  0.2560 
_refine_ls_shell.percent_reflns_obs               ? 
_refine_ls_shell.R_factor_R_free                  0.3630 
_refine_ls_shell.R_factor_R_free_error            ? 
_refine_ls_shell.percent_reflns_R_free            ? 
_refine_ls_shell.number_reflns_R_free             47 
_refine_ls_shell.number_reflns_all                ? 
_refine_ls_shell.R_factor_all                     ? 
# 
_struct.entry_id                  2VOH 
_struct.title                     'Structure of mouse A1 bound to the Bak BH3-domain' 
_struct.pdbx_model_details        ? 
_struct.pdbx_CASP_flag            ? 
_struct.pdbx_model_type_details   ? 
# 
_struct_keywords.entry_id        2VOH 
_struct_keywords.pdbx_keywords   APOPTOSIS 
_struct_keywords.text            'BH3, BCL-2, MEMBRANE, APOPTOSIS, PRO-SURVIVAL, TRANSMEMBRANE, PROTEIN-PROTEIN COMPLEX' 
# 
loop_
_struct_asym.id 
_struct_asym.pdbx_blank_PDB_chainid_flag 
_struct_asym.pdbx_modified 
_struct_asym.entity_id 
_struct_asym.details 
A N N 1 ? 
B N N 2 ? 
C N N 3 ? 
D N N 4 ? 
E N N 5 ? 
F N N 5 ? 
# 
_struct_biol.id   1 
# 
loop_
_struct_conf.conf_type_id 
_struct_conf.id 
_struct_conf.pdbx_PDB_helix_id 
_struct_conf.beg_label_comp_id 
_struct_conf.beg_label_asym_id 
_struct_conf.beg_label_seq_id 
_struct_conf.pdbx_beg_PDB_ins_code 
_struct_conf.end_label_comp_id 
_struct_conf.end_label_asym_id 
_struct_conf.end_label_seq_id 
_struct_conf.pdbx_end_PDB_ins_code 
_struct_conf.beg_auth_comp_id 
_struct_conf.beg_auth_asym_id 
_struct_conf.beg_auth_seq_id 
_struct_conf.end_auth_comp_id 
_struct_conf.end_auth_asym_id 
_struct_conf.end_auth_seq_id 
_struct_conf.pdbx_PDB_helix_class 
_struct_conf.details 
_struct_conf.pdbx_PDB_helix_length 
HELX_P HELX_P1 1 GLY A 4   ? GLN A 27  ? GLY A -1  GLN A 22  1 ? 24 
HELX_P HELX_P2 2 SER A 36  ? LEU A 57  ? SER A 31  LEU A 52  1 ? 22 
HELX_P HELX_P3 3 LEU A 57  ? ASP A 62  ? LEU A 52  ASP A 57  1 ? 6  
HELX_P HELX_P4 4 SER A 68  ? PHE A 84  ? SER A 63  PHE A 79  1 ? 17 
HELX_P HELX_P5 5 ASN A 90  ? ILE A 113 ? ASN A 85  ILE A 108 1 ? 24 
HELX_P HELX_P6 6 ASP A 116 ? ASN A 142 ? ASP A 111 ASN A 137 1 ? 27 
HELX_P HELX_P7 7 GLY A 143 ? GLY A 148 ? GLY A 138 GLY A 143 1 ? 6  
HELX_P HELX_P8 8 GLY A 148 ? GLU A 154 ? GLY A 143 GLU A 149 1 ? 7  
HELX_P HELX_P9 9 SER B 3   ? TYR B 23  ? SER B 66  TYR B 86  1 ? 21 
# 
_struct_conf_type.id          HELX_P 
_struct_conf_type.criteria    ? 
_struct_conf_type.reference   ? 
# 
loop_
_struct_site.id 
_struct_site.pdbx_evidence_code 
_struct_site.pdbx_auth_asym_id 
_struct_site.pdbx_auth_comp_id 
_struct_site.pdbx_auth_seq_id 
_struct_site.pdbx_auth_ins_code 
_struct_site.pdbx_num_residues 
_struct_site.details 
AC1 Software ? ? ? ? 8 'BINDING SITE FOR RESIDUE SO4 B1088' 
AC2 Software ? ? ? ? 8 'BINDING SITE FOR RESIDUE CIT A1151' 
# 
loop_
_struct_site_gen.id 
_struct_site_gen.site_id 
_struct_site_gen.pdbx_num_res 
_struct_site_gen.label_comp_id 
_struct_site_gen.label_asym_id 
_struct_site_gen.label_seq_id 
_struct_site_gen.pdbx_auth_ins_code 
_struct_site_gen.auth_comp_id 
_struct_site_gen.auth_asym_id 
_struct_site_gen.auth_seq_id 
_struct_site_gen.label_atom_id 
_struct_site_gen.label_alt_id 
_struct_site_gen.symmetry 
_struct_site_gen.details 
1  AC1 8 PHE A 47  ? PHE A 42   . ? 1_555 ? 
2  AC1 8 LYS A 51  ? LYS A 46   . ? 1_555 ? 
3  AC1 8 LYS A 82  ? LYS A 77   . ? 1_555 ? 
4  AC1 8 ASN B 2   ? ASN B 65   . ? 1_555 ? 
5  AC1 8 SER B 3   ? SER B 66   . ? 1_555 ? 
6  AC1 8 GLY B 6   ? GLY B 69   . ? 1_555 ? 
7  AC1 8 ARG B 10  ? ARG B 73   . ? 1_555 ? 
8  AC1 8 HOH F .   ? HOH B 2007 . ? 1_555 ? 
9  AC2 8 GLU A 10  ? GLU A 5    . ? 1_555 ? 
10 AC2 8 HIS A 13  ? HIS A 8    . ? 1_555 ? 
11 AC2 8 GLY A 143 ? GLY A 138  . ? 1_555 ? 
12 AC2 8 GLY A 144 ? GLY A 139  . ? 1_555 ? 
13 AC2 8 TRP A 145 ? TRP A 140  . ? 1_555 ? 
14 AC2 8 GLU A 146 ? GLU A 141  . ? 1_555 ? 
15 AC2 8 ASP A 147 ? ASP A 142  . ? 1_555 ? 
16 AC2 8 HOH E .   ? HOH A 2097 . ? 1_555 ? 
# 
_atom_sites.entry_id                    2VOH 
_atom_sites.fract_transf_matrix[1][1]   0.01300386 
_atom_sites.fract_transf_matrix[1][2]   0.01140571 
_atom_sites.fract_transf_matrix[1][3]   0.01570901 
_atom_sites.fract_transf_matrix[2][1]   0.01678906 
_atom_sites.fract_transf_matrix[2][2]   0.01141274 
_atom_sites.fract_transf_matrix[2][3]   -0.02218427 
_atom_sites.fract_transf_matrix[3][1]   -0.00802574 
_atom_sites.fract_transf_matrix[3][2]   0.01561737 
_atom_sites.fract_transf_matrix[3][3]   0.00196051 
_atom_sites.fract_transf_vector[1]      0.029252 
_atom_sites.fract_transf_vector[2]      0.153388 
_atom_sites.fract_transf_vector[3]      0.281539 
# 
loop_
_atom_type.symbol 
C 
N 
O 
S 
# 
loop_
_atom_site.group_PDB 
_atom_site.id 
_atom_site.type_symbol 
_atom_site.label_atom_id 
_atom_site.label_alt_id 
_atom_site.label_comp_id 
_atom_site.label_asym_id 
_atom_site.label_entity_id 
_atom_site.label_seq_id 
_atom_site.pdbx_PDB_ins_code 
_atom_site.Cartn_x 
_atom_site.Cartn_y 
_atom_site.Cartn_z 
_atom_site.occupancy 
_atom_site.B_iso_or_equiv 
_atom_site.pdbx_formal_charge 
_atom_site.auth_seq_id 
_atom_site.auth_comp_id 
_atom_site.auth_asym_id 
_atom_site.auth_atom_id 
_atom_site.pdbx_PDB_model_num 
ATOM   1    N N   . GLY A 1 1   ? -20.598 6.676   -13.986 1.00 28.33 ? -4   GLY A N   1 
ATOM   2    C CA  . GLY A 1 1   ? -20.290 8.075   -14.440 1.00 27.88 ? -4   GLY A CA  1 
ATOM   3    C C   . GLY A 1 1   ? -19.083 8.145   -15.369 1.00 27.63 ? -4   GLY A C   1 
ATOM   4    O O   . GLY A 1 1   ? -19.028 7.409   -16.355 1.00 28.09 ? -4   GLY A O   1 
ATOM   5    N N   . PRO A 1 2   ? -18.089 8.994   -15.042 1.00 27.05 ? -3   PRO A N   1 
ATOM   6    C CA  . PRO A 1 2   ? -16.980 9.297   -15.968 1.00 26.74 ? -3   PRO A CA  1 
ATOM   7    C C   . PRO A 1 2   ? -16.145 8.088   -16.397 1.00 25.49 ? -3   PRO A C   1 
ATOM   8    O O   . PRO A 1 2   ? -15.750 8.002   -17.558 1.00 25.70 ? -3   PRO A O   1 
ATOM   9    C CB  . PRO A 1 2   ? -16.096 10.254  -15.160 1.00 26.66 ? -3   PRO A CB  1 
ATOM   10   C CG  . PRO A 1 2   ? -16.426 9.982   -13.751 1.00 26.88 ? -3   PRO A CG  1 
ATOM   11   C CD  . PRO A 1 2   ? -17.904 9.681   -13.756 1.00 27.20 ? -3   PRO A CD  1 
ATOM   12   N N   . LEU A 1 3   ? -15.893 7.179   -15.465 1.00 24.22 ? -2   LEU A N   1 
ATOM   13   C CA  . LEU A 1 3   ? -15.050 6.018   -15.708 1.00 23.71 ? -2   LEU A CA  1 
ATOM   14   C C   . LEU A 1 3   ? -15.844 4.792   -16.164 1.00 22.23 ? -2   LEU A C   1 
ATOM   15   O O   . LEU A 1 3   ? -15.263 3.806   -16.601 1.00 22.09 ? -2   LEU A O   1 
ATOM   16   C CB  . LEU A 1 3   ? -14.288 5.639   -14.437 1.00 23.94 ? -2   LEU A CB  1 
ATOM   17   C CG  . LEU A 1 3   ? -13.243 6.573   -13.808 1.00 26.07 ? -2   LEU A CG  1 
ATOM   18   C CD1 . LEU A 1 3   ? -12.607 5.830   -12.673 1.00 26.79 ? -2   LEU A CD1 1 
ATOM   19   C CD2 . LEU A 1 3   ? -12.167 7.038   -14.795 1.00 27.25 ? -2   LEU A CD2 1 
ATOM   20   N N   . GLY A 1 4   ? -17.165 4.847   -16.045 1.00 21.09 ? -1   GLY A N   1 
ATOM   21   C CA  . GLY A 1 4   ? -18.002 3.687   -16.279 1.00 20.31 ? -1   GLY A CA  1 
ATOM   22   C C   . GLY A 1 4   ? -18.099 2.836   -15.024 1.00 19.62 ? -1   GLY A C   1 
ATOM   23   O O   . GLY A 1 4   ? -17.222 2.850   -14.165 1.00 18.92 ? -1   GLY A O   1 
ATOM   24   N N   . SER A 1 5   ? -19.174 2.070   -14.940 1.00 19.38 ? 0    SER A N   1 
ATOM   25   C CA  . SER A 1 5   ? -19.519 1.353   -13.728 1.00 19.83 ? 0    SER A CA  1 
ATOM   26   C C   . SER A 1 5   ? -18.415 0.439   -13.201 1.00 20.07 ? 0    SER A C   1 
ATOM   27   O O   . SER A 1 5   ? -18.113 0.452   -12.005 1.00 19.40 ? 0    SER A O   1 
ATOM   28   C CB  . SER A 1 5   ? -20.794 0.550   -13.960 1.00 19.77 ? 0    SER A CB  1 
ATOM   29   O OG  . SER A 1 5   ? -21.070 -0.228  -12.828 1.00 20.58 ? 0    SER A OG  1 
ATOM   30   N N   . MET A 1 6   ? -17.799 -0.335  -14.088 1.00 21.16 ? 1    MET A N   1 
ATOM   31   C CA  . MET A 1 6   ? -16.793 -1.320  -13.665 1.00 22.28 ? 1    MET A CA  1 
ATOM   32   C C   . MET A 1 6   ? -15.548 -0.664  -13.078 1.00 21.08 ? 1    MET A C   1 
ATOM   33   O O   . MET A 1 6   ? -15.112 -1.019  -11.987 1.00 20.22 ? 1    MET A O   1 
ATOM   34   C CB  . MET A 1 6   ? -16.404 -2.249  -14.820 1.00 22.35 ? 1    MET A CB  1 
ATOM   35   C CG  . MET A 1 6   ? -15.423 -3.372  -14.400 1.00 23.20 ? 1    MET A CG  1 
ATOM   36   S SD  . MET A 1 6   ? -15.394 -4.799  -15.533 1.00 28.96 ? 1    MET A SD  1 
ATOM   37   C CE  . MET A 1 6   ? -17.150 -5.072  -15.826 1.00 25.80 ? 1    MET A CE  1 
ATOM   38   N N   . ALA A 1 7   ? -14.990 0.300   -13.799 1.00 20.20 ? 2    ALA A N   1 
ATOM   39   C CA  . ALA A 1 7   ? -13.801 1.006   -13.347 1.00 20.08 ? 2    ALA A CA  1 
ATOM   40   C C   . ALA A 1 7   ? -14.070 1.799   -12.061 1.00 19.98 ? 2    ALA A C   1 
ATOM   41   O O   . ALA A 1 7   ? -13.236 1.807   -11.153 1.00 20.32 ? 2    ALA A O   1 
ATOM   42   C CB  . ALA A 1 7   ? -13.277 1.914   -14.450 1.00 20.13 ? 2    ALA A CB  1 
ATOM   43   N N   . GLU A 1 8   ? -15.238 2.428   -11.970 1.00 20.14 ? 3    GLU A N   1 
ATOM   44   C CA  . GLU A 1 8   ? -15.642 3.124   -10.747 1.00 20.93 ? 3    GLU A CA  1 
ATOM   45   C C   . GLU A 1 8   ? -15.706 2.176   -9.548  1.00 20.13 ? 3    GLU A C   1 
ATOM   46   O O   . GLU A 1 8   ? -15.158 2.481   -8.500  1.00 19.43 ? 3    GLU A O   1 
ATOM   47   C CB  . GLU A 1 8   ? -16.980 3.850   -10.935 1.00 21.25 ? 3    GLU A CB  1 
ATOM   48   C CG  . GLU A 1 8   ? -16.819 5.325   -11.321 1.00 24.89 ? 3    GLU A CG  1 
ATOM   49   C CD  . GLU A 1 8   ? -17.889 5.810   -12.278 1.00 28.29 ? 3    GLU A CD  1 
ATOM   50   O OE1 . GLU A 1 8   ? -19.079 5.477   -12.073 1.00 33.27 ? 3    GLU A OE1 1 
ATOM   51   O OE2 . GLU A 1 8   ? -17.551 6.530   -13.244 1.00 31.11 ? 3    GLU A OE2 1 
ATOM   52   N N   . SER A 1 9   ? -16.362 1.026   -9.716  1.00 20.62 ? 4    SER A N   1 
ATOM   53   C CA  . SER A 1 9   ? -16.419 0.018   -8.653  1.00 20.61 ? 4    SER A CA  1 
ATOM   54   C C   . SER A 1 9   ? -15.019 -0.419  -8.221  1.00 20.81 ? 4    SER A C   1 
ATOM   55   O O   . SER A 1 9   ? -14.743 -0.579  -7.025  1.00 19.47 ? 4    SER A O   1 
ATOM   56   C CB  . SER A 1 9   ? -17.212 -1.201  -9.118  1.00 20.68 ? 4    SER A CB  1 
ATOM   57   O OG  . SER A 1 9   ? -18.579 -0.870  -9.307  1.00 22.75 ? 4    SER A OG  1 
ATOM   58   N N   . GLU A 1 10  ? -14.143 -0.626  -9.207  1.00 21.23 ? 5    GLU A N   1 
ATOM   59   C CA  . GLU A 1 10  ? -12.756 -1.020  -8.955  1.00 22.18 ? 5    GLU A CA  1 
ATOM   60   C C   . GLU A 1 10  ? -12.014 0.030   -8.145  1.00 21.49 ? 5    GLU A C   1 
ATOM   61   O O   . GLU A 1 10  ? -11.337 -0.283  -7.168  1.00 20.86 ? 5    GLU A O   1 
ATOM   62   C CB  . GLU A 1 10  ? -12.035 -1.297  -10.278 1.00 22.39 ? 5    GLU A CB  1 
ATOM   63   C CG  . GLU A 1 10  ? -12.523 -2.589  -10.910 1.00 24.62 ? 5    GLU A CG  1 
ATOM   64   C CD  . GLU A 1 10  ? -12.028 -2.845  -12.336 1.00 25.11 ? 5    GLU A CD  1 
ATOM   65   O OE1 . GLU A 1 10  ? -11.608 -1.897  -13.041 1.00 27.87 ? 5    GLU A OE1 1 
ATOM   66   O OE2 . GLU A 1 10  ? -12.104 -4.021  -12.752 1.00 30.01 ? 5    GLU A OE2 1 
ATOM   67   N N   . LEU A 1 11  ? -12.162 1.286   -8.543  1.00 21.00 ? 6    LEU A N   1 
ATOM   68   C CA  . LEU A 1 11  ? -11.511 2.378   -7.842  1.00 20.95 ? 6    LEU A CA  1 
ATOM   69   C C   . LEU A 1 11  ? -12.036 2.496   -6.410  1.00 21.10 ? 6    LEU A C   1 
ATOM   70   O O   . LEU A 1 11  ? -11.248 2.679   -5.481  1.00 20.21 ? 6    LEU A O   1 
ATOM   71   C CB  . LEU A 1 11  ? -11.721 3.706   -8.603  1.00 21.08 ? 6    LEU A CB  1 
ATOM   72   C CG  . LEU A 1 11  ? -11.084 4.971   -7.978  1.00 21.66 ? 6    LEU A CG  1 
ATOM   73   C CD1 . LEU A 1 11  ? -9.592  4.860   -7.854  1.00 24.41 ? 6    LEU A CD1 1 
ATOM   74   C CD2 . LEU A 1 11  ? -11.436 6.192   -8.803  1.00 23.19 ? 6    LEU A CD2 1 
ATOM   75   N N   . MET A 1 12  ? -13.356 2.398   -6.245  1.00 21.93 ? 7    MET A N   1 
ATOM   76   C CA  . MET A 1 12  ? -13.983 2.464   -4.921  1.00 23.27 ? 7    MET A CA  1 
ATOM   77   C C   . MET A 1 12  ? -13.479 1.344   -4.020  1.00 23.10 ? 7    MET A C   1 
ATOM   78   O O   . MET A 1 12  ? -13.131 1.595   -2.863  1.00 23.80 ? 7    MET A O   1 
ATOM   79   C CB  . MET A 1 12  ? -15.501 2.362   -5.031  1.00 23.78 ? 7    MET A CB  1 
ATOM   80   C CG  . MET A 1 12  ? -16.151 3.555   -5.732  1.00 27.47 ? 7    MET A CG  1 
ATOM   81   S SD  . MET A 1 12  ? -16.416 4.913   -4.594  1.00 34.52 ? 7    MET A SD  1 
ATOM   82   C CE  . MET A 1 12  ? -17.817 4.274   -3.667  1.00 32.49 ? 7    MET A CE  1 
ATOM   83   N N   . HIS A 1 13  ? -13.404 0.127   -4.563  1.00 23.08 ? 8    HIS A N   1 
ATOM   84   C CA  . HIS A 1 13  ? -12.873 -1.025  -3.821  1.00 23.43 ? 8    HIS A CA  1 
ATOM   85   C C   . HIS A 1 13  ? -11.451 -0.761  -3.339  1.00 23.21 ? 8    HIS A C   1 
ATOM   86   O O   . HIS A 1 13  ? -11.151 -0.918  -2.152  1.00 22.49 ? 8    HIS A O   1 
ATOM   87   C CB  . HIS A 1 13  ? -12.895 -2.300  -4.680  1.00 23.99 ? 8    HIS A CB  1 
ATOM   88   C CG  . HIS A 1 13  ? -12.963 -3.572  -3.883  1.00 26.70 ? 8    HIS A CG  1 
ATOM   89   N ND1 . HIS A 1 13  ? -13.339 -4.780  -4.438  1.00 28.57 ? 8    HIS A ND1 1 
ATOM   90   C CD2 . HIS A 1 13  ? -12.736 -3.821  -2.568  1.00 28.41 ? 8    HIS A CD2 1 
ATOM   91   C CE1 . HIS A 1 13  ? -13.316 -5.718  -3.506  1.00 28.87 ? 8    HIS A CE1 1 
ATOM   92   N NE2 . HIS A 1 13  ? -12.966 -5.160  -2.361  1.00 29.19 ? 8    HIS A NE2 1 
ATOM   93   N N   . ILE A 1 14  ? -10.571 -0.356  -4.253  1.00 23.09 ? 9    ILE A N   1 
ATOM   94   C CA  . ILE A 1 14  ? -9.180  -0.053  -3.889  1.00 23.10 ? 9    ILE A CA  1 
ATOM   95   C C   . ILE A 1 14  ? -9.100  1.052   -2.826  1.00 22.74 ? 9    ILE A C   1 
ATOM   96   O O   . ILE A 1 14  ? -8.320  0.943   -1.874  1.00 22.82 ? 9    ILE A O   1 
ATOM   97   C CB  . ILE A 1 14  ? -8.324  0.305   -5.111  1.00 23.13 ? 9    ILE A CB  1 
ATOM   98   C CG1 . ILE A 1 14  ? -8.150  -0.938  -5.993  1.00 23.32 ? 9    ILE A CG1 1 
ATOM   99   C CG2 . ILE A 1 14  ? -6.935  0.842   -4.682  1.00 23.42 ? 9    ILE A CG2 1 
ATOM   100  C CD1 . ILE A 1 14  ? -7.766  -0.629  -7.418  1.00 23.78 ? 9    ILE A CD1 1 
ATOM   101  N N   . HIS A 1 15  ? -9.887  2.114   -2.978  1.00 22.47 ? 10   HIS A N   1 
ATOM   102  C CA  A HIS A 1 15  ? -9.927  3.146   -1.950  0.50 22.39 ? 10   HIS A CA  1 
ATOM   103  C CA  B HIS A 1 15  ? -9.958  3.167   -1.951  0.50 21.98 ? 10   HIS A CA  1 
ATOM   104  C C   . HIS A 1 15  ? -10.364 2.597   -0.590  1.00 21.98 ? 10   HIS A C   1 
ATOM   105  O O   . HIS A 1 15  ? -9.757  2.917   0.460   1.00 21.48 ? 10   HIS A O   1 
ATOM   106  C CB  A HIS A 1 15  ? -10.830 4.302   -2.346  0.50 22.87 ? 10   HIS A CB  1 
ATOM   107  C CB  B HIS A 1 15  ? -10.942 4.271   -2.355  0.50 22.10 ? 10   HIS A CB  1 
ATOM   108  C CG  A HIS A 1 15  ? -10.603 5.516   -1.511  0.50 24.02 ? 10   HIS A CG  1 
ATOM   109  C CG  B HIS A 1 15  ? -10.332 5.362   -3.181  0.50 21.80 ? 10   HIS A CG  1 
ATOM   110  N ND1 A HIS A 1 15  ? -9.912  6.615   -1.970  0.50 26.25 ? 10   HIS A ND1 1 
ATOM   111  N ND1 B HIS A 1 15  ? -9.814  6.512   -2.627  0.50 23.13 ? 10   HIS A ND1 1 
ATOM   112  C CD2 A HIS A 1 15  ? -10.907 5.774   -0.219  0.50 25.15 ? 10   HIS A CD2 1 
ATOM   113  C CD2 B HIS A 1 15  ? -10.169 5.485   -4.518  0.50 20.46 ? 10   HIS A CD2 1 
ATOM   114  C CE1 A HIS A 1 15  ? -9.831  7.512   -1.005  0.50 25.86 ? 10   HIS A CE1 1 
ATOM   115  C CE1 B HIS A 1 15  ? -9.348  7.291   -3.588  0.50 21.99 ? 10   HIS A CE1 1 
ATOM   116  N NE2 A HIS A 1 15  ? -10.419 7.024   0.070   0.50 25.20 ? 10   HIS A NE2 1 
ATOM   117  N NE2 B HIS A 1 15  ? -9.561  6.694   -4.745  0.50 21.34 ? 10   HIS A NE2 1 
ATOM   118  N N   . SER A 1 16  ? -11.405 1.778   -0.599  1.00 21.80 ? 11   SER A N   1 
ATOM   119  C CA  . SER A 1 16  ? -11.914 1.178   0.616   1.00 22.25 ? 11   SER A CA  1 
ATOM   120  C C   . SER A 1 16  ? -10.846 0.301   1.284   1.00 21.50 ? 11   SER A C   1 
ATOM   121  O O   . SER A 1 16  ? -10.607 0.386   2.484   1.00 21.40 ? 11   SER A O   1 
ATOM   122  C CB  . SER A 1 16  ? -13.154 0.359   0.303   1.00 22.60 ? 11   SER A CB  1 
ATOM   123  O OG  . SER A 1 16  ? -13.608 -0.283  1.473   1.00 25.16 ? 11   SER A OG  1 
ATOM   124  N N   . LEU A 1 17  ? -10.202 -0.525  0.488   1.00 21.23 ? 12   LEU A N   1 
ATOM   125  C CA  . LEU A 1 17  ? -9.118  -1.391  0.967   1.00 21.72 ? 12   LEU A CA  1 
ATOM   126  C C   . LEU A 1 17  ? -7.991  -0.606  1.595   1.00 21.78 ? 12   LEU A C   1 
ATOM   127  O O   . LEU A 1 17  ? -7.520  -0.955  2.680   1.00 21.08 ? 12   LEU A O   1 
ATOM   128  C CB  . LEU A 1 17  ? -8.577  -2.239  -0.184  1.00 21.84 ? 12   LEU A CB  1 
ATOM   129  C CG  . LEU A 1 17  ? -9.509  -3.396  -0.542  1.00 22.36 ? 12   LEU A CG  1 
ATOM   130  C CD1 . LEU A 1 17  ? -9.155  -3.939  -1.897  1.00 22.81 ? 12   LEU A CD1 1 
ATOM   131  C CD2 . LEU A 1 17  ? -9.429  -4.480  0.523   1.00 22.47 ? 12   LEU A CD2 1 
ATOM   132  N N   . ALA A 1 18  ? -7.583  0.463   0.915   1.00 22.10 ? 13   ALA A N   1 
ATOM   133  C CA  . ALA A 1 18  ? -6.509  1.337   1.379   1.00 22.46 ? 13   ALA A CA  1 
ATOM   134  C C   . ALA A 1 18  ? -6.870  2.072   2.675   1.00 23.11 ? 13   ALA A C   1 
ATOM   135  O O   . ALA A 1 18  ? -6.106  2.067   3.640   1.00 21.63 ? 13   ALA A O   1 
ATOM   136  C CB  . ALA A 1 18  ? -6.158  2.332   0.310   1.00 23.04 ? 13   ALA A CB  1 
ATOM   137  N N   . GLU A 1 19  ? -8.034  2.699   2.723   1.00 24.11 ? 14   GLU A N   1 
ATOM   138  C CA  . GLU A 1 19  ? -8.379  3.395   3.974   1.00 25.65 ? 14   GLU A CA  1 
ATOM   139  C C   . GLU A 1 19  ? -8.590  2.423   5.131   1.00 24.37 ? 14   GLU A C   1 
ATOM   140  O O   . GLU A 1 19  ? -8.191  2.724   6.254   1.00 23.15 ? 14   GLU A O   1 
ATOM   141  C CB  . GLU A 1 19  ? -9.524  4.398   3.823   1.00 25.97 ? 14   GLU A CB  1 
ATOM   142  C CG  . GLU A 1 19  ? -10.882 3.875   3.530   1.00 28.76 ? 14   GLU A CG  1 
ATOM   143  C CD  . GLU A 1 19  ? -11.862 5.036   3.238   1.00 29.65 ? 14   GLU A CD  1 
ATOM   144  O OE1 . GLU A 1 19  ? -11.425 6.224   3.266   1.00 36.04 ? 14   GLU A OE1 1 
ATOM   145  O OE2 . GLU A 1 19  ? -13.044 4.760   2.961   1.00 34.05 ? 14   GLU A OE2 1 
ATOM   146  N N   . HIS A 1 20  ? -9.163  1.254   4.856   1.00 24.37 ? 15   HIS A N   1 
ATOM   147  C CA  . HIS A 1 20  ? -9.312  0.231   5.897   1.00 24.60 ? 15   HIS A CA  1 
ATOM   148  C C   . HIS A 1 20  ? -7.958  -0.280  6.394   1.00 23.84 ? 15   HIS A C   1 
ATOM   149  O O   . HIS A 1 20  ? -7.752  -0.446  7.612   1.00 23.30 ? 15   HIS A O   1 
ATOM   150  C CB  . HIS A 1 20  ? -10.164 -0.942  5.413   1.00 25.13 ? 15   HIS A CB  1 
ATOM   151  C CG  . HIS A 1 20  ? -11.598 -0.577  5.161   1.00 27.56 ? 15   HIS A CG  1 
ATOM   152  N ND1 . HIS A 1 20  ? -12.481 -1.423  4.527   1.00 30.07 ? 15   HIS A ND1 1 
ATOM   153  C CD2 . HIS A 1 20  ? -12.279 0.569   5.402   1.00 29.71 ? 15   HIS A CD2 1 
ATOM   154  C CE1 . HIS A 1 20  ? -13.661 -0.834  4.432   1.00 31.66 ? 15   HIS A CE1 1 
ATOM   155  N NE2 . HIS A 1 20  ? -13.564 0.378   4.953   1.00 32.73 ? 15   HIS A NE2 1 
ATOM   156  N N   . TYR A 1 21  ? -7.039  -0.540  5.472   1.00 23.05 ? 16   TYR A N   1 
ATOM   157  C CA  . TYR A 1 21  ? -5.721  -0.996  5.888   1.00 23.26 ? 16   TYR A CA  1 
ATOM   158  C C   . TYR A 1 21  ? -4.997  0.071   6.737   1.00 23.12 ? 16   TYR A C   1 
ATOM   159  O O   . TYR A 1 21  ? -4.468  -0.223  7.808   1.00 22.48 ? 16   TYR A O   1 
ATOM   160  C CB  . TYR A 1 21  ? -4.825  -1.440  4.725   1.00 23.84 ? 16   TYR A CB  1 
ATOM   161  C CG  . TYR A 1 21  ? -3.464  -1.801  5.268   1.00 23.34 ? 16   TYR A CG  1 
ATOM   162  C CD1 . TYR A 1 21  ? -3.319  -2.890  6.138   1.00 24.64 ? 16   TYR A CD1 1 
ATOM   163  C CD2 . TYR A 1 21  ? -2.357  -1.013  5.015   1.00 24.62 ? 16   TYR A CD2 1 
ATOM   164  C CE1 . TYR A 1 21  ? -2.101  -3.209  6.683   1.00 25.07 ? 16   TYR A CE1 1 
ATOM   165  C CE2 . TYR A 1 21  ? -1.117  -1.328  5.561   1.00 26.41 ? 16   TYR A CE2 1 
ATOM   166  C CZ  . TYR A 1 21  ? -0.999  -2.425  6.385   1.00 25.46 ? 16   TYR A CZ  1 
ATOM   167  O OH  . TYR A 1 21  ? 0.207   -2.732  6.943   1.00 26.11 ? 16   TYR A OH  1 
ATOM   168  N N   . LEU A 1 22  ? -4.998  1.305   6.258   1.00 23.44 ? 17   LEU A N   1 
ATOM   169  C CA  . LEU A 1 22  ? -4.298  2.394   6.949   1.00 23.87 ? 17   LEU A CA  1 
ATOM   170  C C   . LEU A 1 22  ? -4.897  2.704   8.325   1.00 23.94 ? 17   LEU A C   1 
ATOM   171  O O   . LEU A 1 22  ? -4.164  3.006   9.293   1.00 23.39 ? 17   LEU A O   1 
ATOM   172  C CB  . LEU A 1 22  ? -4.246  3.634   6.054   1.00 23.83 ? 17   LEU A CB  1 
ATOM   173  C CG  . LEU A 1 22  ? -3.380  3.421   4.805   1.00 26.43 ? 17   LEU A CG  1 
ATOM   174  C CD1 . LEU A 1 22  ? -3.503  4.595   3.851   1.00 27.65 ? 17   LEU A CD1 1 
ATOM   175  C CD2 . LEU A 1 22  ? -1.917  3.180   5.164   1.00 25.94 ? 17   LEU A CD2 1 
ATOM   176  N N   . GLN A 1 23  ? -6.222  2.613   8.431   1.00 23.60 ? 18   GLN A N   1 
ATOM   177  C CA  . GLN A 1 23  ? -6.881  2.771   9.714   1.00 24.40 ? 18   GLN A CA  1 
ATOM   178  C C   . GLN A 1 23  ? -6.494  1.666   10.695  1.00 23.80 ? 18   GLN A C   1 
ATOM   179  O O   . GLN A 1 23  ? -6.326  1.930   11.898  1.00 24.01 ? 18   GLN A O   1 
ATOM   180  C CB  . GLN A 1 23  ? -8.393  2.833   9.529   1.00 24.18 ? 18   GLN A CB  1 
ATOM   181  C CG  . GLN A 1 23  ? -8.825  4.152   8.907   1.00 25.21 ? 18   GLN A CG  1 
ATOM   182  C CD  . GLN A 1 23  ? -10.283 4.166   8.526   1.00 27.44 ? 18   GLN A CD  1 
ATOM   183  O OE1 . GLN A 1 23  ? -10.997 3.177   8.717   1.00 31.95 ? 18   GLN A OE1 1 
ATOM   184  N NE2 . GLN A 1 23  ? -10.746 5.301   7.998   1.00 31.31 ? 18   GLN A NE2 1 
ATOM   185  N N   . TYR A 1 24  ? -6.352  0.447   10.180  1.00 23.04 ? 19   TYR A N   1 
ATOM   186  C CA  . TYR A 1 24  ? -5.887  -0.689  10.965  1.00 23.53 ? 19   TYR A CA  1 
ATOM   187  C C   . TYR A 1 24  ? -4.459  -0.478  11.489  1.00 24.12 ? 19   TYR A C   1 
ATOM   188  O O   . TYR A 1 24  ? -4.210  -0.615  12.689  1.00 22.87 ? 19   TYR A O   1 
ATOM   189  C CB  . TYR A 1 24  ? -5.961  -1.970  10.131  1.00 23.45 ? 19   TYR A CB  1 
ATOM   190  C CG  . TYR A 1 24  ? -5.398  -3.201  10.802  1.00 23.24 ? 19   TYR A CG  1 
ATOM   191  C CD1 . TYR A 1 24  ? -6.065  -3.805  11.849  1.00 24.30 ? 19   TYR A CD1 1 
ATOM   192  C CD2 . TYR A 1 24  ? -4.204  -3.766  10.377  1.00 23.97 ? 19   TYR A CD2 1 
ATOM   193  C CE1 . TYR A 1 24  ? -5.556  -4.950  12.468  1.00 24.31 ? 19   TYR A CE1 1 
ATOM   194  C CE2 . TYR A 1 24  ? -3.691  -4.899  10.977  1.00 24.51 ? 19   TYR A CE2 1 
ATOM   195  C CZ  . TYR A 1 24  ? -4.369  -5.488  12.031  1.00 23.47 ? 19   TYR A CZ  1 
ATOM   196  O OH  . TYR A 1 24  ? -3.858  -6.615  12.642  1.00 23.81 ? 19   TYR A OH  1 
ATOM   197  N N   . VAL A 1 25  ? -3.548  -0.162  10.574  1.00 25.08 ? 20   VAL A N   1 
ATOM   198  C CA  . VAL A 1 25  ? -2.158  0.208   10.867  1.00 26.74 ? 20   VAL A CA  1 
ATOM   199  C C   . VAL A 1 25  ? -2.061  1.230   12.004  1.00 27.54 ? 20   VAL A C   1 
ATOM   200  O O   . VAL A 1 25  ? -1.349  1.027   12.990  1.00 27.82 ? 20   VAL A O   1 
ATOM   201  C CB  . VAL A 1 25  ? -1.476  0.822   9.570   1.00 26.96 ? 20   VAL A CB  1 
ATOM   202  C CG1 . VAL A 1 25  ? -0.205  1.632   9.894   1.00 28.94 ? 20   VAL A CG1 1 
ATOM   203  C CG2 . VAL A 1 25  ? -1.156  -0.243  8.603   1.00 27.45 ? 20   VAL A CG2 1 
ATOM   204  N N   . LEU A 1 26  ? -2.796  2.322   11.847  1.00 28.58 ? 21   LEU A N   1 
ATOM   205  C CA  . LEU A 1 26  ? -2.782  3.421   12.797  1.00 29.77 ? 21   LEU A CA  1 
ATOM   206  C C   . LEU A 1 26  ? -3.508  3.140   14.095  1.00 30.06 ? 21   LEU A C   1 
ATOM   207  O O   . LEU A 1 26  ? -3.312  3.867   15.064  1.00 30.52 ? 21   LEU A O   1 
ATOM   208  C CB  . LEU A 1 26  ? -3.409  4.669   12.172  1.00 30.19 ? 21   LEU A CB  1 
ATOM   209  C CG  . LEU A 1 26  ? -2.593  5.349   11.080  1.00 31.22 ? 21   LEU A CG  1 
ATOM   210  C CD1 . LEU A 1 26  ? -3.403  6.543   10.546  1.00 32.77 ? 21   LEU A CD1 1 
ATOM   211  C CD2 . LEU A 1 26  ? -1.214  5.784   11.609  1.00 31.76 ? 21   LEU A CD2 1 
ATOM   212  N N   . GLN A 1 27  ? -4.343  2.103   14.113  1.00 30.63 ? 22   GLN A N   1 
ATOM   213  C CA  . GLN A 1 27  ? -5.179  1.792   15.257  1.00 31.04 ? 22   GLN A CA  1 
ATOM   214  C C   . GLN A 1 27  ? -6.217  2.900   15.470  1.00 31.61 ? 22   GLN A C   1 
ATOM   215  O O   . GLN A 1 27  ? -6.403  3.394   16.587  1.00 31.22 ? 22   GLN A O   1 
ATOM   216  C CB  . GLN A 1 27  ? -4.340  1.551   16.525  1.00 31.03 ? 22   GLN A CB  1 
ATOM   217  C CG  . GLN A 1 27  ? -3.146  0.613   16.333  1.00 31.38 ? 22   GLN A CG  1 
ATOM   218  C CD  . GLN A 1 27  ? -2.367  0.346   17.624  1.00 32.06 ? 22   GLN A CD  1 
ATOM   219  O OE1 . GLN A 1 27  ? -2.671  0.898   18.681  1.00 33.18 ? 22   GLN A OE1 1 
ATOM   220  N NE2 . GLN A 1 27  ? -1.362  -0.519  17.536  1.00 33.76 ? 22   GLN A NE2 1 
ATOM   221  N N   . VAL A 1 28  ? -6.881  3.286   14.380  1.00 31.98 ? 23   VAL A N   1 
ATOM   222  C CA  . VAL A 1 28  ? -8.097  4.098   14.451  1.00 32.50 ? 23   VAL A CA  1 
ATOM   223  C C   . VAL A 1 28  ? -9.243  3.189   14.929  1.00 32.52 ? 23   VAL A C   1 
ATOM   224  O O   . VAL A 1 28  ? -9.468  2.138   14.335  1.00 32.75 ? 23   VAL A O   1 
ATOM   225  C CB  . VAL A 1 28  ? -8.454  4.714   13.059  1.00 32.50 ? 23   VAL A CB  1 
ATOM   226  C CG1 . VAL A 1 28  ? -9.789  5.471   13.113  1.00 32.82 ? 23   VAL A CG1 1 
ATOM   227  C CG2 . VAL A 1 28  ? -7.342  5.630   12.575  1.00 32.58 ? 23   VAL A CG2 1 
ATOM   228  N N   . PRO A 1 29  ? -9.955  3.575   16.008  1.00 32.97 ? 24   PRO A N   1 
ATOM   229  C CA  . PRO A 1 29  ? -11.096 2.820   16.577  1.00 33.03 ? 24   PRO A CA  1 
ATOM   230  C C   . PRO A 1 29  ? -12.173 2.308   15.591  1.00 33.40 ? 24   PRO A C   1 
ATOM   231  O O   . PRO A 1 29  ? -12.871 3.108   14.967  1.00 33.89 ? 24   PRO A O   1 
ATOM   232  C CB  . PRO A 1 29  ? -11.716 3.826   17.547  1.00 33.07 ? 24   PRO A CB  1 
ATOM   233  C CG  . PRO A 1 29  ? -10.581 4.654   17.990  1.00 32.85 ? 24   PRO A CG  1 
ATOM   234  C CD  . PRO A 1 29  ? -9.661  4.780   16.808  1.00 33.13 ? 24   PRO A CD  1 
ATOM   235  N N   . ALA A 1 30  ? -12.295 0.984   15.467  1.00 33.17 ? 25   ALA A N   1 
ATOM   236  C CA  . ALA A 1 30  ? -13.336 0.359   14.649  1.00 32.84 ? 25   ALA A CA  1 
ATOM   237  C C   . ALA A 1 30  ? -14.624 0.213   15.452  1.00 32.53 ? 25   ALA A C   1 
ATOM   238  O O   . ALA A 1 30  ? -14.643 0.430   16.668  1.00 32.98 ? 25   ALA A O   1 
ATOM   239  C CB  . ALA A 1 30  ? -12.874 -1.002  14.117  1.00 33.03 ? 25   ALA A CB  1 
ATOM   240  N N   . PHE A 1 31  ? -15.692 -0.184  14.766  1.00 31.79 ? 26   PHE A N   1 
ATOM   241  C CA  . PHE A 1 31  ? -17.049 0.045   15.254  1.00 30.86 ? 26   PHE A CA  1 
ATOM   242  C C   . PHE A 1 31  ? -17.885 -1.223  15.052  1.00 30.32 ? 26   PHE A C   1 
ATOM   243  O O   . PHE A 1 31  ? -18.938 -1.192  14.421  1.00 29.84 ? 26   PHE A O   1 
ATOM   244  C CB  . PHE A 1 31  ? -17.651 1.238   14.495  1.00 31.55 ? 26   PHE A CB  1 
ATOM   245  C CG  . PHE A 1 31  ? -16.709 1.856   13.475  1.00 32.03 ? 26   PHE A CG  1 
ATOM   246  C CD1 . PHE A 1 31  ? -16.020 3.033   13.761  1.00 32.65 ? 26   PHE A CD1 1 
ATOM   247  C CD2 . PHE A 1 31  ? -16.495 1.239   12.237  1.00 31.80 ? 26   PHE A CD2 1 
ATOM   248  C CE1 . PHE A 1 31  ? -15.140 3.588   12.819  1.00 33.42 ? 26   PHE A CE1 1 
ATOM   249  C CE2 . PHE A 1 31  ? -15.635 1.784   11.297  1.00 32.67 ? 26   PHE A CE2 1 
ATOM   250  C CZ  . PHE A 1 31  ? -14.952 2.964   11.583  1.00 33.15 ? 26   PHE A CZ  1 
ATOM   251  N N   . GLU A 1 32  ? -17.386 -2.335  15.589  1.00 29.72 ? 27   GLU A N   1 
ATOM   252  C CA  . GLU A 1 32  ? -17.955 -3.685  15.383  1.00 29.61 ? 27   GLU A CA  1 
ATOM   253  C C   . GLU A 1 32  ? -18.260 -3.988  13.912  1.00 29.16 ? 27   GLU A C   1 
ATOM   254  O O   . GLU A 1 32  ? -19.252 -4.654  13.593  1.00 28.41 ? 27   GLU A O   1 
ATOM   255  C CB  . GLU A 1 32  ? -19.206 -3.907  16.238  1.00 29.52 ? 27   GLU A CB  1 
ATOM   256  C CG  . GLU A 1 32  ? -18.986 -3.734  17.736  1.00 29.83 ? 27   GLU A CG  1 
ATOM   257  C CD  . GLU A 1 32  ? -18.974 -2.279  18.164  1.00 30.32 ? 27   GLU A CD  1 
ATOM   258  O OE1 . GLU A 1 32  ? -19.790 -1.508  17.623  1.00 30.59 ? 27   GLU A OE1 1 
ATOM   259  O OE2 . GLU A 1 32  ? -18.154 -1.905  19.031  1.00 29.49 ? 27   GLU A OE2 1 
ATOM   260  N N   . SER A 1 33  ? -17.392 -3.499  13.027  1.00 29.00 ? 28   SER A N   1 
ATOM   261  C CA  . SER A 1 33  ? -17.556 -3.720  11.600  1.00 29.01 ? 28   SER A CA  1 
ATOM   262  C C   . SER A 1 33  ? -17.174 -5.155  11.245  1.00 28.83 ? 28   SER A C   1 
ATOM   263  O O   . SER A 1 33  ? -16.557 -5.870  12.046  1.00 28.69 ? 28   SER A O   1 
ATOM   264  C CB  . SER A 1 33  ? -16.718 -2.724  10.794  1.00 29.11 ? 28   SER A CB  1 
ATOM   265  O OG  . SER A 1 33  ? -15.347 -3.074  10.810  1.00 30.17 ? 28   SER A OG  1 
ATOM   266  N N   . ALA A 1 34  ? -17.570 -5.562  10.044  1.00 28.65 ? 29   ALA A N   1 
ATOM   267  C CA  . ALA A 1 34  ? -17.317 -6.896  9.531   1.00 28.35 ? 29   ALA A CA  1 
ATOM   268  C C   . ALA A 1 34  ? -16.594 -6.760  8.199   1.00 28.25 ? 29   ALA A C   1 
ATOM   269  O O   . ALA A 1 34  ? -17.238 -6.723  7.147   1.00 28.64 ? 29   ALA A O   1 
ATOM   270  C CB  . ALA A 1 34  ? -18.639 -7.668  9.362   1.00 28.36 ? 29   ALA A CB  1 
ATOM   271  N N   . PRO A 1 35  ? -15.253 -6.677  8.232   1.00 27.64 ? 30   PRO A N   1 
ATOM   272  C CA  . PRO A 1 35  ? -14.520 -6.562  6.976   1.00 27.52 ? 30   PRO A CA  1 
ATOM   273  C C   . PRO A 1 35  ? -14.830 -7.695  6.005   1.00 27.41 ? 30   PRO A C   1 
ATOM   274  O O   . PRO A 1 35  ? -15.154 -8.806  6.419   1.00 26.99 ? 30   PRO A O   1 
ATOM   275  C CB  . PRO A 1 35  ? -13.049 -6.635  7.415   1.00 27.67 ? 30   PRO A CB  1 
ATOM   276  C CG  . PRO A 1 35  ? -13.065 -7.190  8.801   1.00 27.09 ? 30   PRO A CG  1 
ATOM   277  C CD  . PRO A 1 35  ? -14.343 -6.691  9.392   1.00 27.64 ? 30   PRO A CD  1 
ATOM   278  N N   . SER A 1 36  ? -14.732 -7.402  4.717   1.00 27.13 ? 31   SER A N   1 
ATOM   279  C CA  . SER A 1 36  ? -14.805 -8.441  3.703   1.00 27.19 ? 31   SER A CA  1 
ATOM   280  C C   . SER A 1 36  ? -13.612 -9.384  3.840   1.00 26.75 ? 31   SER A C   1 
ATOM   281  O O   . SER A 1 36  ? -12.609 -9.050  4.476   1.00 26.71 ? 31   SER A O   1 
ATOM   282  C CB  . SER A 1 36  ? -14.764 -7.794  2.322   1.00 27.41 ? 31   SER A CB  1 
ATOM   283  O OG  . SER A 1 36  ? -13.541 -7.097  2.154   1.00 27.37 ? 31   SER A OG  1 
ATOM   284  N N   . GLN A 1 37  ? -13.701 -10.554 3.225   1.00 26.71 ? 32   GLN A N   1 
ATOM   285  C CA  . GLN A 1 37  ? -12.555 -11.451 3.194   1.00 26.79 ? 32   GLN A CA  1 
ATOM   286  C C   . GLN A 1 37  ? -11.336 -10.725 2.629   1.00 26.30 ? 32   GLN A C   1 
ATOM   287  O O   . GLN A 1 37  ? -10.234 -10.842 3.175   1.00 25.65 ? 32   GLN A O   1 
ATOM   288  C CB  . GLN A 1 37  ? -12.865 -12.719 2.392   1.00 26.87 ? 32   GLN A CB  1 
ATOM   289  C CG  . GLN A 1 37  ? -11.752 -13.773 2.444   1.00 27.12 ? 32   GLN A CG  1 
ATOM   290  C CD  . GLN A 1 37  ? -12.142 -15.082 1.790   1.00 27.96 ? 32   GLN A CD  1 
ATOM   291  O OE1 . GLN A 1 37  ? -13.128 -15.149 1.050   1.00 30.37 ? 32   GLN A OE1 1 
ATOM   292  N NE2 . GLN A 1 37  ? -11.376 -16.138 2.064   1.00 29.82 ? 32   GLN A NE2 1 
ATOM   293  N N   . ALA A 1 38  ? -11.527 -9.960  1.549   1.00 25.98 ? 33   ALA A N   1 
ATOM   294  C CA  . ALA A 1 38  ? -10.418 -9.201  0.948   1.00 25.90 ? 33   ALA A CA  1 
ATOM   295  C C   . ALA A 1 38  ? -9.782  -8.245  1.955   1.00 25.63 ? 33   ALA A C   1 
ATOM   296  O O   . ALA A 1 38  ? -8.554  -8.158  2.041   1.00 24.58 ? 33   ALA A O   1 
ATOM   297  C CB  . ALA A 1 38  ? -10.886 -8.424  -0.291  1.00 25.65 ? 33   ALA A CB  1 
ATOM   298  N N   . CYS A 1 39  ? -10.613 -7.531  2.712   1.00 25.37 ? 34   CYS A N   1 
ATOM   299  C CA  . CYS A 1 39  ? -10.091 -6.569  3.700   1.00 26.18 ? 34   CYS A CA  1 
ATOM   300  C C   . CYS A 1 39  ? -9.291  -7.268  4.774   1.00 24.89 ? 34   CYS A C   1 
ATOM   301  O O   . CYS A 1 39  ? -8.193  -6.834  5.117   1.00 24.14 ? 34   CYS A O   1 
ATOM   302  C CB  . CYS A 1 39  ? -11.209 -5.787  4.385   1.00 26.94 ? 34   CYS A CB  1 
ATOM   303  S SG  . CYS A 1 39  ? -11.892 -4.519  3.347   1.00 33.53 ? 34   CYS A SG  1 
ATOM   304  N N   . ARG A 1 40  ? -9.852  -8.353  5.295   1.00 24.15 ? 35   ARG A N   1 
ATOM   305  C CA  . ARG A 1 40  ? -9.224  -9.080  6.383   1.00 24.07 ? 35   ARG A CA  1 
ATOM   306  C C   . ARG A 1 40  ? -7.884  -9.661  5.920   1.00 23.59 ? 35   ARG A C   1 
ATOM   307  O O   . ARG A 1 40  ? -6.871  -9.541  6.608   1.00 21.68 ? 35   ARG A O   1 
ATOM   308  C CB  . ARG A 1 40  ? -10.158 -10.180 6.863   1.00 24.46 ? 35   ARG A CB  1 
ATOM   309  C CG  . ARG A 1 40  ? -9.710  -10.836 8.139   1.00 25.49 ? 35   ARG A CG  1 
ATOM   310  C CD  . ARG A 1 40  ? -10.631 -11.930 8.552   1.00 26.51 ? 35   ARG A CD  1 
ATOM   311  N NE  . ARG A 1 40  ? -11.127 -12.725 7.427   1.00 28.86 ? 35   ARG A NE  1 
ATOM   312  C CZ  . ARG A 1 40  ? -10.401 -13.553 6.670   1.00 29.14 ? 35   ARG A CZ  1 
ATOM   313  N NH1 . ARG A 1 40  ? -9.100  -13.730 6.870   1.00 29.54 ? 35   ARG A NH1 1 
ATOM   314  N NH2 . ARG A 1 40  ? -11.002 -14.225 5.700   1.00 30.26 ? 35   ARG A NH2 1 
ATOM   315  N N   . VAL A 1 41  ? -7.892  -10.257 4.731   1.00 23.16 ? 36   VAL A N   1 
ATOM   316  C CA  . VAL A 1 41  ? -6.704  -10.900 4.172   1.00 23.93 ? 36   VAL A CA  1 
ATOM   317  C C   . VAL A 1 41  ? -5.620  -9.874  3.852   1.00 23.83 ? 36   VAL A C   1 
ATOM   318  O O   . VAL A 1 41  ? -4.445  -10.086 4.174   1.00 22.88 ? 36   VAL A O   1 
ATOM   319  C CB  . VAL A 1 41  ? -7.068  -11.788 2.934   1.00 23.82 ? 36   VAL A CB  1 
ATOM   320  C CG1 . VAL A 1 41  ? -5.818  -12.278 2.210   1.00 25.09 ? 36   VAL A CG1 1 
ATOM   321  C CG2 . VAL A 1 41  ? -7.912  -12.974 3.387   1.00 24.33 ? 36   VAL A CG2 1 
ATOM   322  N N   . LEU A 1 42  ? -6.015  -8.763  3.230   1.00 24.57 ? 37   LEU A N   1 
ATOM   323  C CA  . LEU A 1 42  ? -5.091  -7.664  2.971   1.00 25.22 ? 37   LEU A CA  1 
ATOM   324  C C   . LEU A 1 42  ? -4.481  -7.163  4.272   1.00 25.81 ? 37   LEU A C   1 
ATOM   325  O O   . LEU A 1 42  ? -3.263  -7.032  4.384   1.00 25.58 ? 37   LEU A O   1 
ATOM   326  C CB  . LEU A 1 42  ? -5.780  -6.511  2.235   1.00 25.14 ? 37   LEU A CB  1 
ATOM   327  C CG  . LEU A 1 42  ? -4.906  -5.276  1.981   1.00 25.27 ? 37   LEU A CG  1 
ATOM   328  C CD1 . LEU A 1 42  ? -3.619  -5.616  1.250   1.00 26.01 ? 37   LEU A CD1 1 
ATOM   329  C CD2 . LEU A 1 42  ? -5.679  -4.246  1.214   1.00 26.46 ? 37   LEU A CD2 1 
ATOM   330  N N   . GLN A 1 43  ? -5.333  -6.895  5.252   1.00 26.69 ? 38   GLN A N   1 
ATOM   331  C CA  . GLN A 1 43  ? -4.880  -6.459  6.576   1.00 27.83 ? 38   GLN A CA  1 
ATOM   332  C C   . GLN A 1 43  ? -3.853  -7.405  7.204   1.00 27.71 ? 38   GLN A C   1 
ATOM   333  O O   . GLN A 1 43  ? -2.850  -6.947  7.729   1.00 28.29 ? 38   GLN A O   1 
ATOM   334  C CB  . GLN A 1 43  ? -6.071  -6.264  7.524   1.00 27.93 ? 38   GLN A CB  1 
ATOM   335  C CG  . GLN A 1 43  ? -6.785  -4.924  7.315   1.00 29.17 ? 38   GLN A CG  1 
ATOM   336  C CD  . GLN A 1 43  ? -8.143  -4.845  8.003   1.00 29.35 ? 38   GLN A CD  1 
ATOM   337  O OE1 . GLN A 1 43  ? -8.389  -5.513  9.018   1.00 31.76 ? 38   GLN A OE1 1 
ATOM   338  N NE2 . GLN A 1 43  ? -9.042  -4.038  7.434   1.00 29.42 ? 38   GLN A NE2 1 
ATOM   339  N N   . ARG A 1 44  ? -4.093  -8.714  7.137   1.00 27.54 ? 39   ARG A N   1 
ATOM   340  C CA  . ARG A 1 44  ? -3.172  -9.699  7.718   1.00 26.85 ? 39   ARG A CA  1 
ATOM   341  C C   . ARG A 1 44  ? -1.835  -9.692  6.985   1.00 26.20 ? 39   ARG A C   1 
ATOM   342  O O   . ARG A 1 44  ? -0.781  -9.589  7.604   1.00 25.55 ? 39   ARG A O   1 
ATOM   343  C CB  . ARG A 1 44  ? -3.797  -11.105 7.718   1.00 27.40 ? 39   ARG A CB  1 
ATOM   344  C CG  . ARG A 1 44  ? -2.881  -12.220 8.256   1.00 28.47 ? 39   ARG A CG  1 
ATOM   345  C CD  . ARG A 1 44  ? -3.577  -13.220 9.174   1.00 31.90 ? 39   ARG A CD  1 
ATOM   346  N NE  . ARG A 1 44  ? -4.007  -14.443 8.487   1.00 34.27 ? 39   ARG A NE  1 
ATOM   347  C CZ  . ARG A 1 44  ? -3.784  -15.697 8.896   1.00 33.08 ? 39   ARG A CZ  1 
ATOM   348  N NH1 . ARG A 1 44  ? -3.126  -15.970 10.025  1.00 34.17 ? 39   ARG A NH1 1 
ATOM   349  N NH2 . ARG A 1 44  ? -4.248  -16.707 8.166   1.00 33.52 ? 39   ARG A NH2 1 
ATOM   350  N N   . VAL A 1 45  ? -1.883  -9.755  5.657   1.00 25.93 ? 40   VAL A N   1 
ATOM   351  C CA  . VAL A 1 45  ? -0.669  -9.891  4.859   1.00 25.06 ? 40   VAL A CA  1 
ATOM   352  C C   . VAL A 1 45  ? 0.121   -8.581  4.787   1.00 24.87 ? 40   VAL A C   1 
ATOM   353  O O   . VAL A 1 45  ? 1.346   -8.593  4.943   1.00 24.92 ? 40   VAL A O   1 
ATOM   354  C CB  . VAL A 1 45  ? -0.985  -10.438 3.442   1.00 25.15 ? 40   VAL A CB  1 
ATOM   355  C CG1 . VAL A 1 45  ? 0.287   -10.549 2.610   1.00 25.91 ? 40   VAL A CG1 1 
ATOM   356  C CG2 . VAL A 1 45  ? -1.636  -11.804 3.560   1.00 25.80 ? 40   VAL A CG2 1 
ATOM   357  N N   . ALA A 1 46  ? -0.569  -7.460  4.554   1.00 23.88 ? 41   ALA A N   1 
ATOM   358  C CA  . ALA A 1 46  ? 0.104   -6.153  4.424   1.00 23.67 ? 41   ALA A CA  1 
ATOM   359  C C   . ALA A 1 46  ? 0.758   -5.702  5.724   1.00 23.31 ? 41   ALA A C   1 
ATOM   360  O O   . ALA A 1 46  ? 1.783   -5.016  5.720   1.00 22.73 ? 41   ALA A O   1 
ATOM   361  C CB  . ALA A 1 46  ? -0.874  -5.091  3.955   1.00 23.28 ? 41   ALA A CB  1 
ATOM   362  N N   . PHE A 1 47  ? 0.143   -6.068  6.836   1.00 23.54 ? 42   PHE A N   1 
ATOM   363  C CA  . PHE A 1 47  ? 0.689   -5.742  8.148   1.00 23.86 ? 42   PHE A CA  1 
ATOM   364  C C   . PHE A 1 47  ? 2.023   -6.486  8.372   1.00 23.99 ? 42   PHE A C   1 
ATOM   365  O O   . PHE A 1 47  ? 3.022   -5.880  8.781   1.00 23.39 ? 42   PHE A O   1 
ATOM   366  C CB  . PHE A 1 47  ? -0.348  -6.084  9.210   1.00 24.01 ? 42   PHE A CB  1 
ATOM   367  C CG  . PHE A 1 47  ? -0.004  -5.601  10.569  1.00 24.40 ? 42   PHE A CG  1 
ATOM   368  C CD1 . PHE A 1 47  ? 0.190   -4.247  10.806  1.00 25.50 ? 42   PHE A CD1 1 
ATOM   369  C CD2 . PHE A 1 47  ? 0.106   -6.489  11.625  1.00 24.07 ? 42   PHE A CD2 1 
ATOM   370  C CE1 . PHE A 1 47  ? 0.508   -3.803  12.084  1.00 25.51 ? 42   PHE A CE1 1 
ATOM   371  C CE2 . PHE A 1 47  ? 0.419   -6.046  12.884  1.00 23.93 ? 42   PHE A CE2 1 
ATOM   372  C CZ  . PHE A 1 47  ? 0.611   -4.705  13.114  1.00 24.50 ? 42   PHE A CZ  1 
ATOM   373  N N   . SER A 1 48  ? 2.057   -7.775  8.051   1.00 24.36 ? 43   SER A N   1 
ATOM   374  C CA  . SER A 1 48  ? 3.297   -8.553  8.194   1.00 24.91 ? 43   SER A CA  1 
ATOM   375  C C   . SER A 1 48  ? 4.380   -8.074  7.234   1.00 24.54 ? 43   SER A C   1 
ATOM   376  O O   . SER A 1 48  ? 5.560   -8.115  7.552   1.00 23.91 ? 43   SER A O   1 
ATOM   377  C CB  . SER A 1 48  ? 3.046   -10.049 7.958   1.00 25.54 ? 43   SER A CB  1 
ATOM   378  O OG  . SER A 1 48  ? 2.597   -10.247 6.627   1.00 29.82 ? 43   SER A OG  1 
ATOM   379  N N   . VAL A 1 49  ? 3.971   -7.640  6.046   1.00 24.46 ? 44   VAL A N   1 
ATOM   380  C CA  . VAL A 1 49  ? 4.898   -7.088  5.089   1.00 24.57 ? 44   VAL A CA  1 
ATOM   381  C C   . VAL A 1 49  ? 5.436   -5.758  5.583   1.00 24.31 ? 44   VAL A C   1 
ATOM   382  O O   . VAL A 1 49  ? 6.641   -5.519  5.510   1.00 23.47 ? 44   VAL A O   1 
ATOM   383  C CB  . VAL A 1 49  ? 4.254   -6.909  3.709   1.00 24.76 ? 44   VAL A CB  1 
ATOM   384  C CG1 . VAL A 1 49  ? 5.145   -6.067  2.806   1.00 26.23 ? 44   VAL A CG1 1 
ATOM   385  C CG2 . VAL A 1 49  ? 3.987   -8.269  3.098   1.00 24.91 ? 44   VAL A CG2 1 
ATOM   386  N N   . GLN A 1 50  ? 4.553   -4.902  6.091   1.00 23.96 ? 45   GLN A N   1 
ATOM   387  C CA  . GLN A 1 50  ? 4.977   -3.633  6.650   1.00 24.49 ? 45   GLN A CA  1 
ATOM   388  C C   . GLN A 1 50  ? 6.075   -3.800  7.716   1.00 24.88 ? 45   GLN A C   1 
ATOM   389  O O   . GLN A 1 50  ? 7.070   -3.064  7.712   1.00 24.43 ? 45   GLN A O   1 
ATOM   390  C CB  . GLN A 1 50  ? 3.779   -2.821  7.177   1.00 24.72 ? 45   GLN A CB  1 
ATOM   391  C CG  . GLN A 1 50  ? 4.190   -1.497  7.820   1.00 24.96 ? 45   GLN A CG  1 
ATOM   392  C CD  . GLN A 1 50  ? 3.054   -0.497  7.984   1.00 25.61 ? 45   GLN A CD  1 
ATOM   393  O OE1 . GLN A 1 50  ? 1.996   -0.612  7.347   1.00 26.87 ? 45   GLN A OE1 1 
ATOM   394  N NE2 . GLN A 1 50  ? 3.278   0.507   8.834   1.00 24.86 ? 45   GLN A NE2 1 
ATOM   395  N N   . LYS A 1 51  ? 5.917   -4.777  8.604   1.00 25.54 ? 46   LYS A N   1 
ATOM   396  C CA  . LYS A 1 51  ? 6.931   -5.042  9.613   1.00 25.89 ? 46   LYS A CA  1 
ATOM   397  C C   . LYS A 1 51  ? 8.254   -5.504  8.990   1.00 25.91 ? 46   LYS A C   1 
ATOM   398  O O   . LYS A 1 51  ? 9.331   -5.091  9.426   1.00 25.16 ? 46   LYS A O   1 
ATOM   399  C CB  . LYS A 1 51  ? 6.407   -6.047  10.645  1.00 26.28 ? 46   LYS A CB  1 
ATOM   400  C CG  . LYS A 1 51  ? 5.241   -5.464  11.435  1.00 26.49 ? 46   LYS A CG  1 
ATOM   401  C CD  . LYS A 1 51  ? 4.924   -6.191  12.706  1.00 28.08 ? 46   LYS A CD  1 
ATOM   402  C CE  . LYS A 1 51  ? 3.857   -7.231  12.479  1.00 30.33 ? 46   LYS A CE  1 
ATOM   403  N NZ  . LYS A 1 51  ? 3.493   -7.925  13.739  1.00 30.67 ? 46   LYS A NZ  1 
ATOM   404  N N   . GLU A 1 52  ? 8.166   -6.347  7.967   1.00 26.32 ? 47   GLU A N   1 
ATOM   405  C CA  . GLU A 1 52  ? 9.347   -6.741  7.204   1.00 27.24 ? 47   GLU A CA  1 
ATOM   406  C C   . GLU A 1 52  ? 10.012  -5.535  6.530   1.00 26.19 ? 47   GLU A C   1 
ATOM   407  O O   . GLU A 1 52  ? 11.232  -5.418  6.544   1.00 25.96 ? 47   GLU A O   1 
ATOM   408  C CB  . GLU A 1 52  ? 8.997   -7.817  6.168   1.00 27.32 ? 47   GLU A CB  1 
ATOM   409  C CG  . GLU A 1 52  ? 10.124  -8.092  5.185   1.00 30.19 ? 47   GLU A CG  1 
ATOM   410  C CD  . GLU A 1 52  ? 10.123  -9.509  4.653   1.00 30.49 ? 47   GLU A CD  1 
ATOM   411  O OE1 . GLU A 1 52  ? 9.028   -10.110 4.555   1.00 33.23 ? 47   GLU A OE1 1 
ATOM   412  O OE2 . GLU A 1 52  ? 11.233  -10.010 4.345   1.00 35.96 ? 47   GLU A OE2 1 
ATOM   413  N N   . VAL A 1 53  ? 9.217   -4.649  5.942   1.00 25.67 ? 48   VAL A N   1 
ATOM   414  C CA  . VAL A 1 53  ? 9.755   -3.392  5.383   1.00 25.69 ? 48   VAL A CA  1 
ATOM   415  C C   . VAL A 1 53  ? 10.465  -2.568  6.458   1.00 25.80 ? 48   VAL A C   1 
ATOM   416  O O   . VAL A 1 53  ? 11.592  -2.090  6.261   1.00 25.98 ? 48   VAL A O   1 
ATOM   417  C CB  . VAL A 1 53  ? 8.643   -2.523  4.760   1.00 25.56 ? 48   VAL A CB  1 
ATOM   418  C CG1 . VAL A 1 53  ? 9.131   -1.066  4.498   1.00 24.96 ? 48   VAL A CG1 1 
ATOM   419  C CG2 . VAL A 1 53  ? 8.121   -3.161  3.494   1.00 25.00 ? 48   VAL A CG2 1 
ATOM   420  N N   . GLU A 1 54  ? 9.789   -2.400  7.586   1.00 25.93 ? 49   GLU A N   1 
ATOM   421  C CA  . GLU A 1 54  ? 10.296  -1.570  8.676   1.00 26.25 ? 49   GLU A CA  1 
ATOM   422  C C   . GLU A 1 54  ? 11.590  -2.147  9.295   1.00 26.17 ? 49   GLU A C   1 
ATOM   423  O O   . GLU A 1 54  ? 12.528  -1.407  9.578   1.00 25.93 ? 49   GLU A O   1 
ATOM   424  C CB  . GLU A 1 54  ? 9.188   -1.346  9.715   1.00 26.39 ? 49   GLU A CB  1 
ATOM   425  C CG  . GLU A 1 54  ? 8.050   -0.440  9.180   1.00 26.83 ? 49   GLU A CG  1 
ATOM   426  C CD  . GLU A 1 54  ? 6.848   -0.326  10.110  1.00 28.32 ? 49   GLU A CD  1 
ATOM   427  O OE1 . GLU A 1 54  ? 6.112   0.690   10.028  1.00 31.46 ? 49   GLU A OE1 1 
ATOM   428  O OE2 . GLU A 1 54  ? 6.635   -1.248  10.920  1.00 32.90 ? 49   GLU A OE2 1 
ATOM   429  N N   . LYS A 1 55  ? 11.657  -3.466  9.449   1.00 26.10 ? 50   LYS A N   1 
ATOM   430  C CA  . LYS A 1 55  ? 12.877  -4.120  9.915   1.00 26.23 ? 50   LYS A CA  1 
ATOM   431  C C   . LYS A 1 55  ? 14.010  -4.005  8.880   1.00 26.21 ? 50   LYS A C   1 
ATOM   432  O O   . LYS A 1 55  ? 15.111  -3.529  9.197   1.00 25.86 ? 50   LYS A O   1 
ATOM   433  C CB  . LYS A 1 55  ? 12.611  -5.599  10.219  1.00 26.06 ? 50   LYS A CB  1 
ATOM   434  C CG  . LYS A 1 55  ? 13.858  -6.396  10.555  1.00 27.00 ? 50   LYS A CG  1 
ATOM   435  C CD  . LYS A 1 55  ? 13.533  -7.789  11.075  1.00 27.47 ? 50   LYS A CD  1 
ATOM   436  C CE  . LYS A 1 55  ? 14.821  -8.607  11.279  1.00 28.68 ? 50   LYS A CE  1 
ATOM   437  N NZ  . LYS A 1 55  ? 14.680  -9.618  12.350  1.00 29.77 ? 50   LYS A NZ  1 
ATOM   438  N N   . ASN A 1 56  ? 13.722  -4.440  7.652   1.00 26.10 ? 51   ASN A N   1 
ATOM   439  C CA  . ASN A 1 56  ? 14.737  -4.527  6.590   1.00 26.24 ? 51   ASN A CA  1 
ATOM   440  C C   . ASN A 1 56  ? 15.328  -3.184  6.157   1.00 25.89 ? 51   ASN A C   1 
ATOM   441  O O   . ASN A 1 56  ? 16.492  -3.120  5.789   1.00 25.86 ? 51   ASN A O   1 
ATOM   442  C CB  . ASN A 1 56  ? 14.153  -5.201  5.345   1.00 26.40 ? 51   ASN A CB  1 
ATOM   443  C CG  . ASN A 1 56  ? 13.925  -6.685  5.512   1.00 27.35 ? 51   ASN A CG  1 
ATOM   444  O OD1 . ASN A 1 56  ? 14.116  -7.264  6.589   1.00 30.18 ? 51   ASN A OD1 1 
ATOM   445  N ND2 . ASN A 1 56  ? 13.511  -7.319  4.424   1.00 30.30 ? 51   ASN A ND2 1 
ATOM   446  N N   . LEU A 1 57  ? 14.515  -2.129  6.178   1.00 25.82 ? 52   LEU A N   1 
ATOM   447  C CA  . LEU A 1 57  ? 14.920  -0.806  5.690   1.00 26.13 ? 52   LEU A CA  1 
ATOM   448  C C   . LEU A 1 57  ? 15.090  0.213   6.822   1.00 26.11 ? 52   LEU A C   1 
ATOM   449  O O   . LEU A 1 57  ? 15.111  1.427   6.571   1.00 25.84 ? 52   LEU A O   1 
ATOM   450  C CB  . LEU A 1 57  ? 13.903  -0.278  4.672   1.00 26.37 ? 52   LEU A CB  1 
ATOM   451  C CG  . LEU A 1 57  ? 13.692  -1.076  3.389   1.00 27.62 ? 52   LEU A CG  1 
ATOM   452  C CD1 . LEU A 1 57  ? 13.195  -2.498  3.652   1.00 30.33 ? 52   LEU A CD1 1 
ATOM   453  C CD2 . LEU A 1 57  ? 12.716  -0.385  2.469   1.00 26.69 ? 52   LEU A CD2 1 
ATOM   454  N N   . LYS A 1 58  ? 15.239  -0.277  8.054   1.00 26.20 ? 53   LYS A N   1 
ATOM   455  C CA  . LYS A 1 58  ? 15.317  0.590   9.239   1.00 27.20 ? 53   LYS A CA  1 
ATOM   456  C C   . LYS A 1 58  ? 16.346  1.708   9.101   1.00 27.08 ? 53   LYS A C   1 
ATOM   457  O O   . LYS A 1 58  ? 16.062  2.855   9.464   1.00 26.83 ? 53   LYS A O   1 
ATOM   458  C CB  . LYS A 1 58  ? 15.620  -0.216  10.508  1.00 27.12 ? 53   LYS A CB  1 
ATOM   459  C CG  . LYS A 1 58  ? 15.567  0.617   11.768  1.00 27.70 ? 53   LYS A CG  1 
ATOM   460  C CD  . LYS A 1 58  ? 15.909  -0.193  13.003  1.00 28.21 ? 53   LYS A CD  1 
ATOM   461  C CE  . LYS A 1 58  ? 15.968  0.699   14.248  1.00 29.59 ? 53   LYS A CE  1 
ATOM   462  N NZ  . LYS A 1 58  ? 17.113  1.680   14.223  1.00 31.87 ? 53   LYS A NZ  1 
ATOM   463  N N   . SER A 1 59  ? 17.529  1.379   8.584   1.00 27.40 ? 54   SER A N   1 
ATOM   464  C CA  . SER A 1 59  ? 18.593  2.380   8.443   1.00 28.32 ? 54   SER A CA  1 
ATOM   465  C C   . SER A 1 59  ? 18.204  3.512   7.465   1.00 28.47 ? 54   SER A C   1 
ATOM   466  O O   . SER A 1 59  ? 18.591  4.663   7.675   1.00 29.14 ? 54   SER A O   1 
ATOM   467  C CB  . SER A 1 59  ? 19.935  1.728   8.058   1.00 28.49 ? 54   SER A CB  1 
ATOM   468  O OG  . SER A 1 59  ? 19.807  0.911   6.906   1.00 30.22 ? 54   SER A OG  1 
ATOM   469  N N   . TYR A 1 60  ? 17.424  3.192   6.431   1.00 28.23 ? 55   TYR A N   1 
ATOM   470  C CA  . TYR A 1 60  ? 16.899  4.203   5.518   1.00 28.28 ? 55   TYR A CA  1 
ATOM   471  C C   . TYR A 1 60  ? 15.768  4.982   6.177   1.00 27.47 ? 55   TYR A C   1 
ATOM   472  O O   . TYR A 1 60  ? 15.765  6.216   6.185   1.00 27.07 ? 55   TYR A O   1 
ATOM   473  C CB  . TYR A 1 60  ? 16.358  3.580   4.230   1.00 29.06 ? 55   TYR A CB  1 
ATOM   474  C CG  . TYR A 1 60  ? 17.357  2.774   3.439   1.00 30.59 ? 55   TYR A CG  1 
ATOM   475  C CD1 . TYR A 1 60  ? 17.285  1.377   3.403   1.00 32.51 ? 55   TYR A CD1 1 
ATOM   476  C CD2 . TYR A 1 60  ? 18.360  3.394   2.716   1.00 32.31 ? 55   TYR A CD2 1 
ATOM   477  C CE1 . TYR A 1 60  ? 18.186  0.640   2.670   1.00 33.05 ? 55   TYR A CE1 1 
ATOM   478  C CE2 . TYR A 1 60  ? 19.277  2.657   1.977   1.00 31.84 ? 55   TYR A CE2 1 
ATOM   479  C CZ  . TYR A 1 60  ? 19.184  1.289   1.958   1.00 31.57 ? 55   TYR A CZ  1 
ATOM   480  O OH  . TYR A 1 60  ? 20.085  0.544   1.231   1.00 33.02 ? 55   TYR A OH  1 
ATOM   481  N N   . LEU A 1 61  ? 14.814  4.260   6.746   1.00 26.66 ? 56   LEU A N   1 
ATOM   482  C CA  . LEU A 1 61  ? 13.610  4.889   7.288   1.00 26.80 ? 56   LEU A CA  1 
ATOM   483  C C   . LEU A 1 61  ? 13.907  5.775   8.507   1.00 26.76 ? 56   LEU A C   1 
ATOM   484  O O   . LEU A 1 61  ? 13.215  6.768   8.736   1.00 26.72 ? 56   LEU A O   1 
ATOM   485  C CB  . LEU A 1 61  ? 12.567  3.833   7.645   1.00 26.60 ? 56   LEU A CB  1 
ATOM   486  C CG  . LEU A 1 61  ? 12.129  2.940   6.494   1.00 27.26 ? 56   LEU A CG  1 
ATOM   487  C CD1 . LEU A 1 61  ? 11.296  1.806   7.056   1.00 28.42 ? 56   LEU A CD1 1 
ATOM   488  C CD2 . LEU A 1 61  ? 11.375  3.734   5.423   1.00 27.93 ? 56   LEU A CD2 1 
ATOM   489  N N   . ASP A 1 62  ? 14.947  5.441   9.265   1.00 26.78 ? 57   ASP A N   1 
ATOM   490  C CA  . ASP A 1 62  ? 15.372  6.301   10.371  1.00 26.89 ? 57   ASP A CA  1 
ATOM   491  C C   . ASP A 1 62  ? 15.790  7.705   9.903   1.00 26.72 ? 57   ASP A C   1 
ATOM   492  O O   . ASP A 1 62  ? 15.782  8.645   10.700  1.00 26.96 ? 57   ASP A O   1 
ATOM   493  C CB  . ASP A 1 62  ? 16.511  5.656   11.161  1.00 26.76 ? 57   ASP A CB  1 
ATOM   494  C CG  . ASP A 1 62  ? 16.033  4.573   12.107  1.00 27.21 ? 57   ASP A CG  1 
ATOM   495  O OD1 . ASP A 1 62  ? 14.810  4.341   12.222  1.00 29.87 ? 57   ASP A OD1 1 
ATOM   496  O OD2 . ASP A 1 62  ? 16.894  3.950   12.740  1.00 29.23 ? 57   ASP A OD2 1 
ATOM   497  N N   . ASP A 1 63  ? 16.159  7.824   8.628   1.00 26.49 ? 58   ASP A N   1 
ATOM   498  C CA  . ASP A 1 63  ? 16.559  9.098   8.027   1.00 26.55 ? 58   ASP A CA  1 
ATOM   499  C C   . ASP A 1 63  ? 15.505  9.763   7.149   1.00 25.94 ? 58   ASP A C   1 
ATOM   500  O O   . ASP A 1 63  ? 15.787  10.797  6.528   1.00 25.72 ? 58   ASP A O   1 
ATOM   501  C CB  . ASP A 1 63  ? 17.831  8.910   7.203   1.00 27.11 ? 58   ASP A CB  1 
ATOM   502  C CG  . ASP A 1 63  ? 19.067  8.946   8.051   1.00 27.49 ? 58   ASP A CG  1 
ATOM   503  O OD1 . ASP A 1 63  ? 19.121  9.784   8.974   1.00 29.13 ? 58   ASP A OD1 1 
ATOM   504  O OD2 . ASP A 1 63  ? 19.983  8.136   7.795   1.00 31.53 ? 58   ASP A OD2 1 
ATOM   505  N N   . PHE A 1 64  ? 14.311  9.180   7.093   1.00 25.01 ? 59   PHE A N   1 
ATOM   506  C CA  . PHE A 1 64  ? 13.168  9.832   6.451   1.00 24.27 ? 59   PHE A CA  1 
ATOM   507  C C   . PHE A 1 64  ? 12.673  11.021  7.272   1.00 24.08 ? 59   PHE A C   1 
ATOM   508  O O   . PHE A 1 64  ? 12.627  10.977  8.507   1.00 23.90 ? 59   PHE A O   1 
ATOM   509  C CB  . PHE A 1 64  ? 12.005  8.850   6.263   1.00 24.32 ? 59   PHE A CB  1 
ATOM   510  C CG  . PHE A 1 64  ? 12.092  8.022   5.017   1.00 24.27 ? 59   PHE A CG  1 
ATOM   511  C CD1 . PHE A 1 64  ? 13.317  7.659   4.464   1.00 24.48 ? 59   PHE A CD1 1 
ATOM   512  C CD2 . PHE A 1 64  ? 10.933  7.539   4.427   1.00 24.48 ? 59   PHE A CD2 1 
ATOM   513  C CE1 . PHE A 1 64  ? 13.364  6.866   3.310   1.00 25.44 ? 59   PHE A CE1 1 
ATOM   514  C CE2 . PHE A 1 64  ? 10.982  6.750   3.290   1.00 25.13 ? 59   PHE A CE2 1 
ATOM   515  C CZ  . PHE A 1 64  ? 12.187  6.416   2.731   1.00 24.19 ? 59   PHE A CZ  1 
ATOM   516  N N   . HIS A 1 65  ? 12.297  12.086  6.572   1.00 23.66 ? 60   HIS A N   1 
ATOM   517  C CA  . HIS A 1 65  ? 11.678  13.244  7.205   1.00 22.94 ? 60   HIS A CA  1 
ATOM   518  C C   . HIS A 1 65  ? 10.302  13.497  6.600   1.00 22.87 ? 60   HIS A C   1 
ATOM   519  O O   . HIS A 1 65  ? 10.162  14.277  5.680   1.00 23.32 ? 60   HIS A O   1 
ATOM   520  C CB  . HIS A 1 65  ? 12.617  14.443  7.092   1.00 23.21 ? 60   HIS A CB  1 
ATOM   521  C CG  . HIS A 1 65  ? 13.992  14.146  7.594   1.00 21.55 ? 60   HIS A CG  1 
ATOM   522  N ND1 . HIS A 1 65  ? 14.237  13.830  8.912   1.00 22.75 ? 60   HIS A ND1 1 
ATOM   523  C CD2 . HIS A 1 65  ? 15.180  14.050  6.954   1.00 22.90 ? 60   HIS A CD2 1 
ATOM   524  C CE1 . HIS A 1 65  ? 15.528  13.584  9.069   1.00 23.05 ? 60   HIS A CE1 1 
ATOM   525  N NE2 . HIS A 1 65  ? 16.119  13.701  7.893   1.00 22.27 ? 60   HIS A NE2 1 
ATOM   526  N N   . VAL A 1 66  ? 9.295   12.802  7.127   1.00 22.79 ? 61   VAL A N   1 
ATOM   527  C CA  . VAL A 1 66  ? 7.918   12.874  6.616   1.00 22.69 ? 61   VAL A CA  1 
ATOM   528  C C   . VAL A 1 66  ? 7.126   13.888  7.469   1.00 22.75 ? 61   VAL A C   1 
ATOM   529  O O   . VAL A 1 66  ? 6.359   13.516  8.365   1.00 22.15 ? 61   VAL A O   1 
ATOM   530  C CB  . VAL A 1 66  ? 7.254   11.479  6.654   1.00 22.77 ? 61   VAL A CB  1 
ATOM   531  C CG1 . VAL A 1 66  ? 5.854   11.510  5.991   1.00 23.32 ? 61   VAL A CG1 1 
ATOM   532  C CG2 . VAL A 1 66  ? 8.162   10.443  5.983   1.00 23.07 ? 61   VAL A CG2 1 
ATOM   533  N N   . GLU A 1 67  ? 7.342   15.172  7.201   1.00 22.59 ? 62   GLU A N   1 
ATOM   534  C CA  . GLU A 1 67  ? 6.841   16.228  8.071   1.00 22.84 ? 62   GLU A CA  1 
ATOM   535  C C   . GLU A 1 67  ? 5.446   16.718  7.675   1.00 22.66 ? 62   GLU A C   1 
ATOM   536  O O   . GLU A 1 67  ? 4.793   17.436  8.448   1.00 21.38 ? 62   GLU A O   1 
ATOM   537  C CB  . GLU A 1 67  ? 7.863   17.402  8.142   1.00 23.35 ? 62   GLU A CB  1 
ATOM   538  C CG  . GLU A 1 67  ? 7.595   18.649  7.260   1.00 25.83 ? 62   GLU A CG  1 
ATOM   539  C CD  . GLU A 1 67  ? 7.515   18.355  5.754   1.00 28.17 ? 62   GLU A CD  1 
ATOM   540  O OE1 . GLU A 1 67  ? 7.983   17.290  5.320   1.00 29.84 ? 62   GLU A OE1 1 
ATOM   541  O OE2 . GLU A 1 67  ? 6.996   19.214  5.000   1.00 31.00 ? 62   GLU A OE2 1 
ATOM   542  N N   . SER A 1 68  ? 5.005   16.349  6.464   1.00 21.89 ? 63   SER A N   1 
ATOM   543  C CA  . SER A 1 68  ? 3.733   16.812  5.945   1.00 21.64 ? 63   SER A CA  1 
ATOM   544  C C   . SER A 1 68  ? 3.149   15.789  4.984   1.00 21.16 ? 63   SER A C   1 
ATOM   545  O O   . SER A 1 68  ? 3.842   14.885  4.490   1.00 19.91 ? 63   SER A O   1 
ATOM   546  C CB  . SER A 1 68  ? 3.879   18.165  5.225   1.00 22.31 ? 63   SER A CB  1 
ATOM   547  O OG  . SER A 1 68  ? 4.522   18.020  3.965   1.00 22.30 ? 63   SER A OG  1 
ATOM   548  N N   . ILE A 1 69  ? 1.860   15.949  4.718   1.00 21.46 ? 64   ILE A N   1 
ATOM   549  C CA  . ILE A 1 69  ? 1.183   15.119  3.733   1.00 22.07 ? 64   ILE A CA  1 
ATOM   550  C C   . ILE A 1 69  ? 1.852   15.277  2.355   1.00 22.43 ? 64   ILE A C   1 
ATOM   551  O O   . ILE A 1 69  ? 2.055   14.292  1.650   1.00 22.04 ? 64   ILE A O   1 
ATOM   552  C CB  . ILE A 1 69  ? -0.314  15.443  3.640   1.00 22.28 ? 64   ILE A CB  1 
ATOM   553  C CG1 . ILE A 1 69  ? -1.007  15.108  4.957   1.00 23.17 ? 64   ILE A CG1 1 
ATOM   554  C CG2 . ILE A 1 69  ? -0.952  14.635  2.525   1.00 23.31 ? 64   ILE A CG2 1 
ATOM   555  C CD1 . ILE A 1 69  ? -2.259  15.884  5.202   1.00 23.89 ? 64   ILE A CD1 1 
ATOM   556  N N   . ASP A 1 70  ? 2.222   16.500  1.985   1.00 22.65 ? 65   ASP A N   1 
ATOM   557  C CA  . ASP A 1 70  ? 2.844   16.712  0.672   1.00 23.18 ? 65   ASP A CA  1 
ATOM   558  C C   . ASP A 1 70  ? 4.202   16.013  0.567   1.00 22.68 ? 65   ASP A C   1 
ATOM   559  O O   . ASP A 1 70  ? 4.512   15.399  -0.466  1.00 21.79 ? 65   ASP A O   1 
ATOM   560  C CB  . ASP A 1 70  ? 2.966   18.201  0.330   1.00 24.39 ? 65   ASP A CB  1 
ATOM   561  C CG  . ASP A 1 70  ? 1.648   18.800  -0.138  1.00 27.57 ? 65   ASP A CG  1 
ATOM   562  O OD1 . ASP A 1 70  ? 0.730   18.022  -0.456  1.00 31.82 ? 65   ASP A OD1 1 
ATOM   563  O OD2 . ASP A 1 70  ? 1.533   20.045  -0.195  1.00 30.75 ? 65   ASP A OD2 1 
ATOM   564  N N   . THR A 1 71  ? 4.993   16.057  1.637   1.00 21.88 ? 66   THR A N   1 
ATOM   565  C CA  . THR A 1 71  ? 6.257   15.325  1.632   1.00 21.69 ? 66   THR A CA  1 
ATOM   566  C C   . THR A 1 71  ? 6.030   13.808  1.510   1.00 21.18 ? 66   THR A C   1 
ATOM   567  O O   . THR A 1 71  ? 6.738   13.133  0.770   1.00 20.86 ? 66   THR A O   1 
ATOM   568  C CB  . THR A 1 71  ? 7.115   15.655  2.845   1.00 21.35 ? 66   THR A CB  1 
ATOM   569  O OG1 . THR A 1 71  ? 7.458   17.034  2.784   1.00 21.55 ? 66   THR A OG1 1 
ATOM   570  C CG2 . THR A 1 71  ? 8.403   14.833  2.845   1.00 22.40 ? 66   THR A CG2 1 
ATOM   571  N N   . ALA A 1 72  ? 5.029   13.291  2.221   1.00 21.05 ? 67   ALA A N   1 
ATOM   572  C CA  . ALA A 1 72  ? 4.665   11.875  2.141   1.00 21.19 ? 67   ALA A CA  1 
ATOM   573  C C   . ALA A 1 72  ? 4.317   11.489  0.704   1.00 21.44 ? 67   ALA A C   1 
ATOM   574  O O   . ALA A 1 72  ? 4.711   10.436  0.235   1.00 20.96 ? 67   ALA A O   1 
ATOM   575  C CB  . ALA A 1 72  ? 3.498   11.566  3.032   1.00 21.37 ? 67   ALA A CB  1 
ATOM   576  N N   . ARG A 1 73  ? 3.579   12.360  0.021   1.00 21.91 ? 68   ARG A N   1 
ATOM   577  C CA  . ARG A 1 73  ? 3.170   12.096  -1.352  1.00 22.64 ? 68   ARG A CA  1 
ATOM   578  C C   . ARG A 1 73  ? 4.365   12.061  -2.287  1.00 22.79 ? 68   ARG A C   1 
ATOM   579  O O   . ARG A 1 73  ? 4.458   11.177  -3.164  1.00 23.36 ? 68   ARG A O   1 
ATOM   580  C CB  . ARG A 1 73  ? 2.200   13.170  -1.811  1.00 22.97 ? 68   ARG A CB  1 
ATOM   581  C CG  . ARG A 1 73  ? 1.549   12.891  -3.115  1.00 25.69 ? 68   ARG A CG  1 
ATOM   582  C CD  . ARG A 1 73  ? 0.465   13.898  -3.322  1.00 29.45 ? 68   ARG A CD  1 
ATOM   583  N NE  . ARG A 1 73  ? -0.222  13.694  -4.586  1.00 32.45 ? 68   ARG A NE  1 
ATOM   584  C CZ  . ARG A 1 73  ? -1.531  13.566  -4.734  1.00 35.22 ? 68   ARG A CZ  1 
ATOM   585  N NH1 . ARG A 1 73  ? -2.350  13.589  -3.681  1.00 38.64 ? 68   ARG A NH1 1 
ATOM   586  N NH2 . ARG A 1 73  ? -2.031  13.430  -5.957  1.00 35.07 ? 68   ARG A NH2 1 
ATOM   587  N N   . ILE A 1 74  ? 5.257   13.032  -2.121  1.00 22.50 ? 69   ILE A N   1 
ATOM   588  C CA  . ILE A 1 74  ? 6.470   13.115  -2.927  1.00 22.21 ? 69   ILE A CA  1 
ATOM   589  C C   . ILE A 1 74  ? 7.326   11.858  -2.733  1.00 21.51 ? 69   ILE A C   1 
ATOM   590  O O   . ILE A 1 74  ? 7.770   11.262  -3.714  1.00 21.22 ? 69   ILE A O   1 
ATOM   591  C CB  . ILE A 1 74  ? 7.309   14.382  -2.591  1.00 22.37 ? 69   ILE A CB  1 
ATOM   592  C CG1 . ILE A 1 74  ? 6.577   15.662  -3.031  1.00 23.33 ? 69   ILE A CG1 1 
ATOM   593  C CG2 . ILE A 1 74  ? 8.711   14.305  -3.260  1.00 23.22 ? 69   ILE A CG2 1 
ATOM   594  C CD1 . ILE A 1 74  ? 7.178   16.957  -2.505  1.00 22.90 ? 69   ILE A CD1 1 
ATOM   595  N N   . ILE A 1 75  ? 7.559   11.477  -1.479  1.00 21.19 ? 70   ILE A N   1 
ATOM   596  C CA  . ILE A 1 75  ? 8.365   10.307  -1.169  1.00 21.11 ? 70   ILE A CA  1 
ATOM   597  C C   . ILE A 1 75  ? 7.699   9.039   -1.731  1.00 21.61 ? 70   ILE A C   1 
ATOM   598  O O   . ILE A 1 75  ? 8.364   8.214   -2.370  1.00 21.82 ? 70   ILE A O   1 
ATOM   599  C CB  . ILE A 1 75  ? 8.624   10.166  0.348   1.00 21.16 ? 70   ILE A CB  1 
ATOM   600  C CG1 . ILE A 1 75  ? 9.551   11.281  0.840   1.00 21.90 ? 70   ILE A CG1 1 
ATOM   601  C CG2 . ILE A 1 75  ? 9.195   8.790   0.667   1.00 20.91 ? 70   ILE A CG2 1 
ATOM   602  C CD1 . ILE A 1 75  ? 9.678   11.371  2.370   1.00 21.01 ? 70   ILE A CD1 1 
ATOM   603  N N   . PHE A 1 76  ? 6.393   8.902   -1.503  1.00 21.51 ? 71   PHE A N   1 
ATOM   604  C CA  . PHE A 1 76  ? 5.634   7.769   -2.030  1.00 22.13 ? 71   PHE A CA  1 
ATOM   605  C C   . PHE A 1 76  ? 5.848   7.628   -3.551  1.00 22.26 ? 71   PHE A C   1 
ATOM   606  O O   . PHE A 1 76  ? 6.305   6.594   -4.024  1.00 21.88 ? 71   PHE A O   1 
ATOM   607  C CB  . PHE A 1 76  ? 4.148   7.920   -1.691  1.00 22.36 ? 71   PHE A CB  1 
ATOM   608  C CG  . PHE A 1 76  ? 3.283   6.837   -2.260  1.00 22.58 ? 71   PHE A CG  1 
ATOM   609  C CD1 . PHE A 1 76  ? 3.195   5.599   -1.636  1.00 23.93 ? 71   PHE A CD1 1 
ATOM   610  C CD2 . PHE A 1 76  ? 2.579   7.048   -3.433  1.00 24.03 ? 71   PHE A CD2 1 
ATOM   611  C CE1 . PHE A 1 76  ? 2.394   4.576   -2.171  1.00 23.78 ? 71   PHE A CE1 1 
ATOM   612  C CE2 . PHE A 1 76  ? 1.764   6.050   -3.977  1.00 24.33 ? 71   PHE A CE2 1 
ATOM   613  C CZ  . PHE A 1 76  ? 1.678   4.802   -3.350  1.00 22.94 ? 71   PHE A CZ  1 
ATOM   614  N N   . ASN A 1 77  ? 5.607   8.700   -4.295  1.00 22.25 ? 72   ASN A N   1 
ATOM   615  C CA  . ASN A 1 77  ? 5.735   8.638   -5.759  1.00 22.93 ? 72   ASN A CA  1 
ATOM   616  C C   . ASN A 1 77  ? 7.144   8.318   -6.241  1.00 22.96 ? 72   ASN A C   1 
ATOM   617  O O   . ASN A 1 77  ? 7.315   7.508   -7.152  1.00 22.44 ? 72   ASN A O   1 
ATOM   618  C CB  . ASN A 1 77  ? 5.209   9.910   -6.399  1.00 23.32 ? 72   ASN A CB  1 
ATOM   619  C CG  . ASN A 1 77  ? 3.697   9.923   -6.463  1.00 25.11 ? 72   ASN A CG  1 
ATOM   620  O OD1 . ASN A 1 77  ? 3.099   9.202   -7.266  1.00 28.87 ? 72   ASN A OD1 1 
ATOM   621  N ND2 . ASN A 1 77  ? 3.072   10.728  -5.620  1.00 25.83 ? 72   ASN A ND2 1 
ATOM   622  N N   . GLN A 1 78  ? 8.149   8.912   -5.611  1.00 22.82 ? 73   GLN A N   1 
ATOM   623  C CA  . GLN A 1 78  ? 9.536   8.640   -5.995  1.00 23.96 ? 73   GLN A CA  1 
ATOM   624  C C   . GLN A 1 78  ? 9.923   7.180   -5.702  1.00 23.25 ? 73   GLN A C   1 
ATOM   625  O O   . GLN A 1 78  ? 10.564  6.527   -6.524  1.00 23.58 ? 73   GLN A O   1 
ATOM   626  C CB  . GLN A 1 78  ? 10.492  9.631   -5.344  1.00 24.13 ? 73   GLN A CB  1 
ATOM   627  C CG  . GLN A 1 78  ? 10.588  10.970  -6.122  1.00 25.99 ? 73   GLN A CG  1 
ATOM   628  C CD  . GLN A 1 78  ? 11.213  12.113  -5.335  1.00 27.29 ? 73   GLN A CD  1 
ATOM   629  O OE1 . GLN A 1 78  ? 11.750  11.917  -4.238  1.00 32.96 ? 73   GLN A OE1 1 
ATOM   630  N NE2 . GLN A 1 78  ? 11.126  13.328  -5.891  1.00 29.79 ? 73   GLN A NE2 1 
ATOM   631  N N   . VAL A 1 79  ? 9.506   6.662   -4.558  1.00 22.96 ? 74   VAL A N   1 
ATOM   632  C CA  . VAL A 1 79  ? 9.777   5.263   -4.206  1.00 23.29 ? 74   VAL A CA  1 
ATOM   633  C C   . VAL A 1 79  ? 9.043   4.274   -5.132  1.00 22.90 ? 74   VAL A C   1 
ATOM   634  O O   . VAL A 1 79  ? 9.655   3.313   -5.639  1.00 22.38 ? 74   VAL A O   1 
ATOM   635  C CB  . VAL A 1 79  ? 9.468   4.981   -2.698  1.00 23.00 ? 74   VAL A CB  1 
ATOM   636  C CG1 . VAL A 1 79  ? 9.464   3.477   -2.410  1.00 23.82 ? 74   VAL A CG1 1 
ATOM   637  C CG2 . VAL A 1 79  ? 10.484  5.669   -1.811  1.00 22.75 ? 74   VAL A CG2 1 
ATOM   638  N N   . MET A 1 80  ? 7.759   4.524   -5.382  1.00 23.25 ? 75   MET A N   1 
ATOM   639  C CA  . MET A 1 80  ? 6.971   3.712   -6.340  1.00 23.64 ? 75   MET A CA  1 
ATOM   640  C C   . MET A 1 80  ? 7.620   3.652   -7.748  1.00 23.68 ? 75   MET A C   1 
ATOM   641  O O   . MET A 1 80  ? 7.700   2.582   -8.353  1.00 23.68 ? 75   MET A O   1 
ATOM   642  C CB  . MET A 1 80  ? 5.537   4.254   -6.459  1.00 24.12 ? 75   MET A CB  1 
ATOM   643  C CG  . MET A 1 80  ? 4.624   4.016   -5.260  1.00 24.18 ? 75   MET A CG  1 
ATOM   644  S SD  . MET A 1 80  ? 4.497   2.292   -4.747  1.00 26.30 ? 75   MET A SD  1 
ATOM   645  C CE  . MET A 1 80  ? 5.610   2.186   -3.360  1.00 25.76 ? 75   MET A CE  1 
ATOM   646  N N   . GLU A 1 81  ? 8.085   4.791   -8.250  1.00 24.03 ? 76   GLU A N   1 
ATOM   647  C CA  . GLU A 1 81  ? 8.809   4.844   -9.526  1.00 24.63 ? 76   GLU A CA  1 
ATOM   648  C C   . GLU A 1 81  ? 10.012  3.907   -9.541  1.00 23.66 ? 76   GLU A C   1 
ATOM   649  O O   . GLU A 1 81  ? 10.248  3.191   -10.526 1.00 24.14 ? 76   GLU A O   1 
ATOM   650  C CB  . GLU A 1 81  ? 9.321   6.261   -9.807  1.00 24.60 ? 76   GLU A CB  1 
ATOM   651  C CG  . GLU A 1 81  ? 8.279   7.260   -10.208 1.00 27.23 ? 76   GLU A CG  1 
ATOM   652  C CD  . GLU A 1 81  ? 8.871   8.656   -10.500 1.00 28.06 ? 76   GLU A CD  1 
ATOM   653  O OE1 . GLU A 1 81  ? 10.089  8.892   -10.289 1.00 32.22 ? 76   GLU A OE1 1 
ATOM   654  O OE2 . GLU A 1 81  ? 8.096   9.526   -10.947 1.00 34.55 ? 76   GLU A OE2 1 
ATOM   655  N N   . LYS A 1 82  ? 10.788  3.941   -8.462  1.00 22.91 ? 77   LYS A N   1 
ATOM   656  C CA  . LYS A 1 82  ? 11.988  3.105   -8.347  1.00 22.65 ? 77   LYS A CA  1 
ATOM   657  C C   . LYS A 1 82  ? 11.622  1.626   -8.201  1.00 22.37 ? 77   LYS A C   1 
ATOM   658  O O   . LYS A 1 82  ? 12.289  0.750   -8.765  1.00 22.28 ? 77   LYS A O   1 
ATOM   659  C CB  . LYS A 1 82  ? 12.850  3.571   -7.171  1.00 22.71 ? 77   LYS A CB  1 
ATOM   660  C CG  . LYS A 1 82  ? 13.380  4.984   -7.334  1.00 22.60 ? 77   LYS A CG  1 
ATOM   661  C CD  . LYS A 1 82  ? 14.375  5.070   -8.441  1.00 22.77 ? 77   LYS A CD  1 
ATOM   662  C CE  . LYS A 1 82  ? 15.043  6.430   -8.480  1.00 23.03 ? 77   LYS A CE  1 
ATOM   663  N NZ  . LYS A 1 82  ? 15.960  6.560   -9.628  1.00 23.19 ? 77   LYS A NZ  1 
ATOM   664  N N   . GLU A 1 83  ? 10.552  1.353   -7.468  1.00 22.68 ? 78   GLU A N   1 
ATOM   665  C CA  . GLU A 1 83  ? 10.088  -0.032  -7.249  1.00 22.35 ? 78   GLU A CA  1 
ATOM   666  C C   . GLU A 1 83  ? 9.623   -0.696  -8.545  1.00 22.81 ? 78   GLU A C   1 
ATOM   667  O O   . GLU A 1 83  ? 9.968   -1.862  -8.824  1.00 22.10 ? 78   GLU A O   1 
ATOM   668  C CB  . GLU A 1 83  ? 8.948   -0.097  -6.218  1.00 22.05 ? 78   GLU A CB  1 
ATOM   669  C CG  . GLU A 1 83  ? 8.437   -1.523  -6.014  1.00 22.26 ? 78   GLU A CG  1 
ATOM   670  C CD  . GLU A 1 83  ? 7.424   -1.695  -4.898  1.00 21.81 ? 78   GLU A CD  1 
ATOM   671  O OE1 . GLU A 1 83  ? 6.967   -0.699  -4.327  1.00 20.94 ? 78   GLU A OE1 1 
ATOM   672  O OE2 . GLU A 1 83  ? 7.097   -2.863  -4.582  1.00 22.84 ? 78   GLU A OE2 1 
ATOM   673  N N   . PHE A 1 84  ? 8.828   0.041   -9.321  1.00 23.37 ? 79   PHE A N   1 
ATOM   674  C CA  . PHE A 1 84  ? 8.186   -0.521  -10.502 1.00 24.33 ? 79   PHE A CA  1 
ATOM   675  C C   . PHE A 1 84  ? 8.916   -0.195  -11.783 1.00 24.71 ? 79   PHE A C   1 
ATOM   676  O O   . PHE A 1 84  ? 8.350   -0.371  -12.851 1.00 25.66 ? 79   PHE A O   1 
ATOM   677  C CB  . PHE A 1 84  ? 6.708   -0.100  -10.544 1.00 24.27 ? 79   PHE A CB  1 
ATOM   678  C CG  . PHE A 1 84  ? 5.887   -0.752  -9.473  1.00 24.28 ? 79   PHE A CG  1 
ATOM   679  C CD1 . PHE A 1 84  ? 5.655   -0.116  -8.259  1.00 23.22 ? 79   PHE A CD1 1 
ATOM   680  C CD2 . PHE A 1 84  ? 5.369   -2.037  -9.659  1.00 24.88 ? 79   PHE A CD2 1 
ATOM   681  C CE1 . PHE A 1 84  ? 4.917   -0.729  -7.273  1.00 21.56 ? 79   PHE A CE1 1 
ATOM   682  C CE2 . PHE A 1 84  ? 4.633   -2.642  -8.675  1.00 22.73 ? 79   PHE A CE2 1 
ATOM   683  C CZ  . PHE A 1 84  ? 4.410   -1.995  -7.475  1.00 23.73 ? 79   PHE A CZ  1 
ATOM   684  N N   . GLU A 1 85  ? 10.185  0.212   -11.653 1.00 24.51 ? 80   GLU A N   1 
ATOM   685  C CA  . GLU A 1 85  ? 11.090  0.581   -12.770 1.00 25.17 ? 80   GLU A CA  1 
ATOM   686  C C   . GLU A 1 85  ? 11.143  -0.509  -13.837 1.00 23.83 ? 80   GLU A C   1 
ATOM   687  O O   . GLU A 1 85  ? 11.212  -0.226  -15.032 1.00 22.92 ? 80   GLU A O   1 
ATOM   688  C CB  . GLU A 1 85  ? 12.525  0.802   -12.238 1.00 25.26 ? 80   GLU A CB  1 
ATOM   689  C CG  . GLU A 1 85  ? 13.201  2.109   -12.664 1.00 28.11 ? 80   GLU A CG  1 
ATOM   690  C CD  . GLU A 1 85  ? 14.723  2.124   -12.465 1.00 28.10 ? 80   GLU A CD  1 
ATOM   691  O OE1 . GLU A 1 85  ? 15.323  1.073   -12.136 1.00 34.04 ? 80   GLU A OE1 1 
ATOM   692  O OE2 . GLU A 1 85  ? 15.340  3.202   -12.670 1.00 34.54 ? 80   GLU A OE2 1 
ATOM   693  N N   . ASP A 1 86  ? 11.136  -1.754  -13.381 1.00 22.56 ? 81   ASP A N   1 
ATOM   694  C CA  . ASP A 1 86  ? 11.263  -2.900  -14.263 1.00 22.37 ? 81   ASP A CA  1 
ATOM   695  C C   . ASP A 1 86  ? 9.952   -3.349  -14.932 1.00 22.18 ? 81   ASP A C   1 
ATOM   696  O O   . ASP A 1 86  ? 9.960   -4.260  -15.750 1.00 21.71 ? 81   ASP A O   1 
ATOM   697  C CB  . ASP A 1 86  ? 11.896  -4.072  -13.502 1.00 22.50 ? 81   ASP A CB  1 
ATOM   698  C CG  . ASP A 1 86  ? 11.067  -4.529  -12.321 1.00 22.69 ? 81   ASP A CG  1 
ATOM   699  O OD1 . ASP A 1 86  ? 9.925   -4.017  -12.117 1.00 20.44 ? 81   ASP A OD1 1 
ATOM   700  O OD2 . ASP A 1 86  ? 11.579  -5.400  -11.573 1.00 22.37 ? 81   ASP A OD2 1 
ATOM   701  N N   . GLY A 1 87  ? 8.836   -2.730  -14.560 1.00 22.51 ? 82   GLY A N   1 
ATOM   702  C CA  . GLY A 1 87  ? 7.548   -2.992  -15.193 1.00 22.89 ? 82   GLY A CA  1 
ATOM   703  C C   . GLY A 1 87  ? 6.838   -4.231  -14.682 1.00 23.40 ? 82   GLY A C   1 
ATOM   704  O O   . GLY A 1 87  ? 5.798   -4.607  -15.220 1.00 24.97 ? 82   GLY A O   1 
ATOM   705  N N   . ILE A 1 88  ? 7.371   -4.877  -13.647 1.00 22.40 ? 83   ILE A N   1 
ATOM   706  C CA  . ILE A 1 88  ? 6.763   -6.103  -13.161 1.00 22.35 ? 83   ILE A CA  1 
ATOM   707  C C   . ILE A 1 88  ? 5.656   -5.778  -12.150 1.00 21.91 ? 83   ILE A C   1 
ATOM   708  O O   . ILE A 1 88  ? 5.843   -4.988  -11.234 1.00 21.22 ? 83   ILE A O   1 
ATOM   709  C CB  . ILE A 1 88  ? 7.819   -7.059  -12.578 1.00 22.57 ? 83   ILE A CB  1 
ATOM   710  C CG1 . ILE A 1 88  ? 8.756   -7.518  -13.709 1.00 22.18 ? 83   ILE A CG1 1 
ATOM   711  C CG2 . ILE A 1 88  ? 7.158   -8.248  -11.884 1.00 22.18 ? 83   ILE A CG2 1 
ATOM   712  C CD1 . ILE A 1 88  ? 10.063  -8.072  -13.237 1.00 23.32 ? 83   ILE A CD1 1 
ATOM   713  N N   . ILE A 1 89  ? 4.493   -6.368  -12.363 1.00 22.08 ? 84   ILE A N   1 
ATOM   714  C CA  . ILE A 1 89  ? 3.413   -6.275  -11.403 1.00 23.17 ? 84   ILE A CA  1 
ATOM   715  C C   . ILE A 1 89  ? 3.107   -7.698  -10.957 1.00 22.91 ? 84   ILE A C   1 
ATOM   716  O O   . ILE A 1 89  ? 3.074   -8.633  -11.770 1.00 22.58 ? 84   ILE A O   1 
ATOM   717  C CB  . ILE A 1 89  ? 2.174   -5.593  -11.983 1.00 23.10 ? 84   ILE A CB  1 
ATOM   718  C CG1 . ILE A 1 89  ? 2.552   -4.207  -12.525 1.00 24.33 ? 84   ILE A CG1 1 
ATOM   719  C CG2 . ILE A 1 89  ? 1.091   -5.405  -10.908 1.00 24.28 ? 84   ILE A CG2 1 
ATOM   720  C CD1 . ILE A 1 89  ? 1.429   -3.509  -13.299 1.00 24.13 ? 84   ILE A CD1 1 
ATOM   721  N N   . ASN A 1 90  ? 2.961   -7.862  -9.656  1.00 22.54 ? 85   ASN A N   1 
ATOM   722  C CA  . ASN A 1 90  ? 2.378   -9.081  -9.104  1.00 22.72 ? 85   ASN A CA  1 
ATOM   723  C C   . ASN A 1 90  ? 1.701   -8.747  -7.777  1.00 22.50 ? 85   ASN A C   1 
ATOM   724  O O   . ASN A 1 90  ? 1.840   -7.626  -7.269  1.00 22.29 ? 85   ASN A O   1 
ATOM   725  C CB  . ASN A 1 90  ? 3.424   -10.198 -9.005  1.00 22.67 ? 85   ASN A CB  1 
ATOM   726  C CG  . ASN A 1 90  ? 4.580   -9.853  -8.064  1.00 21.85 ? 85   ASN A CG  1 
ATOM   727  O OD1 . ASN A 1 90  ? 4.356   -9.464  -6.931  1.00 20.58 ? 85   ASN A OD1 1 
ATOM   728  N ND2 . ASN A 1 90  ? 5.819   -10.050 -8.527  1.00 21.06 ? 85   ASN A ND2 1 
ATOM   729  N N   . TRP A 1 91  ? 0.946   -9.695  -7.231  1.00 22.79 ? 86   TRP A N   1 
ATOM   730  C CA  . TRP A 1 91  ? 0.218   -9.461  -5.967  1.00 22.79 ? 86   TRP A CA  1 
ATOM   731  C C   . TRP A 1 91  ? 1.146   -9.099  -4.806  1.00 22.94 ? 86   TRP A C   1 
ATOM   732  O O   . TRP A 1 91  ? 0.791   -8.256  -3.972  1.00 22.68 ? 86   TRP A O   1 
ATOM   733  C CB  . TRP A 1 91  ? -0.611  -10.681 -5.581  1.00 22.98 ? 86   TRP A CB  1 
ATOM   734  C CG  . TRP A 1 91  ? -1.843  -10.867 -6.403  1.00 22.08 ? 86   TRP A CG  1 
ATOM   735  C CD1 . TRP A 1 91  ? -2.142  -11.936 -7.199  1.00 22.18 ? 86   TRP A CD1 1 
ATOM   736  C CD2 . TRP A 1 91  ? -2.959  -9.976  -6.496  1.00 21.33 ? 86   TRP A CD2 1 
ATOM   737  N NE1 . TRP A 1 91  ? -3.361  -11.764 -7.775  1.00 21.54 ? 86   TRP A NE1 1 
ATOM   738  C CE2 . TRP A 1 91  ? -3.891  -10.572 -7.366  1.00 21.15 ? 86   TRP A CE2 1 
ATOM   739  C CE3 . TRP A 1 91  ? -3.270  -8.734  -5.917  1.00 21.81 ? 86   TRP A CE3 1 
ATOM   740  C CZ2 . TRP A 1 91  ? -5.113  -9.975  -7.685  1.00 22.29 ? 86   TRP A CZ2 1 
ATOM   741  C CZ3 . TRP A 1 91  ? -4.481  -8.129  -6.247  1.00 21.96 ? 86   TRP A CZ3 1 
ATOM   742  C CH2 . TRP A 1 91  ? -5.395  -8.761  -7.115  1.00 22.33 ? 86   TRP A CH2 1 
ATOM   743  N N   . GLY A 1 92  ? 2.324   -9.734  -4.749  1.00 22.32 ? 87   GLY A N   1 
ATOM   744  C CA  . GLY A 1 92  ? 3.297   -9.426  -3.699  1.00 22.19 ? 87   GLY A CA  1 
ATOM   745  C C   . GLY A 1 92  ? 3.667   -7.951  -3.693  1.00 21.89 ? 87   GLY A C   1 
ATOM   746  O O   . GLY A 1 92  ? 3.645   -7.289  -2.637  1.00 22.21 ? 87   GLY A O   1 
ATOM   747  N N   . ARG A 1 93  ? 3.974   -7.419  -4.876  1.00 21.32 ? 88   ARG A N   1 
ATOM   748  C CA  . ARG A 1 93  ? 4.311   -6.011  -5.023  1.00 20.91 ? 88   ARG A CA  1 
ATOM   749  C C   . ARG A 1 93  ? 3.137   -5.070  -4.716  1.00 21.84 ? 88   ARG A C   1 
ATOM   750  O O   . ARG A 1 93  ? 3.326   -4.027  -4.096  1.00 21.68 ? 88   ARG A O   1 
ATOM   751  C CB  . ARG A 1 93  ? 4.821   -5.717  -6.417  1.00 20.69 ? 88   ARG A CB  1 
ATOM   752  C CG  . ARG A 1 93  ? 6.139   -6.391  -6.752  1.00 20.75 ? 88   ARG A CG  1 
ATOM   753  C CD  . ARG A 1 93  ? 6.698   -5.863  -8.020  1.00 20.72 ? 88   ARG A CD  1 
ATOM   754  N NE  . ARG A 1 93  ? 7.976   -6.486  -8.333  1.00 20.30 ? 88   ARG A NE  1 
ATOM   755  C CZ  . ARG A 1 93  ? 8.851   -5.978  -9.187  1.00 20.54 ? 88   ARG A CZ  1 
ATOM   756  N NH1 . ARG A 1 93  ? 8.591   -4.832  -9.805  1.00 23.30 ? 88   ARG A NH1 1 
ATOM   757  N NH2 . ARG A 1 93  ? 9.996   -6.601  -9.398  1.00 19.93 ? 88   ARG A NH2 1 
ATOM   758  N N   . ILE A 1 94  ? 1.932   -5.442  -5.139  1.00 21.54 ? 89   ILE A N   1 
ATOM   759  C CA  . ILE A 1 94  ? 0.746   -4.654  -4.807  1.00 21.49 ? 89   ILE A CA  1 
ATOM   760  C C   . ILE A 1 94  ? 0.634   -4.517  -3.281  1.00 21.26 ? 89   ILE A C   1 
ATOM   761  O O   . ILE A 1 94  ? 0.416   -3.414  -2.773  1.00 20.17 ? 89   ILE A O   1 
ATOM   762  C CB  . ILE A 1 94  ? -0.531  -5.242  -5.458  1.00 21.65 ? 89   ILE A CB  1 
ATOM   763  C CG1 . ILE A 1 94  ? -0.456  -5.013  -6.985  1.00 20.90 ? 89   ILE A CG1 1 
ATOM   764  C CG2 . ILE A 1 94  ? -1.802  -4.634  -4.834  1.00 21.37 ? 89   ILE A CG2 1 
ATOM   765  C CD1 . ILE A 1 94  ? -1.452  -5.803  -7.811  1.00 22.23 ? 89   ILE A CD1 1 
ATOM   766  N N   . VAL A 1 95  ? 0.804   -5.628  -2.558  1.00 20.88 ? 90   VAL A N   1 
ATOM   767  C CA  . VAL A 1 95  ? 0.768   -5.583  -1.090  1.00 20.91 ? 90   VAL A CA  1 
ATOM   768  C C   . VAL A 1 95  ? 1.805   -4.581  -0.536  1.00 20.74 ? 90   VAL A C   1 
ATOM   769  O O   . VAL A 1 95  ? 1.510   -3.874  0.437   1.00 21.94 ? 90   VAL A O   1 
ATOM   770  C CB  . VAL A 1 95  ? 0.945   -6.984  -0.431  1.00 21.19 ? 90   VAL A CB  1 
ATOM   771  C CG1 . VAL A 1 95  ? 1.058   -6.870  1.089   1.00 21.08 ? 90   VAL A CG1 1 
ATOM   772  C CG2 . VAL A 1 95  ? -0.237  -7.921  -0.785  1.00 22.13 ? 90   VAL A CG2 1 
ATOM   773  N N   . THR A 1 96  ? 2.997   -4.521  -1.121  1.00 20.44 ? 91   THR A N   1 
ATOM   774  C CA  . THR A 1 96  ? 4.027   -3.579  -0.646  1.00 21.38 ? 91   THR A CA  1 
ATOM   775  C C   . THR A 1 96  ? 3.620   -2.111  -0.807  1.00 21.59 ? 91   THR A C   1 
ATOM   776  O O   . THR A 1 96  ? 4.101   -1.257  -0.060  1.00 22.14 ? 91   THR A O   1 
ATOM   777  C CB  . THR A 1 96  ? 5.414   -3.792  -1.310  1.00 21.43 ? 91   THR A CB  1 
ATOM   778  O OG1 . THR A 1 96  ? 5.356   -3.505  -2.721  1.00 21.26 ? 91   THR A OG1 1 
ATOM   779  C CG2 . THR A 1 96  ? 5.923   -5.204  -1.085  1.00 22.33 ? 91   THR A CG2 1 
ATOM   780  N N   . ILE A 1 97  ? 2.731   -1.826  -1.757  1.00 22.25 ? 92   ILE A N   1 
ATOM   781  C CA  . ILE A 1 97  ? 2.217   -0.466  -1.939  1.00 22.97 ? 92   ILE A CA  1 
ATOM   782  C C   . ILE A 1 97  ? 1.395   -0.026  -0.712  1.00 22.76 ? 92   ILE A C   1 
ATOM   783  O O   . ILE A 1 97  ? 1.608   1.069   -0.184  1.00 22.37 ? 92   ILE A O   1 
ATOM   784  C CB  . ILE A 1 97  ? 1.379   -0.288  -3.215  1.00 23.16 ? 92   ILE A CB  1 
ATOM   785  C CG1 . ILE A 1 97  ? 2.123   -0.823  -4.448  1.00 23.97 ? 92   ILE A CG1 1 
ATOM   786  C CG2 . ILE A 1 97  ? 1.047   1.189   -3.405  1.00 23.00 ? 92   ILE A CG2 1 
ATOM   787  C CD1 . ILE A 1 97  ? 1.296   -0.808  -5.732  1.00 23.67 ? 92   ILE A CD1 1 
ATOM   788  N N   . PHE A 1 98  ? 0.467   -0.875  -0.280  1.00 22.54 ? 93   PHE A N   1 
ATOM   789  C CA  . PHE A 1 98  ? -0.309  -0.628  0.944   1.00 22.54 ? 93   PHE A CA  1 
ATOM   790  C C   . PHE A 1 98  ? 0.621   -0.515  2.133   1.00 22.46 ? 93   PHE A C   1 
ATOM   791  O O   . PHE A 1 98  ? 0.499   0.413   2.924   1.00 22.54 ? 93   PHE A O   1 
ATOM   792  C CB  . PHE A 1 98  ? -1.301  -1.747  1.241   1.00 22.54 ? 93   PHE A CB  1 
ATOM   793  C CG  . PHE A 1 98  ? -2.423  -1.860  0.237   1.00 22.38 ? 93   PHE A CG  1 
ATOM   794  C CD1 . PHE A 1 98  ? -2.334  -2.755  -0.821  1.00 22.26 ? 93   PHE A CD1 1 
ATOM   795  C CD2 . PHE A 1 98  ? -3.566  -1.093  0.362   1.00 22.40 ? 93   PHE A CD2 1 
ATOM   796  C CE1 . PHE A 1 98  ? -3.343  -2.872  -1.755  1.00 20.66 ? 93   PHE A CE1 1 
ATOM   797  C CE2 . PHE A 1 98  ? -4.585  -1.202  -0.568  1.00 20.77 ? 93   PHE A CE2 1 
ATOM   798  C CZ  . PHE A 1 98  ? -4.482  -2.102  -1.619  1.00 22.61 ? 93   PHE A CZ  1 
ATOM   799  N N   . ALA A 1 99  ? 1.558   -1.461  2.242   1.00 21.79 ? 94   ALA A N   1 
ATOM   800  C CA  . ALA A 1 99  ? 2.472   -1.499  3.370   1.00 21.66 ? 94   ALA A CA  1 
ATOM   801  C C   . ALA A 1 99  ? 3.334   -0.225  3.469   1.00 21.58 ? 94   ALA A C   1 
ATOM   802  O O   . ALA A 1 99  ? 3.501   0.335   4.561   1.00 20.83 ? 94   ALA A O   1 
ATOM   803  C CB  . ALA A 1 99  ? 3.345   -2.747  3.310   1.00 21.29 ? 94   ALA A CB  1 
ATOM   804  N N   . PHE A 1 100 ? 3.869   0.237   2.343   1.00 21.91 ? 95   PHE A N   1 
ATOM   805  C CA  . PHE A 1 100 ? 4.693   1.459   2.347   1.00 22.33 ? 95   PHE A CA  1 
ATOM   806  C C   . PHE A 1 100 ? 3.853   2.711   2.619   1.00 22.77 ? 95   PHE A C   1 
ATOM   807  O O   . PHE A 1 100 ? 4.334   3.680   3.237   1.00 22.77 ? 95   PHE A O   1 
ATOM   808  C CB  . PHE A 1 100 ? 5.491   1.609   1.036   1.00 22.39 ? 95   PHE A CB  1 
ATOM   809  C CG  . PHE A 1 100 ? 6.577   2.656   1.110   1.00 21.92 ? 95   PHE A CG  1 
ATOM   810  C CD1 . PHE A 1 100 ? 6.522   3.801   0.328   1.00 22.54 ? 95   PHE A CD1 1 
ATOM   811  C CD2 . PHE A 1 100 ? 7.626   2.519   2.007   1.00 22.75 ? 95   PHE A CD2 1 
ATOM   812  C CE1 . PHE A 1 100 ? 7.520   4.775   0.406   1.00 22.06 ? 95   PHE A CE1 1 
ATOM   813  C CE2 . PHE A 1 100 ? 8.638   3.497   2.095   1.00 23.66 ? 95   PHE A CE2 1 
ATOM   814  C CZ  . PHE A 1 100 ? 8.574   4.625   1.299   1.00 22.98 ? 95   PHE A CZ  1 
ATOM   815  N N   . GLY A 1 101 ? 2.600   2.691   2.166   1.00 22.89 ? 96   GLY A N   1 
ATOM   816  C CA  . GLY A 1 101 ? 1.614   3.678   2.564   1.00 22.82 ? 96   GLY A CA  1 
ATOM   817  C C   . GLY A 1 101 ? 1.526   3.747   4.084   1.00 22.83 ? 96   GLY A C   1 
ATOM   818  O O   . GLY A 1 101 ? 1.559   4.821   4.671   1.00 22.57 ? 96   GLY A O   1 
ATOM   819  N N   . GLY A 1 102 ? 1.440   2.583   4.717   1.00 22.82 ? 97   GLY A N   1 
ATOM   820  C CA  . GLY A 1 102 ? 1.415   2.495   6.167   1.00 22.05 ? 97   GLY A CA  1 
ATOM   821  C C   . GLY A 1 102 ? 2.680   3.011   6.816   1.00 21.61 ? 97   GLY A C   1 
ATOM   822  O O   . GLY A 1 102 ? 2.635   3.685   7.860   1.00 20.17 ? 97   GLY A O   1 
ATOM   823  N N   . VAL A 1 103 ? 3.824   2.692   6.215   1.00 21.23 ? 98   VAL A N   1 
ATOM   824  C CA  . VAL A 1 103 ? 5.099   3.143   6.750   1.00 21.70 ? 98   VAL A CA  1 
ATOM   825  C C   . VAL A 1 103 ? 5.140   4.671   6.785   1.00 21.73 ? 98   VAL A C   1 
ATOM   826  O O   . VAL A 1 103 ? 5.427   5.280   7.822   1.00 20.98 ? 98   VAL A O   1 
ATOM   827  C CB  . VAL A 1 103 ? 6.277   2.602   5.923   1.00 22.27 ? 98   VAL A CB  1 
ATOM   828  C CG1 . VAL A 1 103 ? 7.559   3.310   6.307   1.00 22.44 ? 98   VAL A CG1 1 
ATOM   829  C CG2 . VAL A 1 103 ? 6.415   1.108   6.107   1.00 23.55 ? 98   VAL A CG2 1 
ATOM   830  N N   . LEU A 1 104 ? 4.830   5.293   5.653   1.00 22.09 ? 99   LEU A N   1 
ATOM   831  C CA  . LEU A 1 104 ? 4.812   6.750   5.572   1.00 22.01 ? 99   LEU A CA  1 
ATOM   832  C C   . LEU A 1 104 ? 3.823   7.416   6.547   1.00 22.50 ? 99   LEU A C   1 
ATOM   833  O O   . LEU A 1 104 ? 4.124   8.465   7.156   1.00 21.29 ? 99   LEU A O   1 
ATOM   834  C CB  . LEU A 1 104 ? 4.531   7.178   4.132   1.00 22.62 ? 99   LEU A CB  1 
ATOM   835  C CG  . LEU A 1 104 ? 5.628   6.862   3.105   1.00 23.17 ? 99   LEU A CG  1 
ATOM   836  C CD1 . LEU A 1 104 ? 5.176   7.234   1.704   1.00 25.63 ? 99   LEU A CD1 1 
ATOM   837  C CD2 . LEU A 1 104 ? 6.937   7.528   3.440   1.00 23.55 ? 99   LEU A CD2 1 
ATOM   838  N N   . LEU A 1 105 ? 2.642   6.810   6.704   1.00 22.37 ? 100  LEU A N   1 
ATOM   839  C CA  . LEU A 1 105 ? 1.643   7.371   7.601   1.00 23.00 ? 100  LEU A CA  1 
ATOM   840  C C   . LEU A 1 105 ? 2.091   7.291   9.066   1.00 22.91 ? 100  LEU A C   1 
ATOM   841  O O   . LEU A 1 105 ? 1.870   8.222   9.847   1.00 22.06 ? 100  LEU A O   1 
ATOM   842  C CB  . LEU A 1 105 ? 0.280   6.709   7.372   1.00 23.33 ? 100  LEU A CB  1 
ATOM   843  C CG  . LEU A 1 105 ? -0.929  7.445   7.930   1.00 24.96 ? 100  LEU A CG  1 
ATOM   844  C CD1 . LEU A 1 105 ? -1.003  8.910   7.430   1.00 24.86 ? 100  LEU A CD1 1 
ATOM   845  C CD2 . LEU A 1 105 ? -2.192  6.681   7.546   1.00 24.90 ? 100  LEU A CD2 1 
ATOM   846  N N   . LYS A 1 106 ? 2.745   6.195   9.428   1.00 22.88 ? 101  LYS A N   1 
ATOM   847  C CA  . LYS A 1 106 ? 3.328   6.058   10.759  1.00 23.86 ? 101  LYS A CA  1 
ATOM   848  C C   . LYS A 1 106 ? 4.403   7.117   11.012  1.00 22.30 ? 101  LYS A C   1 
ATOM   849  O O   . LYS A 1 106 ? 4.447   7.699   12.087  1.00 21.05 ? 101  LYS A O   1 
ATOM   850  C CB  . LYS A 1 106 ? 3.876   4.641   10.968  1.00 24.18 ? 101  LYS A CB  1 
ATOM   851  C CG  . LYS A 1 106 ? 2.802   3.683   11.473  1.00 27.05 ? 101  LYS A CG  1 
ATOM   852  C CD  . LYS A 1 106 ? 3.256   2.222   11.495  1.00 27.10 ? 101  LYS A CD  1 
ATOM   853  C CE  . LYS A 1 106 ? 4.227   1.912   12.615  1.00 29.57 ? 101  LYS A CE  1 
ATOM   854  N NZ  . LYS A 1 106 ? 4.702   0.494   12.495  1.00 30.29 ? 101  LYS A NZ  1 
ATOM   855  N N   . LYS A 1 107 ? 5.231   7.391   9.999   1.00 21.39 ? 102  LYS A N   1 
ATOM   856  C CA  . LYS A 1 107 ? 6.286   8.406   10.129  1.00 21.05 ? 102  LYS A CA  1 
ATOM   857  C C   . LYS A 1 107 ? 5.646   9.779   10.262  1.00 20.50 ? 102  LYS A C   1 
ATOM   858  O O   . LYS A 1 107 ? 6.069   10.586  11.093  1.00 20.04 ? 102  LYS A O   1 
ATOM   859  C CB  . LYS A 1 107 ? 7.274   8.366   8.948   1.00 21.11 ? 102  LYS A CB  1 
ATOM   860  C CG  . LYS A 1 107 ? 8.145   7.107   8.835   1.00 22.65 ? 102  LYS A CG  1 
ATOM   861  C CD  . LYS A 1 107 ? 9.083   6.865   10.030  1.00 25.37 ? 102  LYS A CD  1 
ATOM   862  C CE  . LYS A 1 107 ? 10.328  7.773   9.986   1.00 27.06 ? 102  LYS A CE  1 
ATOM   863  N NZ  . LYS A 1 107 ? 11.270  7.621   11.156  1.00 26.17 ? 102  LYS A NZ  1 
ATOM   864  N N   . LEU A 1 108 ? 4.615   10.039  9.462   1.00 20.31 ? 103  LEU A N   1 
ATOM   865  C CA  . LEU A 1 108 ? 3.886   11.302  9.558   1.00 20.52 ? 103  LEU A CA  1 
ATOM   866  C C   . LEU A 1 108 ? 3.304   11.501  10.964  1.00 20.27 ? 103  LEU A C   1 
ATOM   867  O O   . LEU A 1 108 ? 3.443   12.573  11.524  1.00 19.35 ? 103  LEU A O   1 
ATOM   868  C CB  . LEU A 1 108 ? 2.776   11.403  8.504   1.00 20.34 ? 103  LEU A CB  1 
ATOM   869  C CG  . LEU A 1 108 ? 2.077   12.770  8.397   1.00 20.15 ? 103  LEU A CG  1 
ATOM   870  C CD1 . LEU A 1 108 ? 3.030   13.850  7.974   1.00 22.47 ? 103  LEU A CD1 1 
ATOM   871  C CD2 . LEU A 1 108 ? 0.928   12.705  7.420   1.00 21.02 ? 103  LEU A CD2 1 
ATOM   872  N N   . LYS A 1 109 ? 2.644   10.475  11.513  1.00 21.16 ? 104  LYS A N   1 
ATOM   873  C CA  . LYS A 1 109 ? 2.137   10.538  12.897  1.00 20.92 ? 104  LYS A CA  1 
ATOM   874  C C   . LYS A 1 109 ? 3.272   10.816  13.901  1.00 20.72 ? 104  LYS A C   1 
ATOM   875  O O   . LYS A 1 109 ? 3.115   11.608  14.821  1.00 20.27 ? 104  LYS A O   1 
ATOM   876  C CB  . LYS A 1 109 ? 1.434   9.228   13.288  1.00 21.90 ? 104  LYS A CB  1 
ATOM   877  C CG  . LYS A 1 109 ? 0.783   9.285   14.688  1.00 22.66 ? 104  LYS A CG  1 
ATOM   878  C CD  . LYS A 1 109 ? 0.963   7.981   15.457  1.00 26.50 ? 104  LYS A CD  1 
ATOM   879  C CE  . LYS A 1 109 ? 0.472   8.083   16.895  1.00 26.72 ? 104  LYS A CE  1 
ATOM   880  N NZ  . LYS A 1 109 ? 1.599   7.918   17.863  1.00 30.65 ? 104  LYS A NZ  1 
ATOM   881  N N   . GLN A 1 110 ? 4.406   10.145  13.718  1.00 20.65 ? 105  GLN A N   1 
ATOM   882  C CA  . GLN A 1 110 ? 5.583   10.334  14.570  1.00 21.70 ? 105  GLN A CA  1 
ATOM   883  C C   . GLN A 1 110 ? 6.026   11.808  14.586  1.00 20.07 ? 105  GLN A C   1 
ATOM   884  O O   . GLN A 1 110 ? 6.288   12.387  15.648  1.00 19.14 ? 105  GLN A O   1 
ATOM   885  C CB  . GLN A 1 110 ? 6.701   9.370   14.112  1.00 21.87 ? 105  GLN A CB  1 
ATOM   886  C CG  . GLN A 1 110 ? 8.133   9.860   14.272  1.00 25.36 ? 105  GLN A CG  1 
ATOM   887  C CD  . GLN A 1 110 ? 9.101   9.124   13.340  1.00 25.84 ? 105  GLN A CD  1 
ATOM   888  O OE1 . GLN A 1 110 ? 9.319   7.916   13.484  1.00 31.18 ? 105  GLN A OE1 1 
ATOM   889  N NE2 . GLN A 1 110 ? 9.655   9.852   12.353  1.00 29.73 ? 105  GLN A NE2 1 
ATOM   890  N N   . GLU A 1 111 ? 6.051   12.431  13.415  1.00 19.40 ? 106  GLU A N   1 
ATOM   891  C CA  . GLU A 1 111 ? 6.495   13.818  13.300  1.00 19.28 ? 106  GLU A CA  1 
ATOM   892  C C   . GLU A 1 111 ? 5.434   14.790  13.822  1.00 19.38 ? 106  GLU A C   1 
ATOM   893  O O   . GLU A 1 111 ? 5.769   15.785  14.460  1.00 18.20 ? 106  GLU A O   1 
ATOM   894  C CB  . GLU A 1 111 ? 6.845   14.164  11.850  1.00 19.30 ? 106  GLU A CB  1 
ATOM   895  C CG  . GLU A 1 111 ? 7.939   13.300  11.238  1.00 19.25 ? 106  GLU A CG  1 
ATOM   896  C CD  . GLU A 1 111 ? 9.331   13.536  11.827  1.00 21.32 ? 106  GLU A CD  1 
ATOM   897  O OE1 . GLU A 1 111 ? 10.220  12.716  11.534  1.00 23.88 ? 106  GLU A OE1 1 
ATOM   898  O OE2 . GLU A 1 111 ? 9.545   14.509  12.571  1.00 19.88 ? 106  GLU A OE2 1 
ATOM   899  N N   . GLN A 1 112 ? 4.161   14.503  13.565  1.00 19.16 ? 107  GLN A N   1 
ATOM   900  C CA  . GLN A 1 112 ? 3.071   15.413  13.977  1.00 19.73 ? 107  GLN A CA  1 
ATOM   901  C C   . GLN A 1 112 ? 2.537   15.177  15.400  1.00 19.15 ? 107  GLN A C   1 
ATOM   902  O O   . GLN A 1 112 ? 1.764   16.007  15.934  1.00 18.39 ? 107  GLN A O   1 
ATOM   903  C CB  . GLN A 1 112 ? 1.924   15.332  12.970  1.00 19.87 ? 107  GLN A CB  1 
ATOM   904  C CG  . GLN A 1 112 ? 2.285   15.903  11.594  1.00 21.09 ? 107  GLN A CG  1 
ATOM   905  C CD  . GLN A 1 112 ? 1.105   15.969  10.658  1.00 22.21 ? 107  GLN A CD  1 
ATOM   906  O OE1 . GLN A 1 112 ? 0.152   15.200  10.787  1.00 29.05 ? 107  GLN A OE1 1 
ATOM   907  N NE2 . GLN A 1 112 ? 1.181   16.855  9.681   1.00 25.12 ? 107  GLN A NE2 1 
ATOM   908  N N   . ILE A 1 113 ? 2.953   14.060  16.000  1.00 19.53 ? 108  ILE A N   1 
ATOM   909  C CA  . ILE A 1 113 ? 2.491   13.554  17.311  1.00 20.11 ? 108  ILE A CA  1 
ATOM   910  C C   . ILE A 1 113 ? 1.072   12.984  17.224  1.00 20.55 ? 108  ILE A C   1 
ATOM   911  O O   . ILE A 1 113 ? 0.839   11.825  17.587  1.00 20.47 ? 108  ILE A O   1 
ATOM   912  C CB  . ILE A 1 113 ? 2.584   14.578  18.464  1.00 20.58 ? 108  ILE A CB  1 
ATOM   913  C CG1 . ILE A 1 113 ? 3.980   15.211  18.537  1.00 22.74 ? 108  ILE A CG1 1 
ATOM   914  C CG2 . ILE A 1 113 ? 2.256   13.906  19.804  1.00 20.01 ? 108  ILE A CG2 1 
ATOM   915  C CD1 . ILE A 1 113 ? 5.108   14.224  18.573  1.00 24.58 ? 108  ILE A CD1 1 
ATOM   916  N N   . ALA A 1 114 ? 0.139   13.801  16.749  1.00 20.54 ? 109  ALA A N   1 
ATOM   917  C CA  . ALA A 1 114 ? -1.221  13.364  16.464  1.00 21.01 ? 109  ALA A CA  1 
ATOM   918  C C   . ALA A 1 114 ? -1.570  13.732  15.015  1.00 21.52 ? 109  ALA A C   1 
ATOM   919  O O   . ALA A 1 114 ? -1.299  14.847  14.577  1.00 21.17 ? 109  ALA A O   1 
ATOM   920  C CB  . ALA A 1 114 ? -2.199  14.027  17.434  1.00 20.76 ? 109  ALA A CB  1 
ATOM   921  N N   . LEU A 1 115 ? -2.173  12.800  14.287  1.00 21.89 ? 110  LEU A N   1 
ATOM   922  C CA  . LEU A 1 115 ? -2.743  13.094  12.963  1.00 22.95 ? 110  LEU A CA  1 
ATOM   923  C C   . LEU A 1 115 ? -4.145  13.643  13.156  1.00 23.49 ? 110  LEU A C   1 
ATOM   924  O O   . LEU A 1 115 ? -4.740  13.449  14.195  1.00 23.63 ? 110  LEU A O   1 
ATOM   925  C CB  . LEU A 1 115 ? -2.836  11.819  12.122  1.00 22.79 ? 110  LEU A CB  1 
ATOM   926  C CG  . LEU A 1 115 ? -1.565  11.061  11.755  1.00 24.38 ? 110  LEU A CG  1 
ATOM   927  C CD1 . LEU A 1 115 ? -1.898  9.651   11.267  1.00 25.01 ? 110  LEU A CD1 1 
ATOM   928  C CD2 . LEU A 1 115 ? -0.747  11.802  10.709  1.00 25.03 ? 110  LEU A CD2 1 
ATOM   929  N N   . ASP A 1 116 ? -4.680  14.344  12.167  1.00 24.76 ? 111  ASP A N   1 
ATOM   930  C CA  . ASP A 1 116 ? -6.128  14.547  12.127  1.00 24.95 ? 111  ASP A CA  1 
ATOM   931  C C   . ASP A 1 116 ? -6.684  13.590  11.077  1.00 24.82 ? 111  ASP A C   1 
ATOM   932  O O   . ASP A 1 116 ? -5.917  12.973  10.337  1.00 23.71 ? 111  ASP A O   1 
ATOM   933  C CB  . ASP A 1 116 ? -6.494  16.001  11.842  1.00 25.78 ? 111  ASP A CB  1 
ATOM   934  C CG  . ASP A 1 116 ? -6.074  16.457  10.476  1.00 26.92 ? 111  ASP A CG  1 
ATOM   935  O OD1 . ASP A 1 116 ? -5.295  15.746  9.811   1.00 30.71 ? 111  ASP A OD1 1 
ATOM   936  O OD2 . ASP A 1 116 ? -6.542  17.534  10.058  1.00 31.53 ? 111  ASP A OD2 1 
ATOM   937  N N   . VAL A 1 117 ? -8.008  13.471  11.017  1.00 24.80 ? 112  VAL A N   1 
ATOM   938  C CA  . VAL A 1 117 ? -8.661  12.513  10.115  1.00 25.14 ? 112  VAL A CA  1 
ATOM   939  C C   . VAL A 1 117 ? -8.277  12.802  8.670   1.00 24.84 ? 112  VAL A C   1 
ATOM   940  O O   . VAL A 1 117 ? -8.095  11.883  7.869   1.00 24.45 ? 112  VAL A O   1 
ATOM   941  C CB  . VAL A 1 117 ? -10.215 12.528  10.287  1.00 25.40 ? 112  VAL A CB  1 
ATOM   942  C CG1 . VAL A 1 117 ? -10.920 11.771  9.156   1.00 26.44 ? 112  VAL A CG1 1 
ATOM   943  C CG2 . VAL A 1 117 ? -10.600 11.934  11.634  1.00 26.34 ? 112  VAL A CG2 1 
ATOM   944  N N   . SER A 1 118 ? -8.135  14.082  8.345   1.00 25.18 ? 113  SER A N   1 
ATOM   945  C CA  . SER A 1 118 ? -7.780  14.488  6.985   1.00 25.88 ? 113  SER A CA  1 
ATOM   946  C C   . SER A 1 118 ? -6.500  13.806  6.494   1.00 25.54 ? 113  SER A C   1 
ATOM   947  O O   . SER A 1 118 ? -6.403  13.468  5.326   1.00 24.20 ? 113  SER A O   1 
ATOM   948  C CB  . SER A 1 118 ? -7.643  16.014  6.884   1.00 26.36 ? 113  SER A CB  1 
ATOM   949  O OG  . SER A 1 118 ? -6.482  16.453  7.574   1.00 29.82 ? 113  SER A OG  1 
ATOM   950  N N   . ALA A 1 119 ? -5.541  13.572  7.391   1.00 25.84 ? 114  ALA A N   1 
ATOM   951  C CA  . ALA A 1 119 ? -4.255  13.010  6.990   1.00 26.26 ? 114  ALA A CA  1 
ATOM   952  C C   . ALA A 1 119 ? -4.359  11.581  6.492   1.00 26.82 ? 114  ALA A C   1 
ATOM   953  O O   . ALA A 1 119 ? -3.827  11.264  5.417   1.00 26.07 ? 114  ALA A O   1 
ATOM   954  C CB  . ALA A 1 119 ? -3.237  13.095  8.116   1.00 26.80 ? 114  ALA A CB  1 
ATOM   955  N N   . TYR A 1 120 ? -5.027  10.708  7.247   1.00 27.57 ? 115  TYR A N   1 
ATOM   956  C CA  . TYR A 1 120 ? -5.150  9.320   6.787   1.00 28.13 ? 115  TYR A CA  1 
ATOM   957  C C   . TYR A 1 120 ? -6.059  9.217   5.557   1.00 27.57 ? 115  TYR A C   1 
ATOM   958  O O   . TYR A 1 120 ? -5.808  8.391   4.676   1.00 27.63 ? 115  TYR A O   1 
ATOM   959  C CB  . TYR A 1 120 ? -5.502  8.301   7.912   1.00 29.54 ? 115  TYR A CB  1 
ATOM   960  C CG  . TYR A 1 120 ? -6.838  8.410   8.644   1.00 30.24 ? 115  TYR A CG  1 
ATOM   961  C CD1 . TYR A 1 120 ? -6.880  8.803   9.984   1.00 31.66 ? 115  TYR A CD1 1 
ATOM   962  C CD2 . TYR A 1 120 ? -8.034  8.022   8.041   1.00 31.13 ? 115  TYR A CD2 1 
ATOM   963  C CE1 . TYR A 1 120 ? -8.083  8.871   10.681  1.00 32.19 ? 115  TYR A CE1 1 
ATOM   964  C CE2 . TYR A 1 120 ? -9.248  8.090   8.733   1.00 31.47 ? 115  TYR A CE2 1 
ATOM   965  C CZ  . TYR A 1 120 ? -9.262  8.519   10.054  1.00 32.05 ? 115  TYR A CZ  1 
ATOM   966  O OH  . TYR A 1 120 ? -10.443 8.599   10.760  1.00 32.53 ? 115  TYR A OH  1 
ATOM   967  N N   . LYS A 1 121 ? -7.069  10.075  5.468   1.00 26.70 ? 116  LYS A N   1 
ATOM   968  C CA  . LYS A 1 121 ? -7.942  10.093  4.286   1.00 26.57 ? 116  LYS A CA  1 
ATOM   969  C C   . LYS A 1 121 ? -7.155  10.481  3.021   1.00 25.82 ? 116  LYS A C   1 
ATOM   970  O O   . LYS A 1 121 ? -7.343  9.878   1.972   1.00 24.71 ? 116  LYS A O   1 
ATOM   971  C CB  . LYS A 1 121 ? -9.162  11.009  4.478   1.00 26.84 ? 116  LYS A CB  1 
ATOM   972  C CG  . LYS A 1 121 ? -10.061 10.598  5.653   1.00 28.79 ? 116  LYS A CG  1 
ATOM   973  C CD  . LYS A 1 121 ? -11.545 10.501  5.293   1.00 31.59 ? 116  LYS A CD  1 
ATOM   974  C CE  . LYS A 1 121 ? -11.829 9.284   4.413   1.00 31.42 ? 116  LYS A CE  1 
ATOM   975  N NZ  . LYS A 1 121 ? -13.214 8.779   4.590   1.00 29.77 ? 116  LYS A NZ  1 
ATOM   976  N N   . GLN A 1 122 ? -6.257  11.458  3.140   1.00 25.65 ? 117  GLN A N   1 
ATOM   977  C CA  . GLN A 1 122 ? -5.506  11.975  1.985   1.00 26.07 ? 117  GLN A CA  1 
ATOM   978  C C   . GLN A 1 122 ? -4.457  10.983  1.510   1.00 25.52 ? 117  GLN A C   1 
ATOM   979  O O   . GLN A 1 122 ? -4.273  10.809  0.306   1.00 24.85 ? 117  GLN A O   1 
ATOM   980  C CB  . GLN A 1 122 ? -4.831  13.309  2.315   1.00 26.07 ? 117  GLN A CB  1 
ATOM   981  C CG  . GLN A 1 122 ? -5.785  14.493  2.299   1.00 26.58 ? 117  GLN A CG  1 
ATOM   982  C CD  . GLN A 1 122 ? -5.108  15.800  2.673   1.00 27.77 ? 117  GLN A CD  1 
ATOM   983  O OE1 . GLN A 1 122 ? -4.187  16.249  1.986   1.00 31.14 ? 117  GLN A OE1 1 
ATOM   984  N NE2 . GLN A 1 122 ? -5.576  16.429  3.755   1.00 28.66 ? 117  GLN A NE2 1 
ATOM   985  N N   . VAL A 1 123 ? -3.788  10.328  2.460   1.00 25.30 ? 118  VAL A N   1 
ATOM   986  C CA  . VAL A 1 123 ? -2.768  9.330   2.135   1.00 25.52 ? 118  VAL A CA  1 
ATOM   987  C C   . VAL A 1 123 ? -3.428  8.110   1.505   1.00 25.78 ? 118  VAL A C   1 
ATOM   988  O O   . VAL A 1 123 ? -2.919  7.564   0.512   1.00 24.49 ? 118  VAL A O   1 
ATOM   989  C CB  . VAL A 1 123 ? -1.949  8.912   3.381   1.00 25.38 ? 118  VAL A CB  1 
ATOM   990  C CG1 . VAL A 1 123 ? -0.991  7.787   3.038   1.00 25.45 ? 118  VAL A CG1 1 
ATOM   991  C CG2 . VAL A 1 123 ? -1.177  10.121  3.953   1.00 26.31 ? 118  VAL A CG2 1 
ATOM   992  N N   . SER A 1 124 ? -4.553  7.675   2.077   1.00 25.39 ? 119  SER A N   1 
ATOM   993  C CA  . SER A 1 124 ? -5.273  6.534   1.501   1.00 25.91 ? 119  SER A CA  1 
ATOM   994  C C   . SER A 1 124 ? -5.730  6.840   0.082   1.00 25.90 ? 119  SER A C   1 
ATOM   995  O O   . SER A 1 124 ? -5.780  5.942   -0.770  1.00 26.22 ? 119  SER A O   1 
ATOM   996  C CB  . SER A 1 124 ? -6.477  6.124   2.363   1.00 25.73 ? 119  SER A CB  1 
ATOM   997  O OG  . SER A 1 124 ? -7.511  7.055   2.228   1.00 28.66 ? 119  SER A OG  1 
ATOM   998  N N   . SER A 1 125 ? -6.081  8.099   -0.167  1.00 25.60 ? 120  SER A N   1 
ATOM   999  C CA  . SER A 1 125 ? -6.506  8.528   -1.487  1.00 25.89 ? 120  SER A CA  1 
ATOM   1000 C C   . SER A 1 125 ? -5.379  8.494   -2.522  1.00 25.73 ? 120  SER A C   1 
ATOM   1001 O O   . SER A 1 125 ? -5.573  7.965   -3.617  1.00 25.08 ? 120  SER A O   1 
ATOM   1002 C CB  . SER A 1 125 ? -7.121  9.919   -1.418  1.00 25.72 ? 120  SER A CB  1 
ATOM   1003 O OG  . SER A 1 125 ? -7.736  10.243  -2.643  1.00 28.56 ? 120  SER A OG  1 
ATOM   1004 N N   . PHE A 1 126 ? -4.213  9.065   -2.210  1.00 25.48 ? 121  PHE A N   1 
ATOM   1005 C CA  . PHE A 1 126 ? -3.137  9.014   -3.197  1.00 25.74 ? 121  PHE A CA  1 
ATOM   1006 C C   . PHE A 1 126 ? -2.569  7.600   -3.378  1.00 25.38 ? 121  PHE A C   1 
ATOM   1007 O O   . PHE A 1 126 ? -2.232  7.204   -4.490  1.00 25.19 ? 121  PHE A O   1 
ATOM   1008 C CB  . PHE A 1 126 ? -2.073  10.130  -3.031  1.00 26.23 ? 121  PHE A CB  1 
ATOM   1009 C CG  . PHE A 1 126 ? -1.166  10.038  -1.818  1.00 27.02 ? 121  PHE A CG  1 
ATOM   1010 C CD1 . PHE A 1 126 ? -1.148  11.075  -0.882  1.00 26.92 ? 121  PHE A CD1 1 
ATOM   1011 C CD2 . PHE A 1 126 ? -0.223  9.037   -1.691  1.00 27.20 ? 121  PHE A CD2 1 
ATOM   1012 C CE1 . PHE A 1 126 ? -0.259  11.063  0.205   1.00 26.07 ? 121  PHE A CE1 1 
ATOM   1013 C CE2 . PHE A 1 126 ? 0.659   9.010   -0.604  1.00 28.12 ? 121  PHE A CE2 1 
ATOM   1014 C CZ  . PHE A 1 126 ? 0.644   10.043  0.347   1.00 26.86 ? 121  PHE A CZ  1 
ATOM   1015 N N   . VAL A 1 127 ? -2.528  6.816   -2.311  1.00 24.56 ? 122  VAL A N   1 
ATOM   1016 C CA  . VAL A 1 127 ? -2.180  5.400   -2.438  1.00 24.88 ? 122  VAL A CA  1 
ATOM   1017 C C   . VAL A 1 127 ? -3.154  4.678   -3.387  1.00 24.27 ? 122  VAL A C   1 
ATOM   1018 O O   . VAL A 1 127 ? -2.743  3.948   -4.279  1.00 23.90 ? 122  VAL A O   1 
ATOM   1019 C CB  . VAL A 1 127 ? -2.134  4.701   -1.039  1.00 24.82 ? 122  VAL A CB  1 
ATOM   1020 C CG1 . VAL A 1 127 ? -2.021  3.191   -1.180  1.00 25.63 ? 122  VAL A CG1 1 
ATOM   1021 C CG2 . VAL A 1 127 ? -0.996  5.224   -0.193  1.00 25.41 ? 122  VAL A CG2 1 
ATOM   1022 N N   . ALA A 1 128 ? -4.455  4.891   -3.191  1.00 24.48 ? 123  ALA A N   1 
ATOM   1023 C CA  . ALA A 1 128 ? -5.481  4.191   -3.945  1.00 23.82 ? 123  ALA A CA  1 
ATOM   1024 C C   . ALA A 1 128 ? -5.443  4.590   -5.426  1.00 24.13 ? 123  ALA A C   1 
ATOM   1025 O O   . ALA A 1 128 ? -5.579  3.745   -6.319  1.00 23.45 ? 123  ALA A O   1 
ATOM   1026 C CB  . ALA A 1 128 ? -6.863  4.483   -3.347  1.00 23.97 ? 123  ALA A CB  1 
ATOM   1027 N N   . GLU A 1 129 ? -5.234  5.881   -5.680  1.00 23.95 ? 124  GLU A N   1 
ATOM   1028 C CA  . GLU A 1 129 ? -5.117  6.380   -7.054  1.00 24.71 ? 124  GLU A CA  1 
ATOM   1029 C C   . GLU A 1 129 ? -3.898  5.800   -7.762  1.00 23.95 ? 124  GLU A C   1 
ATOM   1030 O O   . GLU A 1 129 ? -3.958  5.446   -8.949  1.00 23.68 ? 124  GLU A O   1 
ATOM   1031 C CB  . GLU A 1 129 ? -5.039  7.906   -7.063  1.00 25.37 ? 124  GLU A CB  1 
ATOM   1032 C CG  . GLU A 1 129 ? -6.302  8.597   -6.537  1.00 28.98 ? 124  GLU A CG  1 
ATOM   1033 C CD  . GLU A 1 129 ? -7.426  8.600   -7.534  1.00 33.93 ? 124  GLU A CD  1 
ATOM   1034 O OE1 . GLU A 1 129 ? -7.213  9.102   -8.662  1.00 38.58 ? 124  GLU A OE1 1 
ATOM   1035 O OE2 . GLU A 1 129 ? -8.536  8.121   -7.187  1.00 38.29 ? 124  GLU A OE2 1 
ATOM   1036 N N   . PHE A 1 130 ? -2.790  5.682   -7.044  1.00 24.14 ? 125  PHE A N   1 
ATOM   1037 C CA  . PHE A 1 130 ? -1.622  5.042   -7.629  1.00 24.42 ? 125  PHE A CA  1 
ATOM   1038 C C   . PHE A 1 130 ? -1.924  3.604   -8.031  1.00 24.04 ? 125  PHE A C   1 
ATOM   1039 O O   . PHE A 1 130 ? -1.666  3.194   -9.176  1.00 24.34 ? 125  PHE A O   1 
ATOM   1040 C CB  . PHE A 1 130 ? -0.425  5.056   -6.672  1.00 24.79 ? 125  PHE A CB  1 
ATOM   1041 C CG  . PHE A 1 130 ? 0.784   4.421   -7.265  1.00 24.62 ? 125  PHE A CG  1 
ATOM   1042 C CD1 . PHE A 1 130 ? 1.025   3.061   -7.095  1.00 24.72 ? 125  PHE A CD1 1 
ATOM   1043 C CD2 . PHE A 1 130 ? 1.645   5.164   -8.058  1.00 24.94 ? 125  PHE A CD2 1 
ATOM   1044 C CE1 . PHE A 1 130 ? 2.132   2.460   -7.667  1.00 24.92 ? 125  PHE A CE1 1 
ATOM   1045 C CE2 . PHE A 1 130 ? 2.748   4.572   -8.652  1.00 24.66 ? 125  PHE A CE2 1 
ATOM   1046 C CZ  . PHE A 1 130 ? 2.982   3.207   -8.472  1.00 25.14 ? 125  PHE A CZ  1 
ATOM   1047 N N   . ILE A 1 131 ? -2.463  2.851   -7.079  1.00 23.88 ? 126  ILE A N   1 
ATOM   1048 C CA  . ILE A 1 131 ? -2.774  1.441   -7.300  1.00 23.89 ? 126  ILE A CA  1 
ATOM   1049 C C   . ILE A 1 131 ? -3.718  1.281   -8.508  1.00 23.01 ? 126  ILE A C   1 
ATOM   1050 O O   . ILE A 1 131 ? -3.484  0.439   -9.386  1.00 22.72 ? 126  ILE A O   1 
ATOM   1051 C CB  . ILE A 1 131 ? -3.364  0.782   -6.036  1.00 23.76 ? 126  ILE A CB  1 
ATOM   1052 C CG1 . ILE A 1 131 ? -2.287  0.599   -4.960  1.00 23.45 ? 126  ILE A CG1 1 
ATOM   1053 C CG2 . ILE A 1 131 ? -3.913  -0.621  -6.339  1.00 25.17 ? 126  ILE A CG2 1 
ATOM   1054 C CD1 . ILE A 1 131 ? -2.856  0.275   -3.601  1.00 25.14 ? 126  ILE A CD1 1 
ATOM   1055 N N   . MET A 1 132 ? -4.756  2.108   -8.577  1.00 22.36 ? 127  MET A N   1 
ATOM   1056 C CA  . MET A 1 132 ? -5.733  1.995   -9.655  1.00 21.72 ? 127  MET A CA  1 
ATOM   1057 C C   . MET A 1 132 ? -5.097  2.341   -10.995 1.00 21.83 ? 127  MET A C   1 
ATOM   1058 O O   . MET A 1 132 ? -5.272  1.605   -11.959 1.00 20.87 ? 127  MET A O   1 
ATOM   1059 C CB  . MET A 1 132 ? -6.954  2.865   -9.401  1.00 21.79 ? 127  MET A CB  1 
ATOM   1060 C CG  . MET A 1 132 ? -8.054  2.761   -10.494 1.00 22.17 ? 127  MET A CG  1 
ATOM   1061 S SD  . MET A 1 132 ? -8.792  1.132   -10.687 1.00 24.42 ? 127  MET A SD  1 
ATOM   1062 C CE  . MET A 1 132 ? -9.836  1.409   -12.121 1.00 23.80 ? 127  MET A CE  1 
ATOM   1063 N N   . ASN A 1 133 ? -4.360  3.450   -11.043 1.00 22.49 ? 128  ASN A N   1 
ATOM   1064 C CA  . ASN A 1 133 ? -3.766  3.925   -12.288 1.00 23.12 ? 128  ASN A CA  1 
ATOM   1065 C C   . ASN A 1 133 ? -2.695  2.979   -12.841 1.00 23.40 ? 128  ASN A C   1 
ATOM   1066 O O   . ASN A 1 133 ? -2.647  2.734   -14.031 1.00 23.31 ? 128  ASN A O   1 
ATOM   1067 C CB  . ASN A 1 133 ? -3.168  5.316   -12.083 1.00 22.85 ? 128  ASN A CB  1 
ATOM   1068 C CG  . ASN A 1 133 ? -3.044  6.107   -13.382 1.00 23.61 ? 128  ASN A CG  1 
ATOM   1069 O OD1 . ASN A 1 133 ? -3.624  5.752   -14.423 1.00 24.30 ? 128  ASN A OD1 1 
ATOM   1070 N ND2 . ASN A 1 133 ? -2.290  7.198   -13.326 1.00 23.95 ? 128  ASN A ND2 1 
ATOM   1071 N N   . ASN A 1 134 ? -1.856  2.448   -11.957 1.00 23.87 ? 129  ASN A N   1 
ATOM   1072 C CA  . ASN A 1 134 ? -0.686  1.669   -12.363 1.00 24.30 ? 129  ASN A CA  1 
ATOM   1073 C C   . ASN A 1 134 ? -0.934  0.165   -12.401 1.00 24.19 ? 129  ASN A C   1 
ATOM   1074 O O   . ASN A 1 134 ? -0.290  -0.530  -13.180 1.00 23.45 ? 129  ASN A O   1 
ATOM   1075 C CB  . ASN A 1 134 ? 0.500   1.971   -11.443 1.00 24.57 ? 129  ASN A CB  1 
ATOM   1076 C CG  . ASN A 1 134 ? 1.102   3.336   -11.703 1.00 25.49 ? 129  ASN A CG  1 
ATOM   1077 O OD1 . ASN A 1 134 ? 2.002   3.484   -12.536 1.00 29.90 ? 129  ASN A OD1 1 
ATOM   1078 N ND2 . ASN A 1 134 ? 0.601   4.349   -11.002 1.00 25.16 ? 129  ASN A ND2 1 
ATOM   1079 N N   . THR A 1 135 ? -1.844  -0.331  -11.556 1.00 24.42 ? 130  THR A N   1 
ATOM   1080 C CA  . THR A 1 135 ? -2.097  -1.774  -11.444 1.00 24.88 ? 130  THR A CA  1 
ATOM   1081 C C   . THR A 1 135 ? -3.560  -2.220  -11.595 1.00 24.82 ? 130  THR A C   1 
ATOM   1082 O O   . THR A 1 135 ? -3.841  -3.401  -11.478 1.00 23.90 ? 130  THR A O   1 
ATOM   1083 C CB  . THR A 1 135 ? -1.573  -2.328  -10.098 1.00 24.81 ? 130  THR A CB  1 
ATOM   1084 O OG1 . THR A 1 135 ? -2.413  -1.890  -9.026  1.00 24.93 ? 130  THR A OG1 1 
ATOM   1085 C CG2 . THR A 1 135 ? -0.134  -1.860  -9.836  1.00 25.31 ? 130  THR A CG2 1 
ATOM   1086 N N   . GLY A 1 136 ? -4.485  -1.298  -11.843 1.00 25.15 ? 131  GLY A N   1 
ATOM   1087 C CA  . GLY A 1 136 ? -5.912  -1.652  -11.919 1.00 24.98 ? 131  GLY A CA  1 
ATOM   1088 C C   . GLY A 1 136 ? -6.248  -2.629  -13.027 1.00 25.46 ? 131  GLY A C   1 
ATOM   1089 O O   . GLY A 1 136 ? -7.087  -3.550  -12.856 1.00 25.12 ? 131  GLY A O   1 
ATOM   1090 N N   . GLU A 1 137 ? -5.600  -2.452  -14.170 1.00 25.53 ? 132  GLU A N   1 
ATOM   1091 C CA  . GLU A 1 137 ? -5.842  -3.339  -15.298 1.00 26.24 ? 132  GLU A CA  1 
ATOM   1092 C C   . GLU A 1 137 ? -5.260  -4.719  -15.025 1.00 25.17 ? 132  GLU A C   1 
ATOM   1093 O O   . GLU A 1 137 ? -5.916  -5.726  -15.273 1.00 23.78 ? 132  GLU A O   1 
ATOM   1094 C CB  . GLU A 1 137 ? -5.273  -2.752  -16.588 1.00 27.09 ? 132  GLU A CB  1 
ATOM   1095 C CG  . GLU A 1 137 ? -5.665  -3.514  -17.847 1.00 30.55 ? 132  GLU A CG  1 
ATOM   1096 C CD  . GLU A 1 137 ? -7.177  -3.694  -18.029 1.00 35.09 ? 132  GLU A CD  1 
ATOM   1097 O OE1 . GLU A 1 137 ? -7.969  -2.846  -17.544 1.00 37.90 ? 132  GLU A OE1 1 
ATOM   1098 O OE2 . GLU A 1 137 ? -7.571  -4.695  -18.670 1.00 38.14 ? 132  GLU A OE2 1 
ATOM   1099 N N   . TRP A 1 138 ? -4.038  -4.753  -14.495 1.00 24.44 ? 133  TRP A N   1 
ATOM   1100 C CA  . TRP A 1 138 ? -3.424  -6.014  -14.086 1.00 24.22 ? 133  TRP A CA  1 
ATOM   1101 C C   . TRP A 1 138 ? -4.324  -6.772  -13.088 1.00 23.94 ? 133  TRP A C   1 
ATOM   1102 O O   . TRP A 1 138 ? -4.546  -7.974  -13.232 1.00 23.72 ? 133  TRP A O   1 
ATOM   1103 C CB  . TRP A 1 138 ? -2.030  -5.783  -13.487 1.00 23.96 ? 133  TRP A CB  1 
ATOM   1104 C CG  . TRP A 1 138 ? -1.288  -7.061  -13.207 1.00 23.02 ? 133  TRP A CG  1 
ATOM   1105 C CD1 . TRP A 1 138 ? -0.378  -7.687  -14.015 1.00 23.76 ? 133  TRP A CD1 1 
ATOM   1106 C CD2 . TRP A 1 138 ? -1.403  -7.872  -12.025 1.00 23.66 ? 133  TRP A CD2 1 
ATOM   1107 N NE1 . TRP A 1 138 ? 0.080   -8.841  -13.402 1.00 23.45 ? 133  TRP A NE1 1 
ATOM   1108 C CE2 . TRP A 1 138 ? -0.542  -8.976  -12.185 1.00 23.38 ? 133  TRP A CE2 1 
ATOM   1109 C CE3 . TRP A 1 138 ? -2.158  -7.765  -10.844 1.00 22.85 ? 133  TRP A CE3 1 
ATOM   1110 C CZ2 . TRP A 1 138 ? -0.420  -9.974  -11.214 1.00 24.32 ? 133  TRP A CZ2 1 
ATOM   1111 C CZ3 . TRP A 1 138 ? -2.040  -8.759  -9.888  1.00 24.17 ? 133  TRP A CZ3 1 
ATOM   1112 C CH2 . TRP A 1 138 ? -1.173  -9.842  -10.074 1.00 23.70 ? 133  TRP A CH2 1 
ATOM   1113 N N   . ILE A 1 139 ? -4.837  -6.049  -12.093 1.00 23.85 ? 134  ILE A N   1 
ATOM   1114 C CA  . ILE A 1 139 ? -5.732  -6.618  -11.088 1.00 23.84 ? 134  ILE A CA  1 
ATOM   1115 C C   . ILE A 1 139 ? -6.966  -7.248  -11.730 1.00 24.27 ? 134  ILE A C   1 
ATOM   1116 O O   . ILE A 1 139 ? -7.331  -8.379  -11.398 1.00 23.40 ? 134  ILE A O   1 
ATOM   1117 C CB  . ILE A 1 139 ? -6.157  -5.549  -10.055 1.00 23.84 ? 134  ILE A CB  1 
ATOM   1118 C CG1 . ILE A 1 139 ? -4.957  -5.213  -9.148  1.00 23.57 ? 134  ILE A CG1 1 
ATOM   1119 C CG2 . ILE A 1 139 ? -7.351  -6.027  -9.244  1.00 23.29 ? 134  ILE A CG2 1 
ATOM   1120 C CD1 . ILE A 1 139 ? -5.191  -4.052  -8.198  1.00 24.28 ? 134  ILE A CD1 1 
ATOM   1121 N N   . ARG A 1 140 ? -7.603  -6.516  -12.639 1.00 24.56 ? 135  ARG A N   1 
ATOM   1122 C CA  . ARG A 1 140 ? -8.725  -7.061  -13.393 1.00 25.69 ? 135  ARG A CA  1 
ATOM   1123 C C   . ARG A 1 140 ? -8.337  -8.340  -14.148 1.00 25.93 ? 135  ARG A C   1 
ATOM   1124 O O   . ARG A 1 140 ? -9.027  -9.359  -14.051 1.00 25.71 ? 135  ARG A O   1 
ATOM   1125 C CB  . ARG A 1 140 ? -9.279  -6.030  -14.374 1.00 25.49 ? 135  ARG A CB  1 
ATOM   1126 C CG  . ARG A 1 140 ? -10.582 -6.482  -15.017 1.00 26.65 ? 135  ARG A CG  1 
ATOM   1127 C CD  . ARG A 1 140 ? -11.026 -5.555  -16.121 1.00 26.70 ? 135  ARG A CD  1 
ATOM   1128 N NE  . ARG A 1 140 ? -11.512 -4.281  -15.602 1.00 28.56 ? 135  ARG A NE  1 
ATOM   1129 C CZ  . ARG A 1 140 ? -12.011 -3.317  -16.369 1.00 29.04 ? 135  ARG A CZ  1 
ATOM   1130 N NH1 . ARG A 1 140 ? -12.048 -3.459  -17.689 1.00 29.95 ? 135  ARG A NH1 1 
ATOM   1131 N NH2 . ARG A 1 140 ? -12.446 -2.192  -15.817 1.00 29.83 ? 135  ARG A NH2 1 
ATOM   1132 N N   . GLN A 1 141 ? -7.229  -8.284  -14.881 1.00 26.47 ? 136  GLN A N   1 
ATOM   1133 C CA  . GLN A 1 141 ? -6.759  -9.424  -15.679 1.00 27.17 ? 136  GLN A CA  1 
ATOM   1134 C C   . GLN A 1 141 ? -6.369  -10.640 -14.834 1.00 26.68 ? 136  GLN A C   1 
ATOM   1135 O O   . GLN A 1 141 ? -6.340  -11.765 -15.346 1.00 26.19 ? 136  GLN A O   1 
ATOM   1136 C CB  . GLN A 1 141 ? -5.556  -9.013  -16.535 1.00 27.34 ? 136  GLN A CB  1 
ATOM   1137 C CG  . GLN A 1 141 ? -5.912  -8.125  -17.715 1.00 28.18 ? 136  GLN A CG  1 
ATOM   1138 C CD  . GLN A 1 141 ? -4.752  -7.240  -18.187 1.00 29.43 ? 136  GLN A CD  1 
ATOM   1139 O OE1 . GLN A 1 141 ? -3.711  -7.110  -17.507 1.00 33.64 ? 136  GLN A OE1 1 
ATOM   1140 N NE2 . GLN A 1 141 ? -4.941  -6.599  -19.345 1.00 29.77 ? 136  GLN A NE2 1 
ATOM   1141 N N   . ASN A 1 142 ? -6.066  -10.416 -13.557 1.00 26.00 ? 137  ASN A N   1 
ATOM   1142 C CA  . ASN A 1 142 ? -5.606  -11.483 -12.677 1.00 26.30 ? 137  ASN A CA  1 
ATOM   1143 C C   . ASN A 1 142 ? -6.580  -11.849 -11.577 1.00 26.47 ? 137  ASN A C   1 
ATOM   1144 O O   . ASN A 1 142 ? -6.170  -12.262 -10.502 1.00 27.04 ? 137  ASN A O   1 
ATOM   1145 C CB  . ASN A 1 142 ? -4.232  -11.136 -12.120 1.00 26.34 ? 137  ASN A CB  1 
ATOM   1146 C CG  . ASN A 1 142 ? -3.171  -11.233 -13.169 1.00 26.44 ? 137  ASN A CG  1 
ATOM   1147 O OD1 . ASN A 1 142 ? -2.512  -12.265 -13.294 1.00 29.32 ? 137  ASN A OD1 1 
ATOM   1148 N ND2 . ASN A 1 142 ? -3.046  -10.196 -13.986 1.00 26.25 ? 137  ASN A ND2 1 
ATOM   1149 N N   . GLY A 1 143 ? -7.872  -11.710 -11.876 1.00 26.38 ? 138  GLY A N   1 
ATOM   1150 C CA  . GLY A 1 143 ? -8.945  -12.282 -11.067 1.00 26.09 ? 138  GLY A CA  1 
ATOM   1151 C C   . GLY A 1 143 ? -9.556  -11.326 -10.075 1.00 25.46 ? 138  GLY A C   1 
ATOM   1152 O O   . GLY A 1 143 ? -10.461 -11.703 -9.339  1.00 25.47 ? 138  GLY A O   1 
ATOM   1153 N N   . GLY A 1 144 ? -9.074  -10.087 -10.050 1.00 24.72 ? 139  GLY A N   1 
ATOM   1154 C CA  . GLY A 1 144 ? -9.516  -9.127  -9.055  1.00 24.37 ? 139  GLY A CA  1 
ATOM   1155 C C   . GLY A 1 144 ? -9.284  -9.574  -7.617  1.00 24.40 ? 139  GLY A C   1 
ATOM   1156 O O   . GLY A 1 144 ? -8.473  -10.483 -7.341  1.00 23.05 ? 139  GLY A O   1 
ATOM   1157 N N   . TRP A 1 145 ? -10.012 -8.940  -6.698  1.00 24.27 ? 140  TRP A N   1 
ATOM   1158 C CA  . TRP A 1 145 ? -9.753  -9.093  -5.268  1.00 25.01 ? 140  TRP A CA  1 
ATOM   1159 C C   . TRP A 1 145 ? -10.344 -10.393 -4.707  1.00 25.82 ? 140  TRP A C   1 
ATOM   1160 O O   . TRP A 1 145 ? -9.703  -11.066 -3.905  1.00 25.60 ? 140  TRP A O   1 
ATOM   1161 C CB  . TRP A 1 145 ? -10.249 -7.862  -4.477  1.00 24.24 ? 140  TRP A CB  1 
ATOM   1162 C CG  . TRP A 1 145 ? -9.448  -6.646  -4.779  1.00 24.52 ? 140  TRP A CG  1 
ATOM   1163 C CD1 . TRP A 1 145 ? -9.792  -5.616  -5.607  1.00 23.91 ? 140  TRP A CD1 1 
ATOM   1164 C CD2 . TRP A 1 145 ? -8.131  -6.351  -4.296  1.00 24.26 ? 140  TRP A CD2 1 
ATOM   1165 N NE1 . TRP A 1 145 ? -8.779  -4.693  -5.655  1.00 25.20 ? 140  TRP A NE1 1 
ATOM   1166 C CE2 . TRP A 1 145 ? -7.744  -5.121  -4.866  1.00 24.63 ? 140  TRP A CE2 1 
ATOM   1167 C CE3 . TRP A 1 145 ? -7.241  -7.009  -3.439  1.00 24.47 ? 140  TRP A CE3 1 
ATOM   1168 C CZ2 . TRP A 1 145 ? -6.515  -4.537  -4.607  1.00 23.98 ? 140  TRP A CZ2 1 
ATOM   1169 C CZ3 . TRP A 1 145 ? -6.016  -6.418  -3.168  1.00 23.23 ? 140  TRP A CZ3 1 
ATOM   1170 C CH2 . TRP A 1 145 ? -5.667  -5.194  -3.751  1.00 24.22 ? 140  TRP A CH2 1 
ATOM   1171 N N   . GLU A 1 146 ? -11.550 -10.753 -5.145  1.00 27.20 ? 141  GLU A N   1 
ATOM   1172 C CA  . GLU A 1 146 ? -12.214 -11.974 -4.651  1.00 28.42 ? 141  GLU A CA  1 
ATOM   1173 C C   . GLU A 1 146 ? -11.681 -13.264 -5.263  1.00 29.43 ? 141  GLU A C   1 
ATOM   1174 O O   . GLU A 1 146 ? -11.741 -14.319 -4.640  1.00 30.73 ? 141  GLU A O   1 
ATOM   1175 C CB  . GLU A 1 146 ? -13.726 -11.903 -4.871  1.00 28.29 ? 141  GLU A CB  1 
ATOM   1176 N N   . ASP A 1 147 ? -11.177 -13.188 -6.486  1.00 30.15 ? 142  ASP A N   1 
ATOM   1177 C CA  . ASP A 1 147 ? -10.812 -14.384 -7.242  1.00 30.60 ? 142  ASP A CA  1 
ATOM   1178 C C   . ASP A 1 147 ? -9.294  -14.506 -7.399  1.00 29.78 ? 142  ASP A C   1 
ATOM   1179 O O   . ASP A 1 147 ? -8.747  -15.607 -7.450  1.00 30.81 ? 142  ASP A O   1 
ATOM   1180 C CB  . ASP A 1 147 ? -11.496 -14.322 -8.610  1.00 31.03 ? 142  ASP A CB  1 
ATOM   1181 C CG  . ASP A 1 147 ? -11.511 -15.643 -9.335  1.00 33.41 ? 142  ASP A CG  1 
ATOM   1182 O OD1 . ASP A 1 147 ? -10.755 -16.575 -8.967  1.00 37.64 ? 142  ASP A OD1 1 
ATOM   1183 O OD2 . ASP A 1 147 ? -12.299 -15.740 -10.300 1.00 36.18 ? 142  ASP A OD2 1 
ATOM   1184 N N   . GLY A 1 148 ? -8.616  -13.377 -7.494  1.00 28.11 ? 143  GLY A N   1 
ATOM   1185 C CA  . GLY A 1 148 ? -7.169  -13.371 -7.620  1.00 27.14 ? 143  GLY A CA  1 
ATOM   1186 C C   . GLY A 1 148 ? -6.521  -13.301 -6.259  1.00 25.88 ? 143  GLY A C   1 
ATOM   1187 O O   . GLY A 1 148 ? -5.884  -14.248 -5.814  1.00 25.73 ? 143  GLY A O   1 
ATOM   1188 N N   . PHE A 1 149 ? -6.712  -12.171 -5.597  1.00 25.01 ? 144  PHE A N   1 
ATOM   1189 C CA  . PHE A 1 149 ? -5.994  -11.849 -4.366  1.00 24.64 ? 144  PHE A CA  1 
ATOM   1190 C C   . PHE A 1 149 ? -6.284  -12.833 -3.242  1.00 24.76 ? 144  PHE A C   1 
ATOM   1191 O O   . PHE A 1 149 ? -5.361  -13.314 -2.580  1.00 24.22 ? 144  PHE A O   1 
ATOM   1192 C CB  . PHE A 1 149 ? -6.339  -10.419 -3.923  1.00 25.06 ? 144  PHE A CB  1 
ATOM   1193 C CG  . PHE A 1 149 ? -5.663  -10.000 -2.660  1.00 24.62 ? 144  PHE A CG  1 
ATOM   1194 C CD1 . PHE A 1 149 ? -6.361  -9.988  -1.459  1.00 24.68 ? 144  PHE A CD1 1 
ATOM   1195 C CD2 . PHE A 1 149 ? -4.342  -9.591  -2.668  1.00 25.55 ? 144  PHE A CD2 1 
ATOM   1196 C CE1 . PHE A 1 149 ? -5.752  -9.610  -0.289  1.00 24.46 ? 144  PHE A CE1 1 
ATOM   1197 C CE2 . PHE A 1 149 ? -3.727  -9.188  -1.495  1.00 26.17 ? 144  PHE A CE2 1 
ATOM   1198 C CZ  . PHE A 1 149 ? -4.439  -9.207  -0.299  1.00 25.66 ? 144  PHE A CZ  1 
ATOM   1199 N N   . ILE A 1 150 ? -7.564  -13.128 -3.024  1.00 24.60 ? 145  ILE A N   1 
ATOM   1200 C CA  . ILE A 1 150 ? -7.934  -14.048 -1.963  1.00 25.03 ? 145  ILE A CA  1 
ATOM   1201 C C   . ILE A 1 150 ? -7.406  -15.436 -2.277  1.00 24.91 ? 145  ILE A C   1 
ATOM   1202 O O   . ILE A 1 150 ? -6.882  -16.094 -1.393  1.00 24.75 ? 145  ILE A O   1 
ATOM   1203 C CB  . ILE A 1 150 ? -9.458  -14.082 -1.693  1.00 25.13 ? 145  ILE A CB  1 
ATOM   1204 C CG1 . ILE A 1 150 ? -9.890  -12.757 -1.032  1.00 25.49 ? 145  ILE A CG1 1 
ATOM   1205 C CG2 . ILE A 1 150 ? -9.815  -15.291 -0.813  1.00 25.22 ? 145  ILE A CG2 1 
ATOM   1206 C CD1 . ILE A 1 150 ? -11.403 -12.581 -0.915  1.00 25.49 ? 145  ILE A CD1 1 
ATOM   1207 N N   . LYS A 1 151 ? -7.524  -15.874 -3.529  1.00 24.95 ? 146  LYS A N   1 
ATOM   1208 C CA  . LYS A 1 151 ? -7.007  -17.190 -3.900  1.00 25.96 ? 146  LYS A CA  1 
ATOM   1209 C C   . LYS A 1 151 ? -5.479  -17.298 -3.805  1.00 25.72 ? 146  LYS A C   1 
ATOM   1210 O O   . LYS A 1 151 ? -4.950  -18.380 -3.564  1.00 25.99 ? 146  LYS A O   1 
ATOM   1211 C CB  . LYS A 1 151 ? -7.490  -17.599 -5.292  1.00 26.19 ? 146  LYS A CB  1 
ATOM   1212 C CG  . LYS A 1 151 ? -8.988  -17.909 -5.342  1.00 27.33 ? 146  LYS A CG  1 
ATOM   1213 C CD  . LYS A 1 151 ? -9.333  -18.704 -6.592  1.00 27.42 ? 146  LYS A CD  1 
ATOM   1214 C CE  . LYS A 1 151 ? -10.824 -18.890 -6.777  1.00 28.30 ? 146  LYS A CE  1 
ATOM   1215 N NZ  . LYS A 1 151 ? -11.101 -19.647 -8.036  1.00 27.95 ? 146  LYS A NZ  1 
ATOM   1216 N N   . LYS A 1 152 ? -4.785  -16.181 -4.004  1.00 25.76 ? 147  LYS A N   1 
ATOM   1217 C CA  . LYS A 1 152 ? -3.329  -16.120 -3.860  1.00 25.60 ? 147  LYS A CA  1 
ATOM   1218 C C   . LYS A 1 152 ? -2.897  -16.301 -2.389  1.00 25.25 ? 147  LYS A C   1 
ATOM   1219 O O   . LYS A 1 152 ? -2.002  -17.083 -2.102  1.00 24.86 ? 147  LYS A O   1 
ATOM   1220 C CB  . LYS A 1 152 ? -2.821  -14.793 -4.427  1.00 25.64 ? 147  LYS A CB  1 
ATOM   1221 C CG  . LYS A 1 152 ? -1.327  -14.499 -4.259  1.00 25.94 ? 147  LYS A CG  1 
ATOM   1222 C CD  . LYS A 1 152 ? -0.457  -15.379 -5.131  1.00 26.49 ? 147  LYS A CD  1 
ATOM   1223 C CE  . LYS A 1 152 ? 1.003   -14.945 -5.048  1.00 25.69 ? 147  LYS A CE  1 
ATOM   1224 N NZ  . LYS A 1 152 ? 1.888   -15.869 -5.819  1.00 24.57 ? 147  LYS A NZ  1 
ATOM   1225 N N   . PHE A 1 153 ? -3.555  -15.603 -1.467  1.00 24.91 ? 148  PHE A N   1 
ATOM   1226 C CA  . PHE A 1 153 ? -3.061  -15.483 -0.089  1.00 24.67 ? 148  PHE A CA  1 
ATOM   1227 C C   . PHE A 1 153 ? -3.807  -16.339 0.930   1.00 25.39 ? 148  PHE A C   1 
ATOM   1228 O O   . PHE A 1 153 ? -3.281  -16.638 2.003   1.00 24.59 ? 148  PHE A O   1 
ATOM   1229 C CB  . PHE A 1 153 ? -3.067  -14.013 0.336   1.00 24.40 ? 148  PHE A CB  1 
ATOM   1230 C CG  . PHE A 1 153 ? -2.037  -13.196 -0.363  1.00 23.52 ? 148  PHE A CG  1 
ATOM   1231 C CD1 . PHE A 1 153 ? -2.389  -12.319 -1.370  1.00 24.20 ? 148  PHE A CD1 1 
ATOM   1232 C CD2 . PHE A 1 153 ? -0.692  -13.330 -0.033  1.00 23.76 ? 148  PHE A CD2 1 
ATOM   1233 C CE1 . PHE A 1 153 ? -1.434  -11.584 -2.032  1.00 25.82 ? 148  PHE A CE1 1 
ATOM   1234 C CE2 . PHE A 1 153 ? 0.278   -12.598 -0.693  1.00 24.37 ? 148  PHE A CE2 1 
ATOM   1235 C CZ  . PHE A 1 153 ? -0.086  -11.717 -1.696  1.00 24.65 ? 148  PHE A CZ  1 
ATOM   1236 N N   . GLU A 1 154 ? -5.021  -16.743 0.583   1.00 26.36 ? 149  GLU A N   1 
ATOM   1237 C CA  . GLU A 1 154 ? -5.853  -17.553 1.455   1.00 27.49 ? 149  GLU A CA  1 
ATOM   1238 C C   . GLU A 1 154 ? -6.622  -18.556 0.608   1.00 27.85 ? 149  GLU A C   1 
ATOM   1239 O O   . GLU A 1 154 ? -7.849  -18.481 0.502   1.00 28.05 ? 149  GLU A O   1 
ATOM   1240 C CB  . GLU A 1 154 ? -6.805  -16.653 2.252   1.00 27.40 ? 149  GLU A CB  1 
ATOM   1241 C CG  . GLU A 1 154 ? -7.533  -17.363 3.389   1.00 28.18 ? 149  GLU A CG  1 
ATOM   1242 C CD  . GLU A 1 154 ? -8.150  -16.382 4.368   1.00 28.49 ? 149  GLU A CD  1 
ATOM   1243 O OE1 . GLU A 1 154 ? -9.373  -16.126 4.260   1.00 29.27 ? 149  GLU A OE1 1 
ATOM   1244 O OE2 . GLU A 1 154 ? -7.398  -15.846 5.218   1.00 29.16 ? 149  GLU A OE2 1 
ATOM   1245 N N   . PRO A 1 155 ? -5.898  -19.495 -0.022  1.00 28.56 ? 150  PRO A N   1 
ATOM   1246 C CA  . PRO A 1 155 ? -6.598  -20.549 -0.759  1.00 28.99 ? 150  PRO A CA  1 
ATOM   1247 C C   . PRO A 1 155 ? -7.349  -21.488 0.185   1.00 29.30 ? 150  PRO A C   1 
ATOM   1248 O O   . PRO A 1 155 ? -8.486  -21.885 -0.110  1.00 30.50 ? 150  PRO A O   1 
ATOM   1249 C CB  . PRO A 1 155 ? -5.467  -21.285 -1.493  1.00 29.20 ? 150  PRO A CB  1 
ATOM   1250 C CG  . PRO A 1 155 ? -4.209  -20.951 -0.719  1.00 29.12 ? 150  PRO A CG  1 
ATOM   1251 C CD  . PRO A 1 155 ? -4.429  -19.635 -0.069  1.00 28.56 ? 150  PRO A CD  1 
ATOM   1252 N N   . PRO B 2 1   ? 25.993  7.204   -9.026  1.00 27.07 ? 64   PRO B N   1 
ATOM   1253 C CA  . PRO B 2 1   ? 25.700  6.247   -7.965  1.00 26.85 ? 64   PRO B CA  1 
ATOM   1254 C C   . PRO B 2 1   ? 24.234  6.249   -7.576  1.00 26.76 ? 64   PRO B C   1 
ATOM   1255 O O   . PRO B 2 1   ? 23.459  7.070   -8.072  1.00 26.44 ? 64   PRO B O   1 
ATOM   1256 C CB  . PRO B 2 1   ? 26.569  6.731   -6.788  1.00 26.97 ? 64   PRO B CB  1 
ATOM   1257 C CG  . PRO B 2 1   ? 27.091  8.082   -7.189  1.00 27.00 ? 64   PRO B CG  1 
ATOM   1258 C CD  . PRO B 2 1   ? 27.136  8.064   -8.681  1.00 27.17 ? 64   PRO B CD  1 
ATOM   1259 N N   . ASN B 2 2   ? 23.872  5.332   -6.686  1.00 26.65 ? 65   ASN B N   1 
ATOM   1260 C CA  . ASN B 2 2   ? 22.474  5.132   -6.308  1.00 26.43 ? 65   ASN B CA  1 
ATOM   1261 C C   . ASN B 2 2   ? 21.946  6.207   -5.354  1.00 25.93 ? 65   ASN B C   1 
ATOM   1262 O O   . ASN B 2 2   ? 22.698  7.057   -4.872  1.00 26.11 ? 65   ASN B O   1 
ATOM   1263 C CB  . ASN B 2 2   ? 22.265  3.719   -5.748  1.00 26.94 ? 65   ASN B CB  1 
ATOM   1264 C CG  . ASN B 2 2   ? 23.025  3.469   -4.457  1.00 27.89 ? 65   ASN B CG  1 
ATOM   1265 O OD1 . ASN B 2 2   ? 23.751  4.329   -3.975  1.00 28.46 ? 65   ASN B OD1 1 
ATOM   1266 N ND2 . ASN B 2 2   ? 22.851  2.276   -3.889  1.00 31.13 ? 65   ASN B ND2 1 
ATOM   1267 N N   . SER B 2 3   ? 20.637  6.187   -5.128  1.00 24.98 ? 66   SER B N   1 
ATOM   1268 C CA  . SER B 2 3   ? 19.980  7.142   -4.253  1.00 24.27 ? 66   SER B CA  1 
ATOM   1269 C C   . SER B 2 3   ? 19.229  6.371   -3.180  1.00 23.74 ? 66   SER B C   1 
ATOM   1270 O O   . SER B 2 3   ? 18.919  5.190   -3.372  1.00 23.48 ? 66   SER B O   1 
ATOM   1271 C CB  . SER B 2 3   ? 19.018  8.004   -5.063  1.00 24.29 ? 66   SER B CB  1 
ATOM   1272 O OG  . SER B 2 3   ? 17.932  7.233   -5.568  1.00 23.99 ? 66   SER B OG  1 
ATOM   1273 N N   . ILE B 2 4   ? 18.936  7.041   -2.065  1.00 23.22 ? 67   ILE B N   1 
ATOM   1274 C CA  . ILE B 2 4   ? 18.243  6.427   -0.940  1.00 23.06 ? 67   ILE B CA  1 
ATOM   1275 C C   . ILE B 2 4   ? 16.867  5.912   -1.359  1.00 22.72 ? 67   ILE B C   1 
ATOM   1276 O O   . ILE B 2 4   ? 16.513  4.775   -1.061  1.00 21.94 ? 67   ILE B O   1 
ATOM   1277 C CB  . ILE B 2 4   ? 18.095  7.427   0.253   1.00 23.52 ? 67   ILE B CB  1 
ATOM   1278 C CG1 . ILE B 2 4   ? 19.472  7.813   0.829   1.00 24.36 ? 67   ILE B CG1 1 
ATOM   1279 C CG2 . ILE B 2 4   ? 17.203  6.850   1.345   1.00 23.90 ? 67   ILE B CG2 1 
ATOM   1280 C CD1 . ILE B 2 4   ? 20.128  6.735   1.652   1.00 25.55 ? 67   ILE B CD1 1 
ATOM   1281 N N   . LEU B 2 5   ? 16.089  6.733   -2.054  1.00 22.58 ? 68   LEU B N   1 
ATOM   1282 C CA  . LEU B 2 5   ? 14.765  6.280   -2.501  1.00 23.40 ? 68   LEU B CA  1 
ATOM   1283 C C   . LEU B 2 5   ? 14.832  5.200   -3.581  1.00 23.62 ? 68   LEU B C   1 
ATOM   1284 O O   . LEU B 2 5   ? 13.957  4.335   -3.651  1.00 23.96 ? 68   LEU B O   1 
ATOM   1285 C CB  . LEU B 2 5   ? 13.896  7.464   -2.936  1.00 23.83 ? 68   LEU B CB  1 
ATOM   1286 C CG  . LEU B 2 5   ? 13.601  8.457   -1.793  1.00 24.67 ? 68   LEU B CG  1 
ATOM   1287 C CD1 . LEU B 2 5   ? 12.543  9.466   -2.194  1.00 25.34 ? 68   LEU B CD1 1 
ATOM   1288 C CD2 . LEU B 2 5   ? 13.187  7.775   -0.472  1.00 24.27 ? 68   LEU B CD2 1 
ATOM   1289 N N   . GLY B 2 6   ? 15.875  5.230   -4.408  1.00 23.84 ? 69   GLY B N   1 
ATOM   1290 C CA  . GLY B 2 6   ? 16.153  4.132   -5.325  1.00 24.12 ? 69   GLY B CA  1 
ATOM   1291 C C   . GLY B 2 6   ? 16.295  2.839   -4.540  1.00 24.41 ? 69   GLY B C   1 
ATOM   1292 O O   . GLY B 2 6   ? 15.604  1.853   -4.812  1.00 25.22 ? 69   GLY B O   1 
ATOM   1293 N N   . GLN B 2 7   ? 17.178  2.851   -3.547  1.00 24.29 ? 70   GLN B N   1 
ATOM   1294 C CA  . GLN B 2 7   ? 17.427  1.668   -2.743  1.00 24.18 ? 70   GLN B CA  1 
ATOM   1295 C C   . GLN B 2 7   ? 16.163  1.196   -2.043  1.00 23.74 ? 70   GLN B C   1 
ATOM   1296 O O   . GLN B 2 7   ? 15.888  -0.005  -2.013  1.00 23.37 ? 70   GLN B O   1 
ATOM   1297 C CB  . GLN B 2 7   ? 18.506  1.942   -1.708  1.00 24.24 ? 70   GLN B CB  1 
ATOM   1298 C CG  . GLN B 2 7   ? 19.900  2.075   -2.278  1.00 24.79 ? 70   GLN B CG  1 
ATOM   1299 C CD  . GLN B 2 7   ? 20.865  2.514   -1.219  1.00 24.73 ? 70   GLN B CD  1 
ATOM   1300 O OE1 . GLN B 2 7   ? 20.949  3.698   -0.897  1.00 28.08 ? 70   GLN B OE1 1 
ATOM   1301 N NE2 . GLN B 2 7   ? 21.571  1.564   -0.636  1.00 25.59 ? 70   GLN B NE2 1 
ATOM   1302 N N   . VAL B 2 8   ? 15.396  2.143   -1.499  1.00 23.22 ? 71   VAL B N   1 
ATOM   1303 C CA  . VAL B 2 8   ? 14.147  1.819   -0.811  1.00 23.25 ? 71   VAL B CA  1 
ATOM   1304 C C   . VAL B 2 8   ? 13.178  1.100   -1.766  1.00 23.17 ? 71   VAL B C   1 
ATOM   1305 O O   . VAL B 2 8   ? 12.689  0.014   -1.452  1.00 23.24 ? 71   VAL B O   1 
ATOM   1306 C CB  . VAL B 2 8   ? 13.497  3.080   -0.170  1.00 22.61 ? 71   VAL B CB  1 
ATOM   1307 C CG1 . VAL B 2 8   ? 12.097  2.757   0.403   1.00 23.26 ? 71   VAL B CG1 1 
ATOM   1308 C CG2 . VAL B 2 8   ? 14.403  3.653   0.928   1.00 23.71 ? 71   VAL B CG2 1 
ATOM   1309 N N   . GLY B 2 9   ? 12.939  1.680   -2.938  1.00 23.57 ? 72   GLY B N   1 
ATOM   1310 C CA  . GLY B 2 9   ? 12.018  1.102   -3.919  1.00 23.42 ? 72   GLY B CA  1 
ATOM   1311 C C   . GLY B 2 9   ? 12.454  -0.276  -4.395  1.00 23.40 ? 72   GLY B C   1 
ATOM   1312 O O   . GLY B 2 9   ? 11.637  -1.189  -4.551  1.00 22.34 ? 72   GLY B O   1 
ATOM   1313 N N   . ARG B 2 10  ? 13.752  -0.420  -4.657  1.00 23.70 ? 73   ARG B N   1 
ATOM   1314 C CA  . ARG B 2 10  ? 14.281  -1.693  -5.102  1.00 23.85 ? 73   ARG B CA  1 
ATOM   1315 C C   . ARG B 2 10  ? 14.165  -2.751  -4.013  1.00 24.37 ? 73   ARG B C   1 
ATOM   1316 O O   . ARG B 2 10  ? 13.979  -3.926  -4.331  1.00 24.37 ? 73   ARG B O   1 
ATOM   1317 C CB  . ARG B 2 10  ? 15.719  -1.555  -5.595  1.00 24.07 ? 73   ARG B CB  1 
ATOM   1318 C CG  . ARG B 2 10  ? 15.782  -0.935  -6.982  1.00 22.98 ? 73   ARG B CG  1 
ATOM   1319 C CD  . ARG B 2 10  ? 17.165  -0.997  -7.550  1.00 23.47 ? 73   ARG B CD  1 
ATOM   1320 N NE  . ARG B 2 10  ? 18.086  -0.156  -6.791  1.00 25.00 ? 73   ARG B NE  1 
ATOM   1321 C CZ  . ARG B 2 10  ? 18.234  1.160   -6.944  1.00 25.63 ? 73   ARG B CZ  1 
ATOM   1322 N NH1 . ARG B 2 10  ? 17.505  1.841   -7.823  1.00 24.41 ? 73   ARG B NH1 1 
ATOM   1323 N NH2 . ARG B 2 10  ? 19.112  1.803   -6.195  1.00 25.87 ? 73   ARG B NH2 1 
ATOM   1324 N N   . GLN B 2 11  ? 14.260  -2.349  -2.747  1.00 24.69 ? 74   GLN B N   1 
ATOM   1325 C CA  . GLN B 2 11  ? 14.087  -3.305  -1.652  1.00 24.91 ? 74   GLN B CA  1 
ATOM   1326 C C   . GLN B 2 11  ? 12.610  -3.679  -1.505  1.00 24.55 ? 74   GLN B C   1 
ATOM   1327 O O   . GLN B 2 11  ? 12.296  -4.814  -1.185  1.00 23.92 ? 74   GLN B O   1 
ATOM   1328 C CB  . GLN B 2 11  ? 14.660  -2.773  -0.337  1.00 25.51 ? 74   GLN B CB  1 
ATOM   1329 C CG  . GLN B 2 11  ? 14.360  -3.642  0.895   1.00 27.16 ? 74   GLN B CG  1 
ATOM   1330 C CD  . GLN B 2 11  ? 15.118  -4.979  0.954   1.00 31.37 ? 74   GLN B CD  1 
ATOM   1331 O OE1 . GLN B 2 11  ? 14.607  -5.977  1.503   1.00 31.98 ? 74   GLN B OE1 1 
ATOM   1332 N NE2 . GLN B 2 11  ? 16.353  -4.992  0.434   1.00 31.64 ? 74   GLN B NE2 1 
ATOM   1333 N N   . LEU B 2 12  ? 11.705  -2.736  -1.755  1.00 24.04 ? 75   LEU B N   1 
ATOM   1334 C CA  . LEU B 2 12  ? 10.279  -3.061  -1.767  1.00 24.18 ? 75   LEU B CA  1 
ATOM   1335 C C   . LEU B 2 12  ? 9.948   -4.098  -2.842  1.00 24.35 ? 75   LEU B C   1 
ATOM   1336 O O   . LEU B 2 12  ? 9.147   -5.005  -2.600  1.00 24.61 ? 75   LEU B O   1 
ATOM   1337 C CB  . LEU B 2 12  ? 9.434   -1.807  -2.006  1.00 24.22 ? 75   LEU B CB  1 
ATOM   1338 C CG  . LEU B 2 12  ? 9.316   -0.808  -0.866  1.00 23.58 ? 75   LEU B CG  1 
ATOM   1339 C CD1 . LEU B 2 12  ? 8.318   0.268   -1.256  1.00 23.75 ? 75   LEU B CD1 1 
ATOM   1340 C CD2 . LEU B 2 12  ? 8.881   -1.509  0.434   1.00 23.36 ? 75   LEU B CD2 1 
ATOM   1341 N N   . ALA B 2 13  ? 10.533  -3.945  -4.031  1.00 24.73 ? 76   ALA B N   1 
ATOM   1342 C CA  . ALA B 2 13  ? 10.356  -4.910  -5.117  1.00 24.20 ? 76   ALA B CA  1 
ATOM   1343 C C   . ALA B 2 13  ? 10.849  -6.290  -4.712  1.00 24.51 ? 76   ALA B C   1 
ATOM   1344 O O   . ALA B 2 13  ? 10.203  -7.282  -5.017  1.00 23.34 ? 76   ALA B O   1 
ATOM   1345 C CB  . ALA B 2 13  ? 11.093  -4.447  -6.376  1.00 24.10 ? 76   ALA B CB  1 
ATOM   1346 N N   . LEU B 2 14  ? 12.003  -6.340  -4.047  1.00 24.02 ? 77   LEU B N   1 
ATOM   1347 C CA  . LEU B 2 14  ? 12.553  -7.601  -3.566  1.00 24.80 ? 77   LEU B CA  1 
ATOM   1348 C C   . LEU B 2 14  ? 11.595  -8.302  -2.619  1.00 24.58 ? 77   LEU B C   1 
ATOM   1349 O O   . LEU B 2 14  ? 11.334  -9.496  -2.748  1.00 25.43 ? 77   LEU B O   1 
ATOM   1350 C CB  . LEU B 2 14  ? 13.909  -7.371  -2.892  1.00 25.00 ? 77   LEU B CB  1 
ATOM   1351 C CG  . LEU B 2 14  ? 15.074  -7.261  -3.869  1.00 25.44 ? 77   LEU B CG  1 
ATOM   1352 C CD1 . LEU B 2 14  ? 16.344  -6.930  -3.107  1.00 26.91 ? 77   LEU B CD1 1 
ATOM   1353 C CD2 . LEU B 2 14  ? 15.227  -8.563  -4.672  1.00 26.10 ? 77   LEU B CD2 1 
ATOM   1354 N N   . ILE B 2 15  ? 11.037  -7.541  -1.692  1.00 24.61 ? 78   ILE B N   1 
ATOM   1355 C CA  . ILE B 2 15  ? 10.093  -8.080  -0.716  1.00 24.29 ? 78   ILE B CA  1 
ATOM   1356 C C   . ILE B 2 15  ? 8.793   -8.519  -1.390  1.00 24.08 ? 78   ILE B C   1 
ATOM   1357 O O   . ILE B 2 15  ? 8.239   -9.568  -1.076  1.00 23.49 ? 78   ILE B O   1 
ATOM   1358 C CB  . ILE B 2 15  ? 9.805   -7.038  0.372   1.00 24.13 ? 78   ILE B CB  1 
ATOM   1359 C CG1 . ILE B 2 15  ? 11.075  -6.772  1.194   1.00 23.07 ? 78   ILE B CG1 1 
ATOM   1360 C CG2 . ILE B 2 15  ? 8.646   -7.491  1.272   1.00 25.57 ? 78   ILE B CG2 1 
ATOM   1361 C CD1 . ILE B 2 15  ? 10.999  -5.550  2.077   1.00 24.31 ? 78   ILE B CD1 1 
ATOM   1362 N N   . GLY B 2 16  ? 8.296   -7.694  -2.301  1.00 23.81 ? 79   GLY B N   1 
ATOM   1363 C CA  . GLY B 2 16  ? 7.112   -8.039  -3.070  1.00 23.87 ? 79   GLY B CA  1 
ATOM   1364 C C   . GLY B 2 16  ? 7.281   -9.331  -3.838  1.00 23.73 ? 79   GLY B C   1 
ATOM   1365 O O   . GLY B 2 16  ? 6.421   -10.192 -3.788  1.00 24.21 ? 79   GLY B O   1 
ATOM   1366 N N   . ASP B 2 17  ? 8.397   -9.483  -4.529  1.00 23.85 ? 80   ASP B N   1 
ATOM   1367 C CA  . ASP B 2 17  ? 8.641   -10.690 -5.310  1.00 23.77 ? 80   ASP B CA  1 
ATOM   1368 C C   . ASP B 2 17  ? 8.837   -11.910 -4.402  1.00 23.75 ? 80   ASP B C   1 
ATOM   1369 O O   . ASP B 2 17  ? 8.418   -13.042 -4.735  1.00 23.41 ? 80   ASP B O   1 
ATOM   1370 C CB  . ASP B 2 17  ? 9.851   -10.488 -6.219  1.00 24.14 ? 80   ASP B CB  1 
ATOM   1371 C CG  . ASP B 2 17  ? 9.588   -9.456  -7.298  1.00 24.37 ? 80   ASP B CG  1 
ATOM   1372 O OD1 . ASP B 2 17  ? 8.439   -8.968  -7.376  1.00 24.23 ? 80   ASP B OD1 1 
ATOM   1373 O OD2 . ASP B 2 17  ? 10.516  -9.147  -8.066  1.00 25.34 ? 80   ASP B OD2 1 
ATOM   1374 N N   . ASP B 2 18  ? 9.468   -11.675 -3.259  1.00 22.80 ? 81   ASP B N   1 
ATOM   1375 C CA  . ASP B 2 18  ? 9.666   -12.729 -2.278  1.00 23.53 ? 81   ASP B CA  1 
ATOM   1376 C C   . ASP B 2 18  ? 8.300   -13.209 -1.730  1.00 22.94 ? 81   ASP B C   1 
ATOM   1377 O O   . ASP B 2 18  ? 8.026   -14.410 -1.661  1.00 22.41 ? 81   ASP B O   1 
ATOM   1378 C CB  . ASP B 2 18  ? 10.596  -12.222 -1.182  1.00 23.67 ? 81   ASP B CB  1 
ATOM   1379 C CG  . ASP B 2 18  ? 10.835  -13.243 -0.099  1.00 26.30 ? 81   ASP B CG  1 
ATOM   1380 O OD1 . ASP B 2 18  ? 10.927  -14.452 -0.398  1.00 29.62 ? 81   ASP B OD1 1 
ATOM   1381 O OD2 . ASP B 2 18  ? 10.958  -12.821 1.063   1.00 29.26 ? 81   ASP B OD2 1 
ATOM   1382 N N   . ILE B 2 19  ? 7.440   -12.266 -1.378  1.00 23.26 ? 82   ILE B N   1 
ATOM   1383 C CA  . ILE B 2 19  ? 6.063   -12.574 -0.948  1.00 23.54 ? 82   ILE B CA  1 
ATOM   1384 C C   . ILE B 2 19  ? 5.249   -13.296 -2.034  1.00 23.02 ? 82   ILE B C   1 
ATOM   1385 O O   . ILE B 2 19  ? 4.530   -14.253 -1.749  1.00 22.44 ? 82   ILE B O   1 
ATOM   1386 C CB  . ILE B 2 19  ? 5.324   -11.292 -0.534  1.00 23.75 ? 82   ILE B CB  1 
ATOM   1387 C CG1 . ILE B 2 19  ? 5.900   -10.778 0.787   1.00 24.63 ? 82   ILE B CG1 1 
ATOM   1388 C CG2 . ILE B 2 19  ? 3.802   -11.542 -0.397  1.00 25.89 ? 82   ILE B CG2 1 
ATOM   1389 C CD1 . ILE B 2 19  ? 5.540   -11.618 1.988   1.00 25.00 ? 82   ILE B CD1 1 
ATOM   1390 N N   . ASN B 2 20  ? 5.362   -12.832 -3.269  1.00 22.84 ? 83   ASN B N   1 
ATOM   1391 C CA  . ASN B 2 20  ? 4.726   -13.521 -4.400  1.00 22.58 ? 83   ASN B CA  1 
ATOM   1392 C C   . ASN B 2 20  ? 5.143   -14.994 -4.500  1.00 22.52 ? 83   ASN B C   1 
ATOM   1393 O O   . ASN B 2 20  ? 4.323   -15.868 -4.799  1.00 23.15 ? 83   ASN B O   1 
ATOM   1394 C CB  . ASN B 2 20  ? 5.051   -12.784 -5.718  1.00 22.48 ? 83   ASN B CB  1 
ATOM   1395 C CG  . ASN B 2 20  ? 4.099   -13.159 -6.844  1.00 22.61 ? 83   ASN B CG  1 
ATOM   1396 O OD1 . ASN B 2 20  ? 2.889   -13.015 -6.711  1.00 23.39 ? 83   ASN B OD1 1 
ATOM   1397 N ND2 . ASN B 2 20  ? 4.645   -13.627 -7.959  1.00 21.27 ? 83   ASN B ND2 1 
ATOM   1398 N N   . ARG B 2 21  ? 6.421   -15.267 -4.249  1.00 22.26 ? 84   ARG B N   1 
ATOM   1399 C CA  . ARG B 2 21  ? 6.955   -16.639 -4.267  1.00 22.05 ? 84   ARG B CA  1 
ATOM   1400 C C   . ARG B 2 21  ? 6.553   -17.436 -3.015  1.00 22.06 ? 84   ARG B C   1 
ATOM   1401 O O   . ARG B 2 21  ? 6.194   -18.613 -3.092  1.00 20.85 ? 84   ARG B O   1 
ATOM   1402 C CB  . ARG B 2 21  ? 8.479   -16.585 -4.383  1.00 21.43 ? 84   ARG B CB  1 
ATOM   1403 C CG  . ARG B 2 21  ? 9.179   -17.952 -4.379  1.00 22.11 ? 84   ARG B CG  1 
ATOM   1404 C CD  . ARG B 2 21  ? 10.651  -17.802 -4.734  1.00 21.89 ? 84   ARG B CD  1 
ATOM   1405 N NE  . ARG B 2 21  ? 11.463  -18.974 -4.382  1.00 21.42 ? 84   ARG B NE  1 
ATOM   1406 C CZ  . ARG B 2 21  ? 11.489  -20.116 -5.059  1.00 23.26 ? 84   ARG B CZ  1 
ATOM   1407 N NH1 . ARG B 2 21  ? 10.718  -20.288 -6.135  1.00 24.32 ? 84   ARG B NH1 1 
ATOM   1408 N NH2 . ARG B 2 21  ? 12.280  -21.113 -4.650  1.00 22.66 ? 84   ARG B NH2 1 
ATOM   1409 N N   . ARG B 2 22  ? 6.621   -16.776 -1.868  1.00 22.69 ? 85   ARG B N   1 
ATOM   1410 C CA  . ARG B 2 22  ? 6.195   -17.341 -0.580  1.00 24.67 ? 85   ARG B CA  1 
ATOM   1411 C C   . ARG B 2 22  ? 4.762   -17.941 -0.639  1.00 24.86 ? 85   ARG B C   1 
ATOM   1412 O O   . ARG B 2 22  ? 4.519   -19.041 -0.137  1.00 24.83 ? 85   ARG B O   1 
ATOM   1413 C CB  . ARG B 2 22  ? 6.275   -16.243 0.478   1.00 24.66 ? 85   ARG B CB  1 
ATOM   1414 C CG  . ARG B 2 22  ? 6.598   -16.689 1.865   1.00 26.83 ? 85   ARG B CG  1 
ATOM   1415 C CD  . ARG B 2 22  ? 6.586   -15.520 2.853   1.00 27.39 ? 85   ARG B CD  1 
ATOM   1416 N NE  . ARG B 2 22  ? 7.678   -14.570 2.653   1.00 30.00 ? 85   ARG B NE  1 
ATOM   1417 C CZ  . ARG B 2 22  ? 7.869   -13.479 3.397   1.00 30.62 ? 85   ARG B CZ  1 
ATOM   1418 N NH1 . ARG B 2 22  ? 7.043   -13.179 4.403   1.00 31.11 ? 85   ARG B NH1 1 
ATOM   1419 N NH2 . ARG B 2 22  ? 8.893   -12.681 3.138   1.00 30.44 ? 85   ARG B NH2 1 
ATOM   1420 N N   . TYR B 2 23  ? 3.831   -17.234 -1.284  1.00 25.31 ? 86   TYR B N   1 
ATOM   1421 C CA  . TYR B 2 23  ? 2.430   -17.684 -1.390  1.00 25.59 ? 86   TYR B CA  1 
ATOM   1422 C C   . TYR B 2 23  ? 2.158   -18.276 -2.767  1.00 27.33 ? 86   TYR B C   1 
ATOM   1423 O O   . TYR B 2 23  ? 1.354   -17.764 -3.537  1.00 28.37 ? 86   TYR B O   1 
ATOM   1424 C CB  . TYR B 2 23  ? 1.484   -16.505 -1.144  1.00 24.78 ? 86   TYR B CB  1 
ATOM   1425 C CG  . TYR B 2 23  ? 1.486   -16.010 0.274   1.00 22.51 ? 86   TYR B CG  1 
ATOM   1426 C CD1 . TYR B 2 23  ? 2.400   -15.043 0.692   1.00 22.31 ? 86   TYR B CD1 1 
ATOM   1427 C CD2 . TYR B 2 23  ? 0.579   -16.506 1.206   1.00 22.68 ? 86   TYR B CD2 1 
ATOM   1428 C CE1 . TYR B 2 23  ? 2.414   -14.589 1.993   1.00 22.02 ? 86   TYR B CE1 1 
ATOM   1429 C CE2 . TYR B 2 23  ? 0.585   -16.051 2.518   1.00 21.10 ? 86   TYR B CE2 1 
ATOM   1430 C CZ  . TYR B 2 23  ? 1.504   -15.091 2.900   1.00 21.28 ? 86   TYR B CZ  1 
ATOM   1431 O OH  . TYR B 2 23  ? 1.512   -14.620 4.191   1.00 22.27 ? 86   TYR B OH  1 
ATOM   1432 N N   . ASP B 2 24  ? 2.844   -19.355 -3.085  1.00 28.82 ? 87   ASP B N   1 
ATOM   1433 C CA  . ASP B 2 24  ? 2.775   -19.913 -4.418  1.00 30.17 ? 87   ASP B CA  1 
ATOM   1434 C C   . ASP B 2 24  ? 2.586   -21.416 -4.352  1.00 30.35 ? 87   ASP B C   1 
ATOM   1435 O O   . ASP B 2 24  ? 1.597   -21.924 -4.865  1.00 31.73 ? 87   ASP B O   1 
ATOM   1436 C CB  . ASP B 2 24  ? 4.050   -19.554 -5.177  1.00 30.60 ? 87   ASP B CB  1 
ATOM   1437 C CG  . ASP B 2 24  ? 3.805   -19.330 -6.630  1.00 32.74 ? 87   ASP B CG  1 
ATOM   1438 O OD1 . ASP B 2 24  ? 3.419   -20.304 -7.315  1.00 34.82 ? 87   ASP B OD1 1 
ATOM   1439 O OD2 . ASP B 2 24  ? 3.991   -18.178 -7.088  1.00 36.71 ? 87   ASP B OD2 1 
HETATM 1440 C C1  . CIT C 3 .   ? -12.777 -5.111  -7.960  1.00 51.35 ? 1151 CIT A C1  1 
HETATM 1441 O O1  . CIT C 3 .   ? -11.721 -4.767  -8.525  1.00 50.00 ? 1151 CIT A O1  1 
HETATM 1442 O O2  . CIT C 3 .   ? -13.119 -4.515  -6.925  1.00 50.12 ? 1151 CIT A O2  1 
HETATM 1443 C C2  . CIT C 3 .   ? -13.630 -6.233  -8.516  1.00 52.80 ? 1151 CIT A C2  1 
HETATM 1444 C C3  . CIT C 3 .   ? -13.318 -7.557  -7.813  1.00 52.89 ? 1151 CIT A C3  1 
HETATM 1445 O O7  . CIT C 3 .   ? -11.890 -7.600  -7.658  1.00 52.66 ? 1151 CIT A O7  1 
HETATM 1446 C C4  . CIT C 3 .   ? -13.798 -8.745  -8.658  1.00 54.50 ? 1151 CIT A C4  1 
HETATM 1447 C C5  . CIT C 3 .   ? -13.172 -10.081 -8.285  1.00 55.87 ? 1151 CIT A C5  1 
HETATM 1448 O O3  . CIT C 3 .   ? -12.648 -10.270 -7.175  1.00 56.12 ? 1151 CIT A O3  1 
HETATM 1449 O O4  . CIT C 3 .   ? -13.171 -11.047 -9.084  1.00 57.19 ? 1151 CIT A O4  1 
HETATM 1450 C C6  . CIT C 3 .   ? -13.949 -7.592  -6.433  1.00 52.62 ? 1151 CIT A C6  1 
HETATM 1451 O O5  . CIT C 3 .   ? -13.645 -8.471  -5.612  1.00 53.21 ? 1151 CIT A O5  1 
HETATM 1452 O O6  . CIT C 3 .   ? -14.786 -6.743  -6.075  1.00 53.86 ? 1151 CIT A O6  1 
HETATM 1453 S S   . SO4 D 4 .   ? 19.050  5.308   -8.074  1.00 21.65 ? 1088 SO4 B S   1 
HETATM 1454 O O1  . SO4 D 4 .   ? 19.287  4.736   -6.747  1.00 22.51 ? 1088 SO4 B O1  1 
HETATM 1455 O O2  . SO4 D 4 .   ? 17.926  4.667   -8.732  1.00 23.63 ? 1088 SO4 B O2  1 
HETATM 1456 O O3  . SO4 D 4 .   ? 18.678  6.710   -7.918  1.00 22.13 ? 1088 SO4 B O3  1 
HETATM 1457 O O4  . SO4 D 4 .   ? 20.260  5.163   -8.865  1.00 21.56 ? 1088 SO4 B O4  1 
HETATM 1458 O O   . HOH E 5 .   ? -15.661 1.039   -16.508 1.00 17.45 ? 2001 HOH A O   1 
HETATM 1459 O O   . HOH E 5 .   ? -19.463 6.396   -19.087 1.00 42.01 ? 2002 HOH A O   1 
HETATM 1460 O O   . HOH E 5 .   ? -20.214 -2.063  -11.156 1.00 31.46 ? 2003 HOH A O   1 
HETATM 1461 O O   . HOH E 5 .   ? -16.321 -2.372  -5.039  1.00 40.25 ? 2004 HOH A O   1 
HETATM 1462 O O   . HOH E 5 .   ? -9.788  9.017   1.480   1.00 36.21 ? 2005 HOH A O   1 
HETATM 1463 O O   . HOH E 5 .   ? 6.860   -11.636 8.123   1.00 37.84 ? 2006 HOH A O   1 
HETATM 1464 O O   . HOH E 5 .   ? -8.173  -3.527  4.102   1.00 27.70 ? 2007 HOH A O   1 
HETATM 1465 O O   . HOH E 5 .   ? 4.499   -10.882 11.221  1.00 30.28 ? 2008 HOH A O   1 
HETATM 1466 O O   . HOH E 5 .   ? 11.305  -3.251  13.209  1.00 30.66 ? 2009 HOH A O   1 
HETATM 1467 O O   . HOH E 5 .   ? 9.874   3.118   10.247  1.00 34.84 ? 2010 HOH A O   1 
HETATM 1468 O O   . HOH E 5 .   ? -9.824  -0.592  9.388   1.00 33.11 ? 2011 HOH A O   1 
HETATM 1469 O O   . HOH E 5 .   ? 20.977  -3.523  6.644   1.00 39.25 ? 2012 HOH A O   1 
HETATM 1470 O O   . HOH E 5 .   ? 11.032  14.779  0.545   1.00 38.95 ? 2013 HOH A O   1 
HETATM 1471 O O   . HOH E 5 .   ? -5.613  -1.555  14.777  1.00 41.70 ? 2014 HOH A O   1 
HETATM 1472 O O   . HOH E 5 .   ? -0.595  -1.282  14.544  1.00 28.02 ? 2015 HOH A O   1 
HETATM 1473 O O   . HOH E 5 .   ? -8.469  0.044   15.698  1.00 27.75 ? 2016 HOH A O   1 
HETATM 1474 O O   . HOH E 5 .   ? -18.906 -0.358  11.815  1.00 33.65 ? 2017 HOH A O   1 
HETATM 1475 O O   . HOH E 5 .   ? 1.974   -13.050 -11.546 1.00 36.81 ? 2018 HOH A O   1 
HETATM 1476 O O   . HOH E 5 .   ? -22.283 -1.501  18.677  1.00 35.04 ? 2019 HOH A O   1 
HETATM 1477 O O   . HOH E 5 .   ? -15.793 -11.152 1.364   1.00 43.94 ? 2020 HOH A O   1 
HETATM 1478 O O   . HOH E 5 .   ? -13.850 -9.911  -0.029  1.00 31.61 ? 2021 HOH A O   1 
HETATM 1479 O O   . HOH E 5 .   ? -7.378  -7.759  10.051  1.00 46.11 ? 2022 HOH A O   1 
HETATM 1480 O O   . HOH E 5 .   ? -7.755  13.662  -0.867  1.00 30.65 ? 2023 HOH A O   1 
HETATM 1481 O O   . HOH E 5 .   ? -0.274  -10.112 10.236  1.00 20.17 ? 2024 HOH A O   1 
HETATM 1482 O O   . HOH E 5 .   ? 6.157   -9.412  9.722   1.00 23.02 ? 2025 HOH A O   1 
HETATM 1483 O O   . HOH E 5 .   ? 0.848   -12.567 7.202   1.00 36.59 ? 2026 HOH A O   1 
HETATM 1484 O O   . HOH E 5 .   ? 4.882   -11.270 5.738   1.00 41.29 ? 2027 HOH A O   1 
HETATM 1485 O O   . HOH E 5 .   ? 1.389   -8.654  -17.364 1.00 58.87 ? 2028 HOH A O   1 
HETATM 1486 O O   . HOH E 5 .   ? 9.340   -4.587  12.091  1.00 21.71 ? 2029 HOH A O   1 
HETATM 1487 O O   . HOH E 5 .   ? 5.309   -9.299  15.126  1.00 41.12 ? 2030 HOH A O   1 
HETATM 1488 O O   . HOH E 5 .   ? 2.086   -9.513  11.493  1.00 33.97 ? 2031 HOH A O   1 
HETATM 1489 O O   . HOH E 5 .   ? 9.961   -9.123  10.041  1.00 40.26 ? 2032 HOH A O   1 
HETATM 1490 O O   . HOH E 5 .   ? 7.050   3.339   9.754   1.00 34.13 ? 2033 HOH A O   1 
HETATM 1491 O O   . HOH E 5 .   ? 7.804   -2.568  12.831  1.00 23.52 ? 2034 HOH A O   1 
HETATM 1492 O O   . HOH E 5 .   ? 11.808  1.258   10.596  1.00 25.55 ? 2035 HOH A O   1 
HETATM 1493 O O   . HOH E 5 .   ? -8.438  -26.212 0.979   1.00 51.01 ? 2036 HOH A O   1 
HETATM 1494 O O   . HOH E 5 .   ? 16.136  -3.752  11.546  1.00 27.15 ? 2037 HOH A O   1 
HETATM 1495 O O   . HOH E 5 .   ? 20.884  -1.655  4.744   1.00 46.93 ? 2038 HOH A O   1 
HETATM 1496 O O   . HOH E 5 .   ? 19.875  5.570   10.270  1.00 39.41 ? 2039 HOH A O   1 
HETATM 1497 O O   . HOH E 5 .   ? 18.159  -1.115  6.409   1.00 43.59 ? 2040 HOH A O   1 
HETATM 1498 O O   . HOH E 5 .   ? 13.359  9.700   10.726  1.00 19.26 ? 2041 HOH A O   1 
HETATM 1499 O O   . HOH E 5 .   ? 19.176  3.075   11.891  1.00 33.38 ? 2042 HOH A O   1 
HETATM 1500 O O   . HOH E 5 .   ? 12.589  4.211   10.838  1.00 41.31 ? 2043 HOH A O   1 
HETATM 1501 O O   . HOH E 5 .   ? 19.925  6.389   5.690   1.00 37.15 ? 2044 HOH A O   1 
HETATM 1502 O O   . HOH E 5 .   ? 12.964  12.171  3.652   1.00 24.38 ? 2045 HOH A O   1 
HETATM 1503 O O   . HOH E 5 .   ? 11.795  14.593  3.356   1.00 24.05 ? 2046 HOH A O   1 
HETATM 1504 O O   . HOH E 5 .   ? 12.141  14.348  10.205  1.00 28.85 ? 2047 HOH A O   1 
HETATM 1505 O O   . HOH E 5 .   ? 8.403   20.552  2.859   1.00 33.32 ? 2048 HOH A O   1 
HETATM 1506 O O   . HOH E 5 .   ? 0.376   18.004  6.456   1.00 26.25 ? 2049 HOH A O   1 
HETATM 1507 O O   . HOH E 5 .   ? 4.139   21.298  0.020   1.00 35.94 ? 2050 HOH A O   1 
HETATM 1508 O O   . HOH E 5 .   ? -0.635  16.270  -1.465  1.00 35.64 ? 2051 HOH A O   1 
HETATM 1509 O O   . HOH E 5 .   ? 1.239   18.972  3.012   1.00 22.69 ? 2052 HOH A O   1 
HETATM 1510 O O   . HOH E 5 .   ? 7.668   12.593  -6.257  1.00 28.44 ? 2053 HOH A O   1 
HETATM 1511 O O   . HOH E 5 .   ? 12.176  13.537  -1.766  1.00 44.09 ? 2054 HOH A O   1 
HETATM 1512 O O   . HOH E 5 .   ? 9.266   11.277  -12.666 1.00 42.66 ? 2055 HOH A O   1 
HETATM 1513 O O   . HOH E 5 .   ? 7.971   10.792  -8.430  1.00 31.88 ? 2056 HOH A O   1 
HETATM 1514 O O   . HOH E 5 .   ? 12.080  8.125   -8.384  1.00 23.35 ? 2057 HOH A O   1 
HETATM 1515 O O   . HOH E 5 .   ? 9.257   3.516   -12.997 1.00 25.24 ? 2058 HOH A O   1 
HETATM 1516 O O   . HOH E 5 .   ? 14.933  1.078   -9.377  1.00 22.92 ? 2059 HOH A O   1 
HETATM 1517 O O   . HOH E 5 .   ? 16.261  9.262   -9.545  1.00 26.38 ? 2060 HOH A O   1 
HETATM 1518 O O   . HOH E 5 .   ? 12.278  -2.386  -9.943  1.00 30.35 ? 2061 HOH A O   1 
HETATM 1519 O O   . HOH E 5 .   ? 15.214  -2.108  -10.702 1.00 35.60 ? 2062 HOH A O   1 
HETATM 1520 O O   . HOH E 5 .   ? 11.774  -5.617  -17.061 1.00 35.63 ? 2063 HOH A O   1 
HETATM 1521 O O   . HOH E 5 .   ? 4.103   -8.116  -14.653 1.00 26.63 ? 2064 HOH A O   1 
HETATM 1522 O O   . HOH E 5 .   ? 3.414   -11.033 -12.579 1.00 29.38 ? 2065 HOH A O   1 
HETATM 1523 O O   . HOH E 5 .   ? 6.296   -11.329 -11.111 1.00 20.43 ? 2066 HOH A O   1 
HETATM 1524 O O   . HOH E 5 .   ? 4.968   -2.427  14.554  1.00 32.29 ? 2067 HOH A O   1 
HETATM 1525 O O   . HOH E 5 .   ? 3.027   10.159  18.498  1.00 26.87 ? 2068 HOH A O   1 
HETATM 1526 O O   . HOH E 5 .   ? 6.307   11.183  18.050  1.00 26.23 ? 2069 HOH A O   1 
HETATM 1527 O O   . HOH E 5 .   ? 8.726   16.772  13.894  1.00 33.03 ? 2070 HOH A O   1 
HETATM 1528 O O   . HOH E 5 .   ? 9.903   11.082  9.364   1.00 14.41 ? 2071 HOH A O   1 
HETATM 1529 O O   . HOH E 5 .   ? 10.750  16.158  9.969   1.00 39.09 ? 2072 HOH A O   1 
HETATM 1530 O O   . HOH E 5 .   ? 12.418  11.857  12.449  1.00 14.76 ? 2073 HOH A O   1 
HETATM 1531 O O   . HOH E 5 .   ? 7.956   15.805  16.435  1.00 42.98 ? 2074 HOH A O   1 
HETATM 1532 O O   . HOH E 5 .   ? 0.703   18.183  14.445  1.00 46.70 ? 2075 HOH A O   1 
HETATM 1533 O O   . HOH E 5 .   ? -1.889  16.841  13.076  1.00 34.25 ? 2076 HOH A O   1 
HETATM 1534 O O   . HOH E 5 .   ? -6.082  14.835  15.841  1.00 24.45 ? 2077 HOH A O   1 
HETATM 1535 O O   . HOH E 5 .   ? -2.694  15.905  10.391  1.00 37.55 ? 2078 HOH A O   1 
HETATM 1536 O O   . HOH E 5 .   ? -9.423  14.814  13.180  1.00 40.50 ? 2079 HOH A O   1 
HETATM 1537 O O   . HOH E 5 .   ? -3.311  15.271  -0.514  1.00 36.17 ? 2080 HOH A O   1 
HETATM 1538 O O   . HOH E 5 .   ? -4.695  12.781  -1.227  1.00 29.60 ? 2081 HOH A O   1 
HETATM 1539 O O   . HOH E 5 .   ? -9.034  13.089  1.511   1.00 29.10 ? 2082 HOH A O   1 
HETATM 1540 O O   . HOH E 5 .   ? -5.472  12.055  -3.972  1.00 28.39 ? 2083 HOH A O   1 
HETATM 1541 O O   . HOH E 5 .   ? -4.128  0.278   -14.771 1.00 27.55 ? 2084 HOH A O   1 
HETATM 1542 O O   . HOH E 5 .   ? -1.277  8.723   -15.839 1.00 21.95 ? 2085 HOH A O   1 
HETATM 1543 O O   . HOH E 5 .   ? -5.415  4.183   -15.818 1.00 28.24 ? 2086 HOH A O   1 
HETATM 1544 O O   . HOH E 5 .   ? -2.076  -2.423  -14.694 1.00 18.69 ? 2087 HOH A O   1 
HETATM 1545 O O   . HOH E 5 .   ? -9.002  -3.445  -10.742 1.00 23.81 ? 2088 HOH A O   1 
HETATM 1546 O O   . HOH E 5 .   ? 2.301   -9.978  -15.247 1.00 47.72 ? 2089 HOH A O   1 
HETATM 1547 O O   . HOH E 5 .   ? -13.635 -0.572  -18.077 1.00 33.39 ? 2090 HOH A O   1 
HETATM 1548 O O   . HOH E 5 .   ? -9.256  -12.392 -14.732 1.00 38.21 ? 2091 HOH A O   1 
HETATM 1549 O O   . HOH E 5 .   ? -2.337  -14.279 -11.525 1.00 44.36 ? 2092 HOH A O   1 
HETATM 1550 O O   . HOH E 5 .   ? -4.207  -13.826 -9.618  1.00 21.18 ? 2093 HOH A O   1 
HETATM 1551 O O   . HOH E 5 .   ? -1.634  -10.091 -16.570 1.00 30.21 ? 2094 HOH A O   1 
HETATM 1552 O O   . HOH E 5 .   ? -4.778  -15.850 -7.714  1.00 24.91 ? 2095 HOH A O   1 
HETATM 1553 O O   . HOH E 5 .   ? -8.453  -24.323 -0.865  1.00 39.41 ? 2096 HOH A O   1 
HETATM 1554 O O   . HOH E 5 .   ? -10.027 -3.194  -7.858  1.00 25.47 ? 2097 HOH A O   1 
HETATM 1555 O O   . HOH F 5 .   ? 20.124  11.434  -4.808  1.00 42.71 ? 2001 HOH B O   1 
HETATM 1556 O O   . HOH F 5 .   ? 13.622  -11.145 -6.534  1.00 23.35 ? 2002 HOH B O   1 
HETATM 1557 O O   . HOH F 5 .   ? 13.799  -6.537  -7.701  1.00 40.33 ? 2003 HOH B O   1 
HETATM 1558 O O   . HOH F 5 .   ? 7.704   -16.324 -7.874  1.00 33.29 ? 2004 HOH B O   1 
HETATM 1559 O O   . HOH F 5 .   ? 12.056  -12.773 -8.440  1.00 41.12 ? 2005 HOH B O   1 
HETATM 1560 O O   . HOH F 5 .   ? 27.623  4.834   -11.143 1.00 36.08 ? 2006 HOH B O   1 
HETATM 1561 O O   . HOH F 5 .   ? 21.220  8.247   -8.380  1.00 22.70 ? 2007 HOH B O   1 
HETATM 1562 O O   . HOH F 5 .   ? 16.291  9.277   -6.107  1.00 33.35 ? 2008 HOH B O   1 
HETATM 1563 O O   . HOH F 5 .   ? 20.112  9.944   -1.691  1.00 35.57 ? 2009 HOH B O   1 
HETATM 1564 O O   . HOH F 5 .   ? 16.873  9.795   -2.459  1.00 27.15 ? 2010 HOH B O   1 
HETATM 1565 O O   . HOH F 5 .   ? 15.049  -4.771  -6.422  1.00 23.56 ? 2011 HOH B O   1 
HETATM 1566 O O   . HOH F 5 .   ? 12.895  -11.320 -3.903  1.00 23.89 ? 2012 HOH B O   1 
HETATM 1567 O O   . HOH F 5 .   ? 11.817  -13.976 -4.854  1.00 35.11 ? 2013 HOH B O   1 
HETATM 1568 O O   . HOH F 5 .   ? 10.521  -10.633 -10.397 1.00 28.59 ? 2014 HOH B O   1 
HETATM 1569 O O   . HOH F 5 .   ? 8.041   -13.721 -7.331  1.00 35.73 ? 2015 HOH B O   1 
HETATM 1570 O O   . HOH F 5 .   ? 13.011  -8.881  -7.651  1.00 24.69 ? 2016 HOH B O   1 
HETATM 1571 O O   . HOH F 5 .   ? 12.339  -15.105 -2.691  1.00 38.75 ? 2017 HOH B O   1 
HETATM 1572 O O   . HOH F 5 .   ? 10.588  -15.292 2.261   1.00 35.42 ? 2018 HOH B O   1 
HETATM 1573 O O   . HOH F 5 .   ? 11.850  -10.493 1.713   1.00 42.71 ? 2019 HOH B O   1 
HETATM 1574 O O   . HOH F 5 .   ? 0.880   -12.490 -8.318  1.00 16.87 ? 2020 HOH B O   1 
HETATM 1575 O O   . HOH F 5 .   ? 0.393   -16.928 6.581   1.00 36.65 ? 2021 HOH B O   1 
HETATM 1576 O O   . HOH F 5 .   ? -0.961  -14.568 5.897   1.00 40.32 ? 2022 HOH B O   1 
HETATM 1577 O O   . HOH F 5 .   ? 3.732   -13.709 5.281   1.00 28.71 ? 2023 HOH B O   1 
HETATM 1578 O O   . HOH F 5 .   ? 7.163   -19.623 -6.980  1.00 57.17 ? 2024 HOH B O   1 
HETATM 1579 O O   . HOH F 5 .   ? 5.306   -16.672 -8.178  1.00 39.03 ? 2025 HOH B O   1 
# 
loop_
_pdbx_poly_seq_scheme.asym_id 
_pdbx_poly_seq_scheme.entity_id 
_pdbx_poly_seq_scheme.seq_id 
_pdbx_poly_seq_scheme.mon_id 
_pdbx_poly_seq_scheme.ndb_seq_num 
_pdbx_poly_seq_scheme.pdb_seq_num 
_pdbx_poly_seq_scheme.auth_seq_num 
_pdbx_poly_seq_scheme.pdb_mon_id 
_pdbx_poly_seq_scheme.auth_mon_id 
_pdbx_poly_seq_scheme.pdb_strand_id 
_pdbx_poly_seq_scheme.pdb_ins_code 
_pdbx_poly_seq_scheme.hetero 
A 1 1   GLY 1   -4  -4  GLY GLY A . n 
A 1 2   PRO 2   -3  -3  PRO PRO A . n 
A 1 3   LEU 3   -2  -2  LEU LEU A . n 
A 1 4   GLY 4   -1  -1  GLY GLY A . n 
A 1 5   SER 5   0   0   SER SER A . n 
A 1 6   MET 6   1   1   MET MET A . n 
A 1 7   ALA 7   2   2   ALA ALA A . n 
A 1 8   GLU 8   3   3   GLU GLU A . n 
A 1 9   SER 9   4   4   SER SER A . n 
A 1 10  GLU 10  5   5   GLU GLU A . n 
A 1 11  LEU 11  6   6   LEU LEU A . n 
A 1 12  MET 12  7   7   MET MET A . n 
A 1 13  HIS 13  8   8   HIS HIS A . n 
A 1 14  ILE 14  9   9   ILE ILE A . n 
A 1 15  HIS 15  10  10  HIS HIS A . n 
A 1 16  SER 16  11  11  SER SER A . n 
A 1 17  LEU 17  12  12  LEU LEU A . n 
A 1 18  ALA 18  13  13  ALA ALA A . n 
A 1 19  GLU 19  14  14  GLU GLU A . n 
A 1 20  HIS 20  15  15  HIS HIS A . n 
A 1 21  TYR 21  16  16  TYR TYR A . n 
A 1 22  LEU 22  17  17  LEU LEU A . n 
A 1 23  GLN 23  18  18  GLN GLN A . n 
A 1 24  TYR 24  19  19  TYR TYR A . n 
A 1 25  VAL 25  20  20  VAL VAL A . n 
A 1 26  LEU 26  21  21  LEU LEU A . n 
A 1 27  GLN 27  22  22  GLN GLN A . n 
A 1 28  VAL 28  23  23  VAL VAL A . n 
A 1 29  PRO 29  24  24  PRO PRO A . n 
A 1 30  ALA 30  25  25  ALA ALA A . n 
A 1 31  PHE 31  26  26  PHE PHE A . n 
A 1 32  GLU 32  27  27  GLU GLU A . n 
A 1 33  SER 33  28  28  SER SER A . n 
A 1 34  ALA 34  29  29  ALA ALA A . n 
A 1 35  PRO 35  30  30  PRO PRO A . n 
A 1 36  SER 36  31  31  SER SER A . n 
A 1 37  GLN 37  32  32  GLN GLN A . n 
A 1 38  ALA 38  33  33  ALA ALA A . n 
A 1 39  CYS 39  34  34  CYS CYS A . n 
A 1 40  ARG 40  35  35  ARG ARG A . n 
A 1 41  VAL 41  36  36  VAL VAL A . n 
A 1 42  LEU 42  37  37  LEU LEU A . n 
A 1 43  GLN 43  38  38  GLN GLN A . n 
A 1 44  ARG 44  39  39  ARG ARG A . n 
A 1 45  VAL 45  40  40  VAL VAL A . n 
A 1 46  ALA 46  41  41  ALA ALA A . n 
A 1 47  PHE 47  42  42  PHE PHE A . n 
A 1 48  SER 48  43  43  SER SER A . n 
A 1 49  VAL 49  44  44  VAL VAL A . n 
A 1 50  GLN 50  45  45  GLN GLN A . n 
A 1 51  LYS 51  46  46  LYS LYS A . n 
A 1 52  GLU 52  47  47  GLU GLU A . n 
A 1 53  VAL 53  48  48  VAL VAL A . n 
A 1 54  GLU 54  49  49  GLU GLU A . n 
A 1 55  LYS 55  50  50  LYS LYS A . n 
A 1 56  ASN 56  51  51  ASN ASN A . n 
A 1 57  LEU 57  52  52  LEU LEU A . n 
A 1 58  LYS 58  53  53  LYS LYS A . n 
A 1 59  SER 59  54  54  SER SER A . n 
A 1 60  TYR 60  55  55  TYR TYR A . n 
A 1 61  LEU 61  56  56  LEU LEU A . n 
A 1 62  ASP 62  57  57  ASP ASP A . n 
A 1 63  ASP 63  58  58  ASP ASP A . n 
A 1 64  PHE 64  59  59  PHE PHE A . n 
A 1 65  HIS 65  60  60  HIS HIS A . n 
A 1 66  VAL 66  61  61  VAL VAL A . n 
A 1 67  GLU 67  62  62  GLU GLU A . n 
A 1 68  SER 68  63  63  SER SER A . n 
A 1 69  ILE 69  64  64  ILE ILE A . n 
A 1 70  ASP 70  65  65  ASP ASP A . n 
A 1 71  THR 71  66  66  THR THR A . n 
A 1 72  ALA 72  67  67  ALA ALA A . n 
A 1 73  ARG 73  68  68  ARG ARG A . n 
A 1 74  ILE 74  69  69  ILE ILE A . n 
A 1 75  ILE 75  70  70  ILE ILE A . n 
A 1 76  PHE 76  71  71  PHE PHE A . n 
A 1 77  ASN 77  72  72  ASN ASN A . n 
A 1 78  GLN 78  73  73  GLN GLN A . n 
A 1 79  VAL 79  74  74  VAL VAL A . n 
A 1 80  MET 80  75  75  MET MET A . n 
A 1 81  GLU 81  76  76  GLU GLU A . n 
A 1 82  LYS 82  77  77  LYS LYS A . n 
A 1 83  GLU 83  78  78  GLU GLU A . n 
A 1 84  PHE 84  79  79  PHE PHE A . n 
A 1 85  GLU 85  80  80  GLU GLU A . n 
A 1 86  ASP 86  81  81  ASP ASP A . n 
A 1 87  GLY 87  82  82  GLY GLY A . n 
A 1 88  ILE 88  83  83  ILE ILE A . n 
A 1 89  ILE 89  84  84  ILE ILE A . n 
A 1 90  ASN 90  85  85  ASN ASN A . n 
A 1 91  TRP 91  86  86  TRP TRP A . n 
A 1 92  GLY 92  87  87  GLY GLY A . n 
A 1 93  ARG 93  88  88  ARG ARG A . n 
A 1 94  ILE 94  89  89  ILE ILE A . n 
A 1 95  VAL 95  90  90  VAL VAL A . n 
A 1 96  THR 96  91  91  THR THR A . n 
A 1 97  ILE 97  92  92  ILE ILE A . n 
A 1 98  PHE 98  93  93  PHE PHE A . n 
A 1 99  ALA 99  94  94  ALA ALA A . n 
A 1 100 PHE 100 95  95  PHE PHE A . n 
A 1 101 GLY 101 96  96  GLY GLY A . n 
A 1 102 GLY 102 97  97  GLY GLY A . n 
A 1 103 VAL 103 98  98  VAL VAL A . n 
A 1 104 LEU 104 99  99  LEU LEU A . n 
A 1 105 LEU 105 100 100 LEU LEU A . n 
A 1 106 LYS 106 101 101 LYS LYS A . n 
A 1 107 LYS 107 102 102 LYS LYS A . n 
A 1 108 LEU 108 103 103 LEU LEU A . n 
A 1 109 LYS 109 104 104 LYS LYS A . n 
A 1 110 GLN 110 105 105 GLN GLN A . n 
A 1 111 GLU 111 106 106 GLU GLU A . n 
A 1 112 GLN 112 107 107 GLN GLN A . n 
A 1 113 ILE 113 108 108 ILE ILE A . n 
A 1 114 ALA 114 109 109 ALA ALA A . n 
A 1 115 LEU 115 110 110 LEU LEU A . n 
A 1 116 ASP 116 111 111 ASP ASP A . n 
A 1 117 VAL 117 112 112 VAL VAL A . n 
A 1 118 SER 118 113 113 SER SER A . n 
A 1 119 ALA 119 114 114 ALA ALA A . n 
A 1 120 TYR 120 115 115 TYR TYR A . n 
A 1 121 LYS 121 116 116 LYS LYS A . n 
A 1 122 GLN 122 117 117 GLN GLN A . n 
A 1 123 VAL 123 118 118 VAL VAL A . n 
A 1 124 SER 124 119 119 SER SER A . n 
A 1 125 SER 125 120 120 SER SER A . n 
A 1 126 PHE 126 121 121 PHE PHE A . n 
A 1 127 VAL 127 122 122 VAL VAL A . n 
A 1 128 ALA 128 123 123 ALA ALA A . n 
A 1 129 GLU 129 124 124 GLU GLU A . n 
A 1 130 PHE 130 125 125 PHE PHE A . n 
A 1 131 ILE 131 126 126 ILE ILE A . n 
A 1 132 MET 132 127 127 MET MET A . n 
A 1 133 ASN 133 128 128 ASN ASN A . n 
A 1 134 ASN 134 129 129 ASN ASN A . n 
A 1 135 THR 135 130 130 THR THR A . n 
A 1 136 GLY 136 131 131 GLY GLY A . n 
A 1 137 GLU 137 132 132 GLU GLU A . n 
A 1 138 TRP 138 133 133 TRP TRP A . n 
A 1 139 ILE 139 134 134 ILE ILE A . n 
A 1 140 ARG 140 135 135 ARG ARG A . n 
A 1 141 GLN 141 136 136 GLN GLN A . n 
A 1 142 ASN 142 137 137 ASN ASN A . n 
A 1 143 GLY 143 138 138 GLY GLY A . n 
A 1 144 GLY 144 139 139 GLY GLY A . n 
A 1 145 TRP 145 140 140 TRP TRP A . n 
A 1 146 GLU 146 141 141 GLU GLU A . n 
A 1 147 ASP 147 142 142 ASP ASP A . n 
A 1 148 GLY 148 143 143 GLY GLY A . n 
A 1 149 PHE 149 144 144 PHE PHE A . n 
A 1 150 ILE 150 145 145 ILE ILE A . n 
A 1 151 LYS 151 146 146 LYS LYS A . n 
A 1 152 LYS 152 147 147 LYS LYS A . n 
A 1 153 PHE 153 148 148 PHE PHE A . n 
A 1 154 GLU 154 149 149 GLU GLU A . n 
A 1 155 PRO 155 150 150 PRO PRO A . n 
A 1 156 LYS 156 151 ?   ?   ?   A . n 
A 1 157 SER 157 152 ?   ?   ?   A . n 
B 2 1   PRO 1   64  64  PRO PRO B . n 
B 2 2   ASN 2   65  65  ASN ASN B . n 
B 2 3   SER 3   66  66  SER SER B . n 
B 2 4   ILE 4   67  67  ILE ILE B . n 
B 2 5   LEU 5   68  68  LEU LEU B . n 
B 2 6   GLY 6   69  69  GLY GLY B . n 
B 2 7   GLN 7   70  70  GLN GLN B . n 
B 2 8   VAL 8   71  71  VAL VAL B . n 
B 2 9   GLY 9   72  72  GLY GLY B . n 
B 2 10  ARG 10  73  73  ARG ARG B . n 
B 2 11  GLN 11  74  74  GLN GLN B . n 
B 2 12  LEU 12  75  75  LEU LEU B . n 
B 2 13  ALA 13  76  76  ALA ALA B . n 
B 2 14  LEU 14  77  77  LEU LEU B . n 
B 2 15  ILE 15  78  78  ILE ILE B . n 
B 2 16  GLY 16  79  79  GLY GLY B . n 
B 2 17  ASP 17  80  80  ASP ASP B . n 
B 2 18  ASP 18  81  81  ASP ASP B . n 
B 2 19  ILE 19  82  82  ILE ILE B . n 
B 2 20  ASN 20  83  83  ASN ASN B . n 
B 2 21  ARG 21  84  84  ARG ARG B . n 
B 2 22  ARG 22  85  85  ARG ARG B . n 
B 2 23  TYR 23  86  86  TYR TYR B . n 
B 2 24  ASP 24  87  87  ASP ASP B . n 
B 2 25  THR 25  88  ?   ?   ?   B . n 
B 2 26  GLU 26  89  ?   ?   ?   B . n 
# 
loop_
_pdbx_nonpoly_scheme.asym_id 
_pdbx_nonpoly_scheme.entity_id 
_pdbx_nonpoly_scheme.mon_id 
_pdbx_nonpoly_scheme.ndb_seq_num 
_pdbx_nonpoly_scheme.pdb_seq_num 
_pdbx_nonpoly_scheme.auth_seq_num 
_pdbx_nonpoly_scheme.pdb_mon_id 
_pdbx_nonpoly_scheme.auth_mon_id 
_pdbx_nonpoly_scheme.pdb_strand_id 
_pdbx_nonpoly_scheme.pdb_ins_code 
C 3 CIT 1  1151 1151 CIT CIT A . 
D 4 SO4 1  1088 1088 SO4 SO4 B . 
E 5 HOH 1  2001 2001 HOH HOH A . 
E 5 HOH 2  2002 2002 HOH HOH A . 
E 5 HOH 3  2003 2003 HOH HOH A . 
E 5 HOH 4  2004 2004 HOH HOH A . 
E 5 HOH 5  2005 2005 HOH HOH A . 
E 5 HOH 6  2006 2006 HOH HOH A . 
E 5 HOH 7  2007 2007 HOH HOH A . 
E 5 HOH 8  2008 2008 HOH HOH A . 
E 5 HOH 9  2009 2009 HOH HOH A . 
E 5 HOH 10 2010 2010 HOH HOH A . 
E 5 HOH 11 2011 2011 HOH HOH A . 
E 5 HOH 12 2012 2012 HOH HOH A . 
E 5 HOH 13 2013 2013 HOH HOH A . 
E 5 HOH 14 2014 2014 HOH HOH A . 
E 5 HOH 15 2015 2015 HOH HOH A . 
E 5 HOH 16 2016 2016 HOH HOH A . 
E 5 HOH 17 2017 2017 HOH HOH A . 
E 5 HOH 18 2018 2018 HOH HOH A . 
E 5 HOH 19 2019 2019 HOH HOH A . 
E 5 HOH 20 2020 2020 HOH HOH A . 
E 5 HOH 21 2021 2021 HOH HOH A . 
E 5 HOH 22 2022 2022 HOH HOH A . 
E 5 HOH 23 2023 2023 HOH HOH A . 
E 5 HOH 24 2024 2024 HOH HOH A . 
E 5 HOH 25 2025 2025 HOH HOH A . 
E 5 HOH 26 2026 2026 HOH HOH A . 
E 5 HOH 27 2027 2027 HOH HOH A . 
E 5 HOH 28 2028 2028 HOH HOH A . 
E 5 HOH 29 2029 2029 HOH HOH A . 
E 5 HOH 30 2030 2030 HOH HOH A . 
E 5 HOH 31 2031 2031 HOH HOH A . 
E 5 HOH 32 2032 2032 HOH HOH A . 
E 5 HOH 33 2033 2033 HOH HOH A . 
E 5 HOH 34 2034 2034 HOH HOH A . 
E 5 HOH 35 2035 2035 HOH HOH A . 
E 5 HOH 36 2036 2036 HOH HOH A . 
E 5 HOH 37 2037 2037 HOH HOH A . 
E 5 HOH 38 2038 2038 HOH HOH A . 
E 5 HOH 39 2039 2039 HOH HOH A . 
E 5 HOH 40 2040 2040 HOH HOH A . 
E 5 HOH 41 2041 2041 HOH HOH A . 
E 5 HOH 42 2042 2042 HOH HOH A . 
E 5 HOH 43 2043 2043 HOH HOH A . 
E 5 HOH 44 2044 2044 HOH HOH A . 
E 5 HOH 45 2045 2045 HOH HOH A . 
E 5 HOH 46 2046 2046 HOH HOH A . 
E 5 HOH 47 2047 2047 HOH HOH A . 
E 5 HOH 48 2048 2048 HOH HOH A . 
E 5 HOH 49 2049 2049 HOH HOH A . 
E 5 HOH 50 2050 2050 HOH HOH A . 
E 5 HOH 51 2051 2051 HOH HOH A . 
E 5 HOH 52 2052 2052 HOH HOH A . 
E 5 HOH 53 2053 2053 HOH HOH A . 
E 5 HOH 54 2054 2054 HOH HOH A . 
E 5 HOH 55 2055 2055 HOH HOH A . 
E 5 HOH 56 2056 2056 HOH HOH A . 
E 5 HOH 57 2057 2057 HOH HOH A . 
E 5 HOH 58 2058 2058 HOH HOH A . 
E 5 HOH 59 2059 2059 HOH HOH A . 
E 5 HOH 60 2060 2060 HOH HOH A . 
E 5 HOH 61 2061 2061 HOH HOH A . 
E 5 HOH 62 2062 2062 HOH HOH A . 
E 5 HOH 63 2063 2063 HOH HOH A . 
E 5 HOH 64 2064 2064 HOH HOH A . 
E 5 HOH 65 2065 2065 HOH HOH A . 
E 5 HOH 66 2066 2066 HOH HOH A . 
E 5 HOH 67 2067 2067 HOH HOH A . 
E 5 HOH 68 2068 2068 HOH HOH A . 
E 5 HOH 69 2069 2069 HOH HOH A . 
E 5 HOH 70 2070 2070 HOH HOH A . 
E 5 HOH 71 2071 2071 HOH HOH A . 
E 5 HOH 72 2072 2072 HOH HOH A . 
E 5 HOH 73 2073 2073 HOH HOH A . 
E 5 HOH 74 2074 2074 HOH HOH A . 
E 5 HOH 75 2075 2075 HOH HOH A . 
E 5 HOH 76 2076 2076 HOH HOH A . 
E 5 HOH 77 2077 2077 HOH HOH A . 
E 5 HOH 78 2078 2078 HOH HOH A . 
E 5 HOH 79 2079 2079 HOH HOH A . 
E 5 HOH 80 2080 2080 HOH HOH A . 
E 5 HOH 81 2081 2081 HOH HOH A . 
E 5 HOH 82 2082 2082 HOH HOH A . 
E 5 HOH 83 2083 2083 HOH HOH A . 
E 5 HOH 84 2084 2084 HOH HOH A . 
E 5 HOH 85 2085 2085 HOH HOH A . 
E 5 HOH 86 2086 2086 HOH HOH A . 
E 5 HOH 87 2087 2087 HOH HOH A . 
E 5 HOH 88 2088 2088 HOH HOH A . 
E 5 HOH 89 2089 2089 HOH HOH A . 
E 5 HOH 90 2090 2090 HOH HOH A . 
E 5 HOH 91 2091 2091 HOH HOH A . 
E 5 HOH 92 2092 2092 HOH HOH A . 
E 5 HOH 93 2093 2093 HOH HOH A . 
E 5 HOH 94 2094 2094 HOH HOH A . 
E 5 HOH 95 2095 2095 HOH HOH A . 
E 5 HOH 96 2096 2096 HOH HOH A . 
E 5 HOH 97 2097 2097 HOH HOH A . 
F 5 HOH 1  2001 2001 HOH HOH B . 
F 5 HOH 2  2002 2002 HOH HOH B . 
F 5 HOH 3  2003 2003 HOH HOH B . 
F 5 HOH 4  2004 2004 HOH HOH B . 
F 5 HOH 5  2005 2005 HOH HOH B . 
F 5 HOH 6  2006 2006 HOH HOH B . 
F 5 HOH 7  2007 2007 HOH HOH B . 
F 5 HOH 8  2008 2008 HOH HOH B . 
F 5 HOH 9  2009 2009 HOH HOH B . 
F 5 HOH 10 2010 2010 HOH HOH B . 
F 5 HOH 11 2011 2011 HOH HOH B . 
F 5 HOH 12 2012 2012 HOH HOH B . 
F 5 HOH 13 2013 2013 HOH HOH B . 
F 5 HOH 14 2014 2014 HOH HOH B . 
F 5 HOH 15 2015 2015 HOH HOH B . 
F 5 HOH 16 2016 2016 HOH HOH B . 
F 5 HOH 17 2017 2017 HOH HOH B . 
F 5 HOH 18 2018 2018 HOH HOH B . 
F 5 HOH 19 2019 2019 HOH HOH B . 
F 5 HOH 20 2020 2020 HOH HOH B . 
F 5 HOH 21 2021 2021 HOH HOH B . 
F 5 HOH 22 2022 2022 HOH HOH B . 
F 5 HOH 23 2023 2023 HOH HOH B . 
F 5 HOH 24 2024 2024 HOH HOH B . 
F 5 HOH 25 2025 2025 HOH HOH B . 
# 
_pdbx_struct_assembly.id                   1 
_pdbx_struct_assembly.details              author_and_software_defined_assembly 
_pdbx_struct_assembly.method_details       PQS 
_pdbx_struct_assembly.oligomeric_details   dimeric 
_pdbx_struct_assembly.oligomeric_count     2 
# 
_pdbx_struct_assembly_gen.assembly_id       1 
_pdbx_struct_assembly_gen.oper_expression   1 
_pdbx_struct_assembly_gen.asym_id_list      A,B,C,D,E,F 
# 
loop_
_pdbx_struct_assembly_prop.biol_id 
_pdbx_struct_assembly_prop.type 
_pdbx_struct_assembly_prop.value 
_pdbx_struct_assembly_prop.details 
1 'ABSA (A^2)' 2260  ? 
1 MORE         -16   ? 
1 'SSA (A^2)'  11230 ? 
# 
_pdbx_struct_oper_list.id                   1 
_pdbx_struct_oper_list.type                 'identity operation' 
_pdbx_struct_oper_list.name                 1_555 
_pdbx_struct_oper_list.symmetry_operation   x,y,z 
_pdbx_struct_oper_list.matrix[1][1]         1.0000000000 
_pdbx_struct_oper_list.matrix[1][2]         0.0000000000 
_pdbx_struct_oper_list.matrix[1][3]         0.0000000000 
_pdbx_struct_oper_list.vector[1]            0.0000000000 
_pdbx_struct_oper_list.matrix[2][1]         0.0000000000 
_pdbx_struct_oper_list.matrix[2][2]         1.0000000000 
_pdbx_struct_oper_list.matrix[2][3]         0.0000000000 
_pdbx_struct_oper_list.vector[2]            0.0000000000 
_pdbx_struct_oper_list.matrix[3][1]         0.0000000000 
_pdbx_struct_oper_list.matrix[3][2]         0.0000000000 
_pdbx_struct_oper_list.matrix[3][3]         1.0000000000 
_pdbx_struct_oper_list.vector[3]            0.0000000000 
# 
loop_
_pdbx_audit_revision_history.ordinal 
_pdbx_audit_revision_history.data_content_type 
_pdbx_audit_revision_history.major_revision 
_pdbx_audit_revision_history.minor_revision 
_pdbx_audit_revision_history.revision_date 
1 'Structure model' 1 0 2008-03-04 
2 'Structure model' 1 1 2011-07-13 
3 'Structure model' 1 2 2023-12-13 
# 
_pdbx_audit_revision_details.ordinal             1 
_pdbx_audit_revision_details.revision_ordinal    1 
_pdbx_audit_revision_details.data_content_type   'Structure model' 
_pdbx_audit_revision_details.provider            repository 
_pdbx_audit_revision_details.type                'Initial release' 
_pdbx_audit_revision_details.description         ? 
_pdbx_audit_revision_details.details             ? 
# 
loop_
_pdbx_audit_revision_group.ordinal 
_pdbx_audit_revision_group.revision_ordinal 
_pdbx_audit_revision_group.data_content_type 
_pdbx_audit_revision_group.group 
1 2 'Structure model' Advisory                    
2 2 'Structure model' 'Version format compliance' 
3 3 'Structure model' 'Data collection'           
4 3 'Structure model' 'Database references'       
5 3 'Structure model' Other                       
6 3 'Structure model' 'Refinement description'    
# 
loop_
_pdbx_audit_revision_category.ordinal 
_pdbx_audit_revision_category.revision_ordinal 
_pdbx_audit_revision_category.data_content_type 
_pdbx_audit_revision_category.category 
1 3 'Structure model' chem_comp_atom                
2 3 'Structure model' chem_comp_bond                
3 3 'Structure model' database_2                    
4 3 'Structure model' pdbx_database_status          
5 3 'Structure model' pdbx_initial_refinement_model 
# 
loop_
_pdbx_audit_revision_item.ordinal 
_pdbx_audit_revision_item.revision_ordinal 
_pdbx_audit_revision_item.data_content_type 
_pdbx_audit_revision_item.item 
1 3 'Structure model' '_database_2.pdbx_DOI'                 
2 3 'Structure model' '_database_2.pdbx_database_accession'  
3 3 'Structure model' '_pdbx_database_status.status_code_sf' 
# 
loop_
_pdbx_refine_tls.pdbx_refine_id 
_pdbx_refine_tls.id 
_pdbx_refine_tls.details 
_pdbx_refine_tls.method 
_pdbx_refine_tls.origin_x 
_pdbx_refine_tls.origin_y 
_pdbx_refine_tls.origin_z 
_pdbx_refine_tls.T[1][1] 
_pdbx_refine_tls.T[2][2] 
_pdbx_refine_tls.T[3][3] 
_pdbx_refine_tls.T[1][2] 
_pdbx_refine_tls.T[1][3] 
_pdbx_refine_tls.T[2][3] 
_pdbx_refine_tls.L[1][1] 
_pdbx_refine_tls.L[2][2] 
_pdbx_refine_tls.L[3][3] 
_pdbx_refine_tls.L[1][2] 
_pdbx_refine_tls.L[1][3] 
_pdbx_refine_tls.L[2][3] 
_pdbx_refine_tls.S[1][1] 
_pdbx_refine_tls.S[1][2] 
_pdbx_refine_tls.S[1][3] 
_pdbx_refine_tls.S[2][1] 
_pdbx_refine_tls.S[2][2] 
_pdbx_refine_tls.S[2][3] 
_pdbx_refine_tls.S[3][1] 
_pdbx_refine_tls.S[3][2] 
_pdbx_refine_tls.S[3][3] 
'X-RAY DIFFRACTION' 1 ? refined -1.3883 0.6928  0.6677  -0.1414 -0.1297 -0.1314 0.0021 0.0107 0.0100 1.5646 2.7241  1.7624 0.0714 0.4314  0.2367  -0.0332 -0.1432 -0.0195 0.0734 0.0157  0.2075  0.0768 -0.1364 0.0175 
'X-RAY DIFFRACTION' 2 ? refined 12.1093 -5.1177 -2.5938 -0.1496 -0.1039 -0.1341 0.0449 0.0171 0.0042 4.8195 14.2546 3.1040 5.7348 -0.5610 -1.5272 0.0589  -0.1496 -0.3191 0.2114 -0.1780 -0.5840 0.0604 0.3078  0.1190 
# 
loop_
_pdbx_refine_tls_group.pdbx_refine_id 
_pdbx_refine_tls_group.id 
_pdbx_refine_tls_group.refine_tls_id 
_pdbx_refine_tls_group.beg_auth_asym_id 
_pdbx_refine_tls_group.beg_auth_seq_id 
_pdbx_refine_tls_group.beg_label_asym_id 
_pdbx_refine_tls_group.beg_label_seq_id 
_pdbx_refine_tls_group.end_auth_asym_id 
_pdbx_refine_tls_group.end_auth_seq_id 
_pdbx_refine_tls_group.end_label_asym_id 
_pdbx_refine_tls_group.end_label_seq_id 
_pdbx_refine_tls_group.selection 
_pdbx_refine_tls_group.selection_details 
'X-RAY DIFFRACTION' 1 1 A -4 ? ? A 150 ? ? ? ? 
'X-RAY DIFFRACTION' 2 2 B 64 ? ? B 87  ? ? ? ? 
# 
loop_
_software.name 
_software.classification 
_software.version 
_software.citation_id 
_software.pdbx_ordinal 
REFMAC refinement       5.2.0005 ? 1 
MOSFLM 'data reduction' .        ? 2 
SCALA  'data scaling'   .        ? 3 
PHASER phasing          .        ? 4 
# 
_pdbx_entry_details.entry_id                 2VOH 
_pdbx_entry_details.compound_details         
;ENGINEERED RESIDUE IN CHAIN A, PRO 104 TO LYS
ENGINEERED RESIDUE IN CHAIN A, CYS 113 TO SER
;
_pdbx_entry_details.source_details           ? 
_pdbx_entry_details.nonpolymer_details       ? 
_pdbx_entry_details.sequence_details         ? 
_pdbx_entry_details.has_ligand_of_interest   ? 
# 
loop_
_pdbx_validate_torsion.id 
_pdbx_validate_torsion.PDB_model_num 
_pdbx_validate_torsion.auth_comp_id 
_pdbx_validate_torsion.auth_asym_id 
_pdbx_validate_torsion.auth_seq_id 
_pdbx_validate_torsion.PDB_ins_code 
_pdbx_validate_torsion.label_alt_id 
_pdbx_validate_torsion.phi 
_pdbx_validate_torsion.psi 
1 1 ILE A 108 ? ? 73.13   -55.72 
2 1 TYR B 86  ? ? -102.14 62.77  
# 
loop_
_pdbx_unobs_or_zero_occ_atoms.id 
_pdbx_unobs_or_zero_occ_atoms.PDB_model_num 
_pdbx_unobs_or_zero_occ_atoms.polymer_flag 
_pdbx_unobs_or_zero_occ_atoms.occupancy_flag 
_pdbx_unobs_or_zero_occ_atoms.auth_asym_id 
_pdbx_unobs_or_zero_occ_atoms.auth_comp_id 
_pdbx_unobs_or_zero_occ_atoms.auth_seq_id 
_pdbx_unobs_or_zero_occ_atoms.PDB_ins_code 
_pdbx_unobs_or_zero_occ_atoms.auth_atom_id 
_pdbx_unobs_or_zero_occ_atoms.label_alt_id 
_pdbx_unobs_or_zero_occ_atoms.label_asym_id 
_pdbx_unobs_or_zero_occ_atoms.label_comp_id 
_pdbx_unobs_or_zero_occ_atoms.label_seq_id 
_pdbx_unobs_or_zero_occ_atoms.label_atom_id 
1 1 Y 1 A GLU 141 ? CG  ? A GLU 146 CG  
2 1 Y 1 A GLU 141 ? CD  ? A GLU 146 CD  
3 1 Y 1 A GLU 141 ? OE1 ? A GLU 146 OE1 
4 1 Y 1 A GLU 141 ? OE2 ? A GLU 146 OE2 
# 
loop_
_pdbx_unobs_or_zero_occ_residues.id 
_pdbx_unobs_or_zero_occ_residues.PDB_model_num 
_pdbx_unobs_or_zero_occ_residues.polymer_flag 
_pdbx_unobs_or_zero_occ_residues.occupancy_flag 
_pdbx_unobs_or_zero_occ_residues.auth_asym_id 
_pdbx_unobs_or_zero_occ_residues.auth_comp_id 
_pdbx_unobs_or_zero_occ_residues.auth_seq_id 
_pdbx_unobs_or_zero_occ_residues.PDB_ins_code 
_pdbx_unobs_or_zero_occ_residues.label_asym_id 
_pdbx_unobs_or_zero_occ_residues.label_comp_id 
_pdbx_unobs_or_zero_occ_residues.label_seq_id 
1 1 Y 1 A LYS 151 ? A LYS 156 
2 1 Y 1 A SER 152 ? A SER 157 
3 1 Y 1 B THR 88  ? B THR 25  
4 1 Y 1 B GLU 89  ? B GLU 26  
# 
loop_
_chem_comp_atom.comp_id 
_chem_comp_atom.atom_id 
_chem_comp_atom.type_symbol 
_chem_comp_atom.pdbx_aromatic_flag 
_chem_comp_atom.pdbx_stereo_config 
_chem_comp_atom.pdbx_ordinal 
ALA N    N N N 1   
ALA CA   C N S 2   
ALA C    C N N 3   
ALA O    O N N 4   
ALA CB   C N N 5   
ALA OXT  O N N 6   
ALA H    H N N 7   
ALA H2   H N N 8   
ALA HA   H N N 9   
ALA HB1  H N N 10  
ALA HB2  H N N 11  
ALA HB3  H N N 12  
ALA HXT  H N N 13  
ARG N    N N N 14  
ARG CA   C N S 15  
ARG C    C N N 16  
ARG O    O N N 17  
ARG CB   C N N 18  
ARG CG   C N N 19  
ARG CD   C N N 20  
ARG NE   N N N 21  
ARG CZ   C N N 22  
ARG NH1  N N N 23  
ARG NH2  N N N 24  
ARG OXT  O N N 25  
ARG H    H N N 26  
ARG H2   H N N 27  
ARG HA   H N N 28  
ARG HB2  H N N 29  
ARG HB3  H N N 30  
ARG HG2  H N N 31  
ARG HG3  H N N 32  
ARG HD2  H N N 33  
ARG HD3  H N N 34  
ARG HE   H N N 35  
ARG HH11 H N N 36  
ARG HH12 H N N 37  
ARG HH21 H N N 38  
ARG HH22 H N N 39  
ARG HXT  H N N 40  
ASN N    N N N 41  
ASN CA   C N S 42  
ASN C    C N N 43  
ASN O    O N N 44  
ASN CB   C N N 45  
ASN CG   C N N 46  
ASN OD1  O N N 47  
ASN ND2  N N N 48  
ASN OXT  O N N 49  
ASN H    H N N 50  
ASN H2   H N N 51  
ASN HA   H N N 52  
ASN HB2  H N N 53  
ASN HB3  H N N 54  
ASN HD21 H N N 55  
ASN HD22 H N N 56  
ASN HXT  H N N 57  
ASP N    N N N 58  
ASP CA   C N S 59  
ASP C    C N N 60  
ASP O    O N N 61  
ASP CB   C N N 62  
ASP CG   C N N 63  
ASP OD1  O N N 64  
ASP OD2  O N N 65  
ASP OXT  O N N 66  
ASP H    H N N 67  
ASP H2   H N N 68  
ASP HA   H N N 69  
ASP HB2  H N N 70  
ASP HB3  H N N 71  
ASP HD2  H N N 72  
ASP HXT  H N N 73  
CIT C1   C N N 74  
CIT O1   O N N 75  
CIT O2   O N N 76  
CIT C2   C N N 77  
CIT C3   C N N 78  
CIT O7   O N N 79  
CIT C4   C N N 80  
CIT C5   C N N 81  
CIT O3   O N N 82  
CIT O4   O N N 83  
CIT C6   C N N 84  
CIT O5   O N N 85  
CIT O6   O N N 86  
CIT HO2  H N N 87  
CIT H21  H N N 88  
CIT H22  H N N 89  
CIT HO7  H N N 90  
CIT H41  H N N 91  
CIT H42  H N N 92  
CIT HO4  H N N 93  
CIT HO6  H N N 94  
CYS N    N N N 95  
CYS CA   C N R 96  
CYS C    C N N 97  
CYS O    O N N 98  
CYS CB   C N N 99  
CYS SG   S N N 100 
CYS OXT  O N N 101 
CYS H    H N N 102 
CYS H2   H N N 103 
CYS HA   H N N 104 
CYS HB2  H N N 105 
CYS HB3  H N N 106 
CYS HG   H N N 107 
CYS HXT  H N N 108 
GLN N    N N N 109 
GLN CA   C N S 110 
GLN C    C N N 111 
GLN O    O N N 112 
GLN CB   C N N 113 
GLN CG   C N N 114 
GLN CD   C N N 115 
GLN OE1  O N N 116 
GLN NE2  N N N 117 
GLN OXT  O N N 118 
GLN H    H N N 119 
GLN H2   H N N 120 
GLN HA   H N N 121 
GLN HB2  H N N 122 
GLN HB3  H N N 123 
GLN HG2  H N N 124 
GLN HG3  H N N 125 
GLN HE21 H N N 126 
GLN HE22 H N N 127 
GLN HXT  H N N 128 
GLU N    N N N 129 
GLU CA   C N S 130 
GLU C    C N N 131 
GLU O    O N N 132 
GLU CB   C N N 133 
GLU CG   C N N 134 
GLU CD   C N N 135 
GLU OE1  O N N 136 
GLU OE2  O N N 137 
GLU OXT  O N N 138 
GLU H    H N N 139 
GLU H2   H N N 140 
GLU HA   H N N 141 
GLU HB2  H N N 142 
GLU HB3  H N N 143 
GLU HG2  H N N 144 
GLU HG3  H N N 145 
GLU HE2  H N N 146 
GLU HXT  H N N 147 
GLY N    N N N 148 
GLY CA   C N N 149 
GLY C    C N N 150 
GLY O    O N N 151 
GLY OXT  O N N 152 
GLY H    H N N 153 
GLY H2   H N N 154 
GLY HA2  H N N 155 
GLY HA3  H N N 156 
GLY HXT  H N N 157 
HIS N    N N N 158 
HIS CA   C N S 159 
HIS C    C N N 160 
HIS O    O N N 161 
HIS CB   C N N 162 
HIS CG   C Y N 163 
HIS ND1  N Y N 164 
HIS CD2  C Y N 165 
HIS CE1  C Y N 166 
HIS NE2  N Y N 167 
HIS OXT  O N N 168 
HIS H    H N N 169 
HIS H2   H N N 170 
HIS HA   H N N 171 
HIS HB2  H N N 172 
HIS HB3  H N N 173 
HIS HD1  H N N 174 
HIS HD2  H N N 175 
HIS HE1  H N N 176 
HIS HE2  H N N 177 
HIS HXT  H N N 178 
HOH O    O N N 179 
HOH H1   H N N 180 
HOH H2   H N N 181 
ILE N    N N N 182 
ILE CA   C N S 183 
ILE C    C N N 184 
ILE O    O N N 185 
ILE CB   C N S 186 
ILE CG1  C N N 187 
ILE CG2  C N N 188 
ILE CD1  C N N 189 
ILE OXT  O N N 190 
ILE H    H N N 191 
ILE H2   H N N 192 
ILE HA   H N N 193 
ILE HB   H N N 194 
ILE HG12 H N N 195 
ILE HG13 H N N 196 
ILE HG21 H N N 197 
ILE HG22 H N N 198 
ILE HG23 H N N 199 
ILE HD11 H N N 200 
ILE HD12 H N N 201 
ILE HD13 H N N 202 
ILE HXT  H N N 203 
LEU N    N N N 204 
LEU CA   C N S 205 
LEU C    C N N 206 
LEU O    O N N 207 
LEU CB   C N N 208 
LEU CG   C N N 209 
LEU CD1  C N N 210 
LEU CD2  C N N 211 
LEU OXT  O N N 212 
LEU H    H N N 213 
LEU H2   H N N 214 
LEU HA   H N N 215 
LEU HB2  H N N 216 
LEU HB3  H N N 217 
LEU HG   H N N 218 
LEU HD11 H N N 219 
LEU HD12 H N N 220 
LEU HD13 H N N 221 
LEU HD21 H N N 222 
LEU HD22 H N N 223 
LEU HD23 H N N 224 
LEU HXT  H N N 225 
LYS N    N N N 226 
LYS CA   C N S 227 
LYS C    C N N 228 
LYS O    O N N 229 
LYS CB   C N N 230 
LYS CG   C N N 231 
LYS CD   C N N 232 
LYS CE   C N N 233 
LYS NZ   N N N 234 
LYS OXT  O N N 235 
LYS H    H N N 236 
LYS H2   H N N 237 
LYS HA   H N N 238 
LYS HB2  H N N 239 
LYS HB3  H N N 240 
LYS HG2  H N N 241 
LYS HG3  H N N 242 
LYS HD2  H N N 243 
LYS HD3  H N N 244 
LYS HE2  H N N 245 
LYS HE3  H N N 246 
LYS HZ1  H N N 247 
LYS HZ2  H N N 248 
LYS HZ3  H N N 249 
LYS HXT  H N N 250 
MET N    N N N 251 
MET CA   C N S 252 
MET C    C N N 253 
MET O    O N N 254 
MET CB   C N N 255 
MET CG   C N N 256 
MET SD   S N N 257 
MET CE   C N N 258 
MET OXT  O N N 259 
MET H    H N N 260 
MET H2   H N N 261 
MET HA   H N N 262 
MET HB2  H N N 263 
MET HB3  H N N 264 
MET HG2  H N N 265 
MET HG3  H N N 266 
MET HE1  H N N 267 
MET HE2  H N N 268 
MET HE3  H N N 269 
MET HXT  H N N 270 
PHE N    N N N 271 
PHE CA   C N S 272 
PHE C    C N N 273 
PHE O    O N N 274 
PHE CB   C N N 275 
PHE CG   C Y N 276 
PHE CD1  C Y N 277 
PHE CD2  C Y N 278 
PHE CE1  C Y N 279 
PHE CE2  C Y N 280 
PHE CZ   C Y N 281 
PHE OXT  O N N 282 
PHE H    H N N 283 
PHE H2   H N N 284 
PHE HA   H N N 285 
PHE HB2  H N N 286 
PHE HB3  H N N 287 
PHE HD1  H N N 288 
PHE HD2  H N N 289 
PHE HE1  H N N 290 
PHE HE2  H N N 291 
PHE HZ   H N N 292 
PHE HXT  H N N 293 
PRO N    N N N 294 
PRO CA   C N S 295 
PRO C    C N N 296 
PRO O    O N N 297 
PRO CB   C N N 298 
PRO CG   C N N 299 
PRO CD   C N N 300 
PRO OXT  O N N 301 
PRO H    H N N 302 
PRO HA   H N N 303 
PRO HB2  H N N 304 
PRO HB3  H N N 305 
PRO HG2  H N N 306 
PRO HG3  H N N 307 
PRO HD2  H N N 308 
PRO HD3  H N N 309 
PRO HXT  H N N 310 
SER N    N N N 311 
SER CA   C N S 312 
SER C    C N N 313 
SER O    O N N 314 
SER CB   C N N 315 
SER OG   O N N 316 
SER OXT  O N N 317 
SER H    H N N 318 
SER H2   H N N 319 
SER HA   H N N 320 
SER HB2  H N N 321 
SER HB3  H N N 322 
SER HG   H N N 323 
SER HXT  H N N 324 
SO4 S    S N N 325 
SO4 O1   O N N 326 
SO4 O2   O N N 327 
SO4 O3   O N N 328 
SO4 O4   O N N 329 
THR N    N N N 330 
THR CA   C N S 331 
THR C    C N N 332 
THR O    O N N 333 
THR CB   C N R 334 
THR OG1  O N N 335 
THR CG2  C N N 336 
THR OXT  O N N 337 
THR H    H N N 338 
THR H2   H N N 339 
THR HA   H N N 340 
THR HB   H N N 341 
THR HG1  H N N 342 
THR HG21 H N N 343 
THR HG22 H N N 344 
THR HG23 H N N 345 
THR HXT  H N N 346 
TRP N    N N N 347 
TRP CA   C N S 348 
TRP C    C N N 349 
TRP O    O N N 350 
TRP CB   C N N 351 
TRP CG   C Y N 352 
TRP CD1  C Y N 353 
TRP CD2  C Y N 354 
TRP NE1  N Y N 355 
TRP CE2  C Y N 356 
TRP CE3  C Y N 357 
TRP CZ2  C Y N 358 
TRP CZ3  C Y N 359 
TRP CH2  C Y N 360 
TRP OXT  O N N 361 
TRP H    H N N 362 
TRP H2   H N N 363 
TRP HA   H N N 364 
TRP HB2  H N N 365 
TRP HB3  H N N 366 
TRP HD1  H N N 367 
TRP HE1  H N N 368 
TRP HE3  H N N 369 
TRP HZ2  H N N 370 
TRP HZ3  H N N 371 
TRP HH2  H N N 372 
TRP HXT  H N N 373 
TYR N    N N N 374 
TYR CA   C N S 375 
TYR C    C N N 376 
TYR O    O N N 377 
TYR CB   C N N 378 
TYR CG   C Y N 379 
TYR CD1  C Y N 380 
TYR CD2  C Y N 381 
TYR CE1  C Y N 382 
TYR CE2  C Y N 383 
TYR CZ   C Y N 384 
TYR OH   O N N 385 
TYR OXT  O N N 386 
TYR H    H N N 387 
TYR H2   H N N 388 
TYR HA   H N N 389 
TYR HB2  H N N 390 
TYR HB3  H N N 391 
TYR HD1  H N N 392 
TYR HD2  H N N 393 
TYR HE1  H N N 394 
TYR HE2  H N N 395 
TYR HH   H N N 396 
TYR HXT  H N N 397 
VAL N    N N N 398 
VAL CA   C N S 399 
VAL C    C N N 400 
VAL O    O N N 401 
VAL CB   C N N 402 
VAL CG1  C N N 403 
VAL CG2  C N N 404 
VAL OXT  O N N 405 
VAL H    H N N 406 
VAL H2   H N N 407 
VAL HA   H N N 408 
VAL HB   H N N 409 
VAL HG11 H N N 410 
VAL HG12 H N N 411 
VAL HG13 H N N 412 
VAL HG21 H N N 413 
VAL HG22 H N N 414 
VAL HG23 H N N 415 
VAL HXT  H N N 416 
# 
loop_
_chem_comp_bond.comp_id 
_chem_comp_bond.atom_id_1 
_chem_comp_bond.atom_id_2 
_chem_comp_bond.value_order 
_chem_comp_bond.pdbx_aromatic_flag 
_chem_comp_bond.pdbx_stereo_config 
_chem_comp_bond.pdbx_ordinal 
ALA N   CA   sing N N 1   
ALA N   H    sing N N 2   
ALA N   H2   sing N N 3   
ALA CA  C    sing N N 4   
ALA CA  CB   sing N N 5   
ALA CA  HA   sing N N 6   
ALA C   O    doub N N 7   
ALA C   OXT  sing N N 8   
ALA CB  HB1  sing N N 9   
ALA CB  HB2  sing N N 10  
ALA CB  HB3  sing N N 11  
ALA OXT HXT  sing N N 12  
ARG N   CA   sing N N 13  
ARG N   H    sing N N 14  
ARG N   H2   sing N N 15  
ARG CA  C    sing N N 16  
ARG CA  CB   sing N N 17  
ARG CA  HA   sing N N 18  
ARG C   O    doub N N 19  
ARG C   OXT  sing N N 20  
ARG CB  CG   sing N N 21  
ARG CB  HB2  sing N N 22  
ARG CB  HB3  sing N N 23  
ARG CG  CD   sing N N 24  
ARG CG  HG2  sing N N 25  
ARG CG  HG3  sing N N 26  
ARG CD  NE   sing N N 27  
ARG CD  HD2  sing N N 28  
ARG CD  HD3  sing N N 29  
ARG NE  CZ   sing N N 30  
ARG NE  HE   sing N N 31  
ARG CZ  NH1  sing N N 32  
ARG CZ  NH2  doub N N 33  
ARG NH1 HH11 sing N N 34  
ARG NH1 HH12 sing N N 35  
ARG NH2 HH21 sing N N 36  
ARG NH2 HH22 sing N N 37  
ARG OXT HXT  sing N N 38  
ASN N   CA   sing N N 39  
ASN N   H    sing N N 40  
ASN N   H2   sing N N 41  
ASN CA  C    sing N N 42  
ASN CA  CB   sing N N 43  
ASN CA  HA   sing N N 44  
ASN C   O    doub N N 45  
ASN C   OXT  sing N N 46  
ASN CB  CG   sing N N 47  
ASN CB  HB2  sing N N 48  
ASN CB  HB3  sing N N 49  
ASN CG  OD1  doub N N 50  
ASN CG  ND2  sing N N 51  
ASN ND2 HD21 sing N N 52  
ASN ND2 HD22 sing N N 53  
ASN OXT HXT  sing N N 54  
ASP N   CA   sing N N 55  
ASP N   H    sing N N 56  
ASP N   H2   sing N N 57  
ASP CA  C    sing N N 58  
ASP CA  CB   sing N N 59  
ASP CA  HA   sing N N 60  
ASP C   O    doub N N 61  
ASP C   OXT  sing N N 62  
ASP CB  CG   sing N N 63  
ASP CB  HB2  sing N N 64  
ASP CB  HB3  sing N N 65  
ASP CG  OD1  doub N N 66  
ASP CG  OD2  sing N N 67  
ASP OD2 HD2  sing N N 68  
ASP OXT HXT  sing N N 69  
CIT C1  O1   doub N N 70  
CIT C1  O2   sing N N 71  
CIT C1  C2   sing N N 72  
CIT O2  HO2  sing N N 73  
CIT C2  C3   sing N N 74  
CIT C2  H21  sing N N 75  
CIT C2  H22  sing N N 76  
CIT C3  O7   sing N N 77  
CIT C3  C4   sing N N 78  
CIT C3  C6   sing N N 79  
CIT O7  HO7  sing N N 80  
CIT C4  C5   sing N N 81  
CIT C4  H41  sing N N 82  
CIT C4  H42  sing N N 83  
CIT C5  O3   doub N N 84  
CIT C5  O4   sing N N 85  
CIT O4  HO4  sing N N 86  
CIT C6  O5   doub N N 87  
CIT C6  O6   sing N N 88  
CIT O6  HO6  sing N N 89  
CYS N   CA   sing N N 90  
CYS N   H    sing N N 91  
CYS N   H2   sing N N 92  
CYS CA  C    sing N N 93  
CYS CA  CB   sing N N 94  
CYS CA  HA   sing N N 95  
CYS C   O    doub N N 96  
CYS C   OXT  sing N N 97  
CYS CB  SG   sing N N 98  
CYS CB  HB2  sing N N 99  
CYS CB  HB3  sing N N 100 
CYS SG  HG   sing N N 101 
CYS OXT HXT  sing N N 102 
GLN N   CA   sing N N 103 
GLN N   H    sing N N 104 
GLN N   H2   sing N N 105 
GLN CA  C    sing N N 106 
GLN CA  CB   sing N N 107 
GLN CA  HA   sing N N 108 
GLN C   O    doub N N 109 
GLN C   OXT  sing N N 110 
GLN CB  CG   sing N N 111 
GLN CB  HB2  sing N N 112 
GLN CB  HB3  sing N N 113 
GLN CG  CD   sing N N 114 
GLN CG  HG2  sing N N 115 
GLN CG  HG3  sing N N 116 
GLN CD  OE1  doub N N 117 
GLN CD  NE2  sing N N 118 
GLN NE2 HE21 sing N N 119 
GLN NE2 HE22 sing N N 120 
GLN OXT HXT  sing N N 121 
GLU N   CA   sing N N 122 
GLU N   H    sing N N 123 
GLU N   H2   sing N N 124 
GLU CA  C    sing N N 125 
GLU CA  CB   sing N N 126 
GLU CA  HA   sing N N 127 
GLU C   O    doub N N 128 
GLU C   OXT  sing N N 129 
GLU CB  CG   sing N N 130 
GLU CB  HB2  sing N N 131 
GLU CB  HB3  sing N N 132 
GLU CG  CD   sing N N 133 
GLU CG  HG2  sing N N 134 
GLU CG  HG3  sing N N 135 
GLU CD  OE1  doub N N 136 
GLU CD  OE2  sing N N 137 
GLU OE2 HE2  sing N N 138 
GLU OXT HXT  sing N N 139 
GLY N   CA   sing N N 140 
GLY N   H    sing N N 141 
GLY N   H2   sing N N 142 
GLY CA  C    sing N N 143 
GLY CA  HA2  sing N N 144 
GLY CA  HA3  sing N N 145 
GLY C   O    doub N N 146 
GLY C   OXT  sing N N 147 
GLY OXT HXT  sing N N 148 
HIS N   CA   sing N N 149 
HIS N   H    sing N N 150 
HIS N   H2   sing N N 151 
HIS CA  C    sing N N 152 
HIS CA  CB   sing N N 153 
HIS CA  HA   sing N N 154 
HIS C   O    doub N N 155 
HIS C   OXT  sing N N 156 
HIS CB  CG   sing N N 157 
HIS CB  HB2  sing N N 158 
HIS CB  HB3  sing N N 159 
HIS CG  ND1  sing Y N 160 
HIS CG  CD2  doub Y N 161 
HIS ND1 CE1  doub Y N 162 
HIS ND1 HD1  sing N N 163 
HIS CD2 NE2  sing Y N 164 
HIS CD2 HD2  sing N N 165 
HIS CE1 NE2  sing Y N 166 
HIS CE1 HE1  sing N N 167 
HIS NE2 HE2  sing N N 168 
HIS OXT HXT  sing N N 169 
HOH O   H1   sing N N 170 
HOH O   H2   sing N N 171 
ILE N   CA   sing N N 172 
ILE N   H    sing N N 173 
ILE N   H2   sing N N 174 
ILE CA  C    sing N N 175 
ILE CA  CB   sing N N 176 
ILE CA  HA   sing N N 177 
ILE C   O    doub N N 178 
ILE C   OXT  sing N N 179 
ILE CB  CG1  sing N N 180 
ILE CB  CG2  sing N N 181 
ILE CB  HB   sing N N 182 
ILE CG1 CD1  sing N N 183 
ILE CG1 HG12 sing N N 184 
ILE CG1 HG13 sing N N 185 
ILE CG2 HG21 sing N N 186 
ILE CG2 HG22 sing N N 187 
ILE CG2 HG23 sing N N 188 
ILE CD1 HD11 sing N N 189 
ILE CD1 HD12 sing N N 190 
ILE CD1 HD13 sing N N 191 
ILE OXT HXT  sing N N 192 
LEU N   CA   sing N N 193 
LEU N   H    sing N N 194 
LEU N   H2   sing N N 195 
LEU CA  C    sing N N 196 
LEU CA  CB   sing N N 197 
LEU CA  HA   sing N N 198 
LEU C   O    doub N N 199 
LEU C   OXT  sing N N 200 
LEU CB  CG   sing N N 201 
LEU CB  HB2  sing N N 202 
LEU CB  HB3  sing N N 203 
LEU CG  CD1  sing N N 204 
LEU CG  CD2  sing N N 205 
LEU CG  HG   sing N N 206 
LEU CD1 HD11 sing N N 207 
LEU CD1 HD12 sing N N 208 
LEU CD1 HD13 sing N N 209 
LEU CD2 HD21 sing N N 210 
LEU CD2 HD22 sing N N 211 
LEU CD2 HD23 sing N N 212 
LEU OXT HXT  sing N N 213 
LYS N   CA   sing N N 214 
LYS N   H    sing N N 215 
LYS N   H2   sing N N 216 
LYS CA  C    sing N N 217 
LYS CA  CB   sing N N 218 
LYS CA  HA   sing N N 219 
LYS C   O    doub N N 220 
LYS C   OXT  sing N N 221 
LYS CB  CG   sing N N 222 
LYS CB  HB2  sing N N 223 
LYS CB  HB3  sing N N 224 
LYS CG  CD   sing N N 225 
LYS CG  HG2  sing N N 226 
LYS CG  HG3  sing N N 227 
LYS CD  CE   sing N N 228 
LYS CD  HD2  sing N N 229 
LYS CD  HD3  sing N N 230 
LYS CE  NZ   sing N N 231 
LYS CE  HE2  sing N N 232 
LYS CE  HE3  sing N N 233 
LYS NZ  HZ1  sing N N 234 
LYS NZ  HZ2  sing N N 235 
LYS NZ  HZ3  sing N N 236 
LYS OXT HXT  sing N N 237 
MET N   CA   sing N N 238 
MET N   H    sing N N 239 
MET N   H2   sing N N 240 
MET CA  C    sing N N 241 
MET CA  CB   sing N N 242 
MET CA  HA   sing N N 243 
MET C   O    doub N N 244 
MET C   OXT  sing N N 245 
MET CB  CG   sing N N 246 
MET CB  HB2  sing N N 247 
MET CB  HB3  sing N N 248 
MET CG  SD   sing N N 249 
MET CG  HG2  sing N N 250 
MET CG  HG3  sing N N 251 
MET SD  CE   sing N N 252 
MET CE  HE1  sing N N 253 
MET CE  HE2  sing N N 254 
MET CE  HE3  sing N N 255 
MET OXT HXT  sing N N 256 
PHE N   CA   sing N N 257 
PHE N   H    sing N N 258 
PHE N   H2   sing N N 259 
PHE CA  C    sing N N 260 
PHE CA  CB   sing N N 261 
PHE CA  HA   sing N N 262 
PHE C   O    doub N N 263 
PHE C   OXT  sing N N 264 
PHE CB  CG   sing N N 265 
PHE CB  HB2  sing N N 266 
PHE CB  HB3  sing N N 267 
PHE CG  CD1  doub Y N 268 
PHE CG  CD2  sing Y N 269 
PHE CD1 CE1  sing Y N 270 
PHE CD1 HD1  sing N N 271 
PHE CD2 CE2  doub Y N 272 
PHE CD2 HD2  sing N N 273 
PHE CE1 CZ   doub Y N 274 
PHE CE1 HE1  sing N N 275 
PHE CE2 CZ   sing Y N 276 
PHE CE2 HE2  sing N N 277 
PHE CZ  HZ   sing N N 278 
PHE OXT HXT  sing N N 279 
PRO N   CA   sing N N 280 
PRO N   CD   sing N N 281 
PRO N   H    sing N N 282 
PRO CA  C    sing N N 283 
PRO CA  CB   sing N N 284 
PRO CA  HA   sing N N 285 
PRO C   O    doub N N 286 
PRO C   OXT  sing N N 287 
PRO CB  CG   sing N N 288 
PRO CB  HB2  sing N N 289 
PRO CB  HB3  sing N N 290 
PRO CG  CD   sing N N 291 
PRO CG  HG2  sing N N 292 
PRO CG  HG3  sing N N 293 
PRO CD  HD2  sing N N 294 
PRO CD  HD3  sing N N 295 
PRO OXT HXT  sing N N 296 
SER N   CA   sing N N 297 
SER N   H    sing N N 298 
SER N   H2   sing N N 299 
SER CA  C    sing N N 300 
SER CA  CB   sing N N 301 
SER CA  HA   sing N N 302 
SER C   O    doub N N 303 
SER C   OXT  sing N N 304 
SER CB  OG   sing N N 305 
SER CB  HB2  sing N N 306 
SER CB  HB3  sing N N 307 
SER OG  HG   sing N N 308 
SER OXT HXT  sing N N 309 
SO4 S   O1   doub N N 310 
SO4 S   O2   doub N N 311 
SO4 S   O3   sing N N 312 
SO4 S   O4   sing N N 313 
THR N   CA   sing N N 314 
THR N   H    sing N N 315 
THR N   H2   sing N N 316 
THR CA  C    sing N N 317 
THR CA  CB   sing N N 318 
THR CA  HA   sing N N 319 
THR C   O    doub N N 320 
THR C   OXT  sing N N 321 
THR CB  OG1  sing N N 322 
THR CB  CG2  sing N N 323 
THR CB  HB   sing N N 324 
THR OG1 HG1  sing N N 325 
THR CG2 HG21 sing N N 326 
THR CG2 HG22 sing N N 327 
THR CG2 HG23 sing N N 328 
THR OXT HXT  sing N N 329 
TRP N   CA   sing N N 330 
TRP N   H    sing N N 331 
TRP N   H2   sing N N 332 
TRP CA  C    sing N N 333 
TRP CA  CB   sing N N 334 
TRP CA  HA   sing N N 335 
TRP C   O    doub N N 336 
TRP C   OXT  sing N N 337 
TRP CB  CG   sing N N 338 
TRP CB  HB2  sing N N 339 
TRP CB  HB3  sing N N 340 
TRP CG  CD1  doub Y N 341 
TRP CG  CD2  sing Y N 342 
TRP CD1 NE1  sing Y N 343 
TRP CD1 HD1  sing N N 344 
TRP CD2 CE2  doub Y N 345 
TRP CD2 CE3  sing Y N 346 
TRP NE1 CE2  sing Y N 347 
TRP NE1 HE1  sing N N 348 
TRP CE2 CZ2  sing Y N 349 
TRP CE3 CZ3  doub Y N 350 
TRP CE3 HE3  sing N N 351 
TRP CZ2 CH2  doub Y N 352 
TRP CZ2 HZ2  sing N N 353 
TRP CZ3 CH2  sing Y N 354 
TRP CZ3 HZ3  sing N N 355 
TRP CH2 HH2  sing N N 356 
TRP OXT HXT  sing N N 357 
TYR N   CA   sing N N 358 
TYR N   H    sing N N 359 
TYR N   H2   sing N N 360 
TYR CA  C    sing N N 361 
TYR CA  CB   sing N N 362 
TYR CA  HA   sing N N 363 
TYR C   O    doub N N 364 
TYR C   OXT  sing N N 365 
TYR CB  CG   sing N N 366 
TYR CB  HB2  sing N N 367 
TYR CB  HB3  sing N N 368 
TYR CG  CD1  doub Y N 369 
TYR CG  CD2  sing Y N 370 
TYR CD1 CE1  sing Y N 371 
TYR CD1 HD1  sing N N 372 
TYR CD2 CE2  doub Y N 373 
TYR CD2 HD2  sing N N 374 
TYR CE1 CZ   doub Y N 375 
TYR CE1 HE1  sing N N 376 
TYR CE2 CZ   sing Y N 377 
TYR CE2 HE2  sing N N 378 
TYR CZ  OH   sing N N 379 
TYR OH  HH   sing N N 380 
TYR OXT HXT  sing N N 381 
VAL N   CA   sing N N 382 
VAL N   H    sing N N 383 
VAL N   H2   sing N N 384 
VAL CA  C    sing N N 385 
VAL CA  CB   sing N N 386 
VAL CA  HA   sing N N 387 
VAL C   O    doub N N 388 
VAL C   OXT  sing N N 389 
VAL CB  CG1  sing N N 390 
VAL CB  CG2  sing N N 391 
VAL CB  HB   sing N N 392 
VAL CG1 HG11 sing N N 393 
VAL CG1 HG12 sing N N 394 
VAL CG1 HG13 sing N N 395 
VAL CG2 HG21 sing N N 396 
VAL CG2 HG22 sing N N 397 
VAL CG2 HG23 sing N N 398 
VAL OXT HXT  sing N N 399 
# 
loop_
_pdbx_entity_nonpoly.entity_id 
_pdbx_entity_nonpoly.name 
_pdbx_entity_nonpoly.comp_id 
3 'CITRIC ACID' CIT 
4 'SULFATE ION' SO4 
5 water         HOH 
# 
_pdbx_initial_refinement_model.id               1 
_pdbx_initial_refinement_model.entity_id_list   ? 
_pdbx_initial_refinement_model.type             'experimental model' 
_pdbx_initial_refinement_model.source_name      PDB 
_pdbx_initial_refinement_model.accession_code   2VOF 
_pdbx_initial_refinement_model.details          'PDB ENTRY 2VOF' 
# 
